data_7TJ5
#
_entry.id   7TJ5
#
_cell.length_a   1.00
_cell.length_b   1.00
_cell.length_c   1.00
_cell.angle_alpha   90.00
_cell.angle_beta   90.00
_cell.angle_gamma   90.00
#
_symmetry.space_group_name_H-M   'P 1'
#
loop_
_entity.id
_entity.type
_entity.pdbx_description
1 polymer 'Putative transcriptional regulator, Crp/Fnr family'
2 non-polymer "ADENOSINE-3',5'-CYCLIC-MONOPHOSPHATE"
3 non-polymer '(2R)-1-(hexadecanoyloxy)-3-(phosphonooxy)propan-2-yl (9Z)-octadec-9-enoate'
#
_entity_poly.entity_id   1
_entity_poly.type   'polypeptide(L)'
_entity_poly.pdbx_seq_one_letter_code
;MAKDIGINSDPNSSSVDKLMKSSGVSNPTYTLVWKVWILAVTLYYAIRIPLTLVFPSLFSPLLPLDILASLALIADIPLD
LAFESRRTSGRKPTLLAPSRLPDLLAALPLDLLVFALHLPSPLSLLSLVRLLKLISVQRSATRILSYRINPALLRLLSLV
GFILLAAHGIACGWMSLQPPSENPAGTRYLSAFYWTITTLTTIGYGDITPSTPTQTVYTIVIELLGAAMYGLVIGNIASL
VSKLDAAKLLHRERVERVTAFLSYKRISPELQRRIIEYFDYLWETRRGYEEREVLKELPHPLRLAVAMEIHGDVIEKVPL
FKGAGEEFIRDIILHLEPVIYGPGEYIIRAGEMGSDVYFINRGSVEVLSADEKTRYAILSEGQFFGEMALILRAPRTATV
RARAFCDLYRLDKETFDRILSRYPEIAAQIQELAVRRKELESSGLVPRGSVKHHHH
;
_entity_poly.pdbx_strand_id   A,B,C,D
#
loop_
_chem_comp.id
_chem_comp.type
_chem_comp.name
_chem_comp.formula
CMP non-polymer ADENOSINE-3',5'-CYCLIC-MONOPHOSPHATE 'C10 H12 N5 O6 P'
D21 non-polymer '(2R)-1-(hexadecanoyloxy)-3-(phosphonooxy)propan-2-yl (9Z)-octadec-9-enoate' 'C37 H71 O8 P'
#
# COMPACT_ATOMS: atom_id res chain seq x y z
N THR A 29 -14.47 14.48 -33.11
CA THR A 29 -14.66 13.04 -32.91
C THR A 29 -14.26 12.26 -34.16
N TYR A 30 -13.74 12.98 -35.16
CA TYR A 30 -13.28 12.34 -36.39
C TYR A 30 -11.94 11.63 -36.21
N THR A 31 -11.18 11.98 -35.18
CA THR A 31 -9.87 11.35 -34.97
C THR A 31 -9.98 9.93 -34.44
N LEU A 32 -11.11 9.58 -33.80
CA LEU A 32 -11.27 8.22 -33.30
C LEU A 32 -11.37 7.21 -34.44
N VAL A 33 -12.06 7.58 -35.52
CA VAL A 33 -12.15 6.73 -36.70
C VAL A 33 -10.77 6.50 -37.30
N TRP A 34 -9.97 7.56 -37.39
CA TRP A 34 -8.62 7.43 -37.91
C TRP A 34 -7.74 6.56 -37.01
N LYS A 35 -7.89 6.71 -35.68
CA LYS A 35 -7.13 5.88 -34.75
C LYS A 35 -7.51 4.42 -34.88
N VAL A 36 -8.81 4.13 -35.01
CA VAL A 36 -9.27 2.75 -35.17
C VAL A 36 -8.75 2.18 -36.48
N TRP A 37 -8.76 2.99 -37.54
CA TRP A 37 -8.25 2.53 -38.83
C TRP A 37 -6.75 2.24 -38.76
N ILE A 38 -6.00 3.07 -38.04
CA ILE A 38 -4.57 2.85 -37.88
C ILE A 38 -4.32 1.58 -37.08
N LEU A 39 -5.14 1.33 -36.05
CA LEU A 39 -5.03 0.09 -35.29
C LEU A 39 -5.31 -1.12 -36.17
N ALA A 40 -6.32 -1.03 -37.03
CA ALA A 40 -6.63 -2.13 -37.93
C ALA A 40 -5.48 -2.37 -38.91
N VAL A 41 -4.89 -1.30 -39.43
CA VAL A 41 -3.79 -1.43 -40.38
C VAL A 41 -2.57 -2.06 -39.71
N THR A 42 -2.24 -1.63 -38.48
CA THR A 42 -1.08 -2.21 -37.82
C THR A 42 -1.33 -3.65 -37.38
N LEU A 43 -2.58 -4.00 -37.03
CA LEU A 43 -2.86 -5.41 -36.77
C LEU A 43 -2.78 -6.23 -38.04
N TYR A 44 -3.06 -5.60 -39.19
CA TYR A 44 -2.94 -6.29 -40.46
C TYR A 44 -1.48 -6.57 -40.75
N TYR A 45 -0.62 -5.58 -40.57
CA TYR A 45 0.81 -5.81 -40.81
C TYR A 45 1.38 -6.83 -39.83
N ALA A 46 0.92 -6.77 -38.57
CA ALA A 46 1.37 -7.73 -37.54
C ALA A 46 1.02 -9.16 -37.90
N ILE A 47 -0.13 -9.39 -38.52
CA ILE A 47 -0.53 -10.74 -38.89
C ILE A 47 0.09 -11.15 -40.24
N ARG A 48 0.09 -10.29 -41.21
CA ARG A 48 0.54 -10.68 -42.58
C ARG A 48 2.07 -10.76 -42.70
N ILE A 49 2.78 -9.78 -42.15
CA ILE A 49 4.24 -9.76 -42.38
C ILE A 49 4.92 -11.07 -41.98
N PRO A 50 4.80 -11.59 -40.75
CA PRO A 50 5.47 -12.87 -40.47
C PRO A 50 4.90 -14.02 -41.29
N LEU A 51 3.60 -14.00 -41.57
CA LEU A 51 2.97 -15.05 -42.35
C LEU A 51 3.51 -15.10 -43.77
N THR A 52 3.67 -13.94 -44.41
CA THR A 52 4.25 -13.93 -45.75
C THR A 52 5.77 -14.09 -45.72
N LEU A 53 6.40 -13.83 -44.59
CA LEU A 53 7.81 -14.22 -44.44
C LEU A 53 7.95 -15.72 -44.47
N VAL A 54 7.06 -16.44 -43.78
CA VAL A 54 7.08 -17.90 -43.83
C VAL A 54 6.63 -18.40 -45.20
N PHE A 55 5.54 -17.83 -45.72
CA PHE A 55 4.99 -18.24 -47.02
C PHE A 55 5.15 -17.11 -48.02
N PRO A 56 6.16 -17.15 -48.90
CA PRO A 56 6.33 -16.05 -49.87
C PRO A 56 5.28 -16.02 -50.95
N SER A 57 4.40 -17.03 -51.03
CA SER A 57 3.34 -17.02 -52.02
C SER A 57 2.33 -15.91 -51.77
N LEU A 58 2.02 -15.64 -50.50
CA LEU A 58 1.01 -14.65 -50.14
C LEU A 58 1.59 -13.23 -50.20
N PHE A 59 1.80 -12.77 -51.43
CA PHE A 59 2.22 -11.38 -51.66
C PHE A 59 1.51 -10.70 -52.81
N SER A 60 1.06 -11.44 -53.82
CA SER A 60 0.27 -10.88 -54.92
C SER A 60 -1.22 -10.77 -54.59
N PRO A 61 -1.88 -11.79 -54.01
CA PRO A 61 -3.30 -11.63 -53.69
C PRO A 61 -3.60 -10.50 -52.72
N LEU A 62 -2.70 -10.21 -51.79
CA LEU A 62 -2.90 -9.15 -50.81
C LEU A 62 -2.11 -7.89 -51.17
N LEU A 63 -1.69 -7.75 -52.42
CA LEU A 63 -0.97 -6.55 -52.86
C LEU A 63 -1.79 -5.27 -52.74
N PRO A 64 -3.05 -5.19 -53.20
CA PRO A 64 -3.78 -3.91 -53.05
C PRO A 64 -3.98 -3.50 -51.61
N LEU A 65 -4.23 -4.45 -50.71
CA LEU A 65 -4.35 -4.09 -49.30
C LEU A 65 -3.03 -3.57 -48.74
N ASP A 66 -1.92 -4.18 -49.17
CA ASP A 66 -0.60 -3.71 -48.72
C ASP A 66 -0.33 -2.30 -49.21
N ILE A 67 -0.66 -2.00 -50.47
CA ILE A 67 -0.46 -0.67 -51.02
C ILE A 67 -1.33 0.34 -50.28
N LEU A 68 -2.60 0.00 -50.04
CA LEU A 68 -3.50 0.91 -49.35
C LEU A 68 -3.05 1.18 -47.93
N ALA A 69 -2.59 0.14 -47.22
CA ALA A 69 -2.08 0.34 -45.87
C ALA A 69 -0.79 1.15 -45.88
N SER A 70 0.04 0.99 -46.92
CA SER A 70 1.26 1.77 -47.01
C SER A 70 0.96 3.25 -47.21
N LEU A 71 -0.05 3.55 -48.03
CA LEU A 71 -0.48 4.94 -48.19
C LEU A 71 -1.06 5.46 -46.88
N ALA A 72 -1.87 4.65 -46.19
CA ALA A 72 -2.46 5.08 -44.93
C ALA A 72 -1.37 5.44 -43.91
N LEU A 73 -0.33 4.60 -43.82
CA LEU A 73 0.77 4.85 -42.89
C LEU A 73 1.57 6.08 -43.32
N ILE A 74 1.75 6.28 -44.62
CA ILE A 74 2.47 7.45 -45.10
C ILE A 74 1.72 8.73 -44.73
N ALA A 75 0.39 8.72 -44.89
CA ALA A 75 -0.42 9.90 -44.62
C ALA A 75 -0.78 10.06 -43.15
N ASP A 76 -0.53 9.06 -42.31
CA ASP A 76 -0.93 9.15 -40.90
C ASP A 76 -0.19 10.25 -40.16
N ILE A 77 1.13 10.36 -40.36
CA ILE A 77 1.93 11.28 -39.57
C ILE A 77 1.67 12.74 -40.01
N PRO A 78 1.35 13.05 -41.28
CA PRO A 78 0.75 14.37 -41.54
C PRO A 78 -0.49 14.64 -40.70
N LEU A 79 -1.35 13.64 -40.52
CA LEU A 79 -2.54 13.80 -39.72
C LEU A 79 -2.27 13.63 -38.22
N ASP A 80 -1.08 13.11 -37.87
CA ASP A 80 -0.66 13.11 -36.47
C ASP A 80 -0.18 14.50 -36.06
N LEU A 81 0.54 15.20 -36.94
CA LEU A 81 0.97 16.56 -36.62
C LEU A 81 -0.20 17.52 -36.52
N ALA A 82 -1.18 17.39 -37.43
CA ALA A 82 -2.37 18.24 -37.35
C ALA A 82 -3.33 17.71 -36.31
N PHE A 83 -3.89 18.62 -35.51
CA PHE A 83 -4.80 18.29 -34.41
C PHE A 83 -4.15 17.30 -33.44
N GLU A 84 -3.08 17.74 -32.80
CA GLU A 84 -2.34 16.92 -31.85
C GLU A 84 -3.18 16.56 -30.64
N SER A 99 10.79 9.59 -29.23
CA SER A 99 9.34 9.51 -29.05
C SER A 99 8.61 9.68 -30.38
N ARG A 100 9.37 9.92 -31.44
CA ARG A 100 8.80 10.07 -32.77
C ARG A 100 9.44 9.19 -33.83
N LEU A 101 10.64 8.69 -33.56
CA LEU A 101 11.32 7.79 -34.52
C LEU A 101 10.37 6.64 -34.93
N PRO A 102 9.68 5.88 -34.03
CA PRO A 102 8.79 4.80 -34.50
C PRO A 102 7.86 5.18 -35.64
N ASP A 103 7.31 6.39 -35.63
CA ASP A 103 6.43 6.83 -36.72
C ASP A 103 7.18 6.91 -38.04
N LEU A 104 8.39 7.48 -38.03
CA LEU A 104 9.17 7.58 -39.25
C LEU A 104 9.66 6.21 -39.73
N LEU A 105 10.04 5.34 -38.80
CA LEU A 105 10.53 4.02 -39.19
C LEU A 105 9.42 3.14 -39.73
N ALA A 106 8.20 3.26 -39.20
CA ALA A 106 7.07 2.51 -39.74
C ALA A 106 6.44 3.18 -40.95
N ALA A 107 6.72 4.45 -41.19
CA ALA A 107 6.10 5.15 -42.32
C ALA A 107 6.68 4.69 -43.65
N LEU A 108 8.00 4.61 -43.75
CA LEU A 108 8.62 4.26 -45.03
C LEU A 108 8.41 2.77 -45.32
N PRO A 109 8.18 2.40 -46.58
CA PRO A 109 7.94 0.99 -46.92
C PRO A 109 9.22 0.19 -47.12
N LEU A 110 9.77 -0.30 -45.99
CA LEU A 110 10.90 -1.23 -46.08
C LEU A 110 10.46 -2.60 -46.61
N ASP A 111 9.17 -2.92 -46.52
CA ASP A 111 8.60 -4.03 -47.25
C ASP A 111 8.30 -3.57 -48.67
N LEU A 112 7.57 -4.40 -49.44
CA LEU A 112 7.28 -4.22 -50.85
C LEU A 112 8.53 -4.28 -51.73
N LEU A 113 9.71 -4.47 -51.15
CA LEU A 113 10.95 -4.66 -51.89
C LEU A 113 11.63 -5.96 -51.50
N VAL A 114 11.56 -6.37 -50.23
CA VAL A 114 12.09 -7.66 -49.84
C VAL A 114 11.23 -8.80 -50.36
N PHE A 115 9.95 -8.55 -50.61
CA PHE A 115 9.06 -9.53 -51.21
C PHE A 115 8.96 -9.40 -52.73
N ALA A 116 9.50 -8.31 -53.29
CA ALA A 116 9.52 -8.11 -54.73
C ALA A 116 10.83 -8.55 -55.36
N LEU A 117 11.96 -8.20 -54.74
CA LEU A 117 13.27 -8.62 -55.23
C LEU A 117 13.69 -9.99 -54.70
N HIS A 118 12.89 -10.58 -53.80
CA HIS A 118 13.14 -11.92 -53.25
C HIS A 118 14.51 -11.98 -52.56
N LEU A 119 14.65 -11.18 -51.51
CA LEU A 119 15.90 -11.11 -50.80
C LEU A 119 16.13 -12.36 -49.96
N PRO A 120 17.37 -12.64 -49.56
CA PRO A 120 17.65 -13.82 -48.74
C PRO A 120 17.20 -13.62 -47.31
N SER A 121 17.31 -14.68 -46.52
CA SER A 121 16.80 -14.66 -45.15
C SER A 121 17.43 -13.59 -44.27
N PRO A 122 18.74 -13.33 -44.29
CA PRO A 122 19.27 -12.28 -43.38
C PRO A 122 18.68 -10.92 -43.67
N LEU A 123 18.50 -10.58 -44.95
CA LEU A 123 18.04 -9.27 -45.37
C LEU A 123 16.55 -9.25 -45.70
N SER A 124 15.82 -10.30 -45.31
CA SER A 124 14.38 -10.33 -45.49
C SER A 124 13.64 -9.94 -44.23
N LEU A 125 14.34 -9.84 -43.09
CA LEU A 125 13.72 -9.55 -41.82
C LEU A 125 13.66 -8.04 -41.56
N LEU A 126 13.81 -7.23 -42.60
CA LEU A 126 13.74 -5.79 -42.49
C LEU A 126 12.33 -5.28 -42.77
N SER A 127 11.39 -6.19 -42.98
CA SER A 127 9.99 -5.82 -43.18
C SER A 127 9.29 -5.64 -41.84
N LEU A 128 9.90 -6.11 -40.77
CA LEU A 128 9.30 -6.10 -39.45
C LEU A 128 9.54 -4.79 -38.72
N VAL A 129 10.31 -3.87 -39.31
CA VAL A 129 10.47 -2.56 -38.71
C VAL A 129 9.14 -1.82 -38.72
N ARG A 130 8.23 -2.20 -39.61
CA ARG A 130 6.91 -1.60 -39.67
C ARG A 130 6.03 -2.03 -38.52
N LEU A 131 6.51 -2.94 -37.66
CA LEU A 131 5.79 -3.34 -36.47
C LEU A 131 6.16 -2.49 -35.28
N LEU A 132 6.78 -1.34 -35.53
CA LEU A 132 7.08 -0.38 -34.49
C LEU A 132 5.94 0.60 -34.34
N LYS A 133 4.94 0.50 -35.22
CA LYS A 133 3.74 1.31 -35.14
C LYS A 133 2.94 0.96 -33.90
N LEU A 134 3.11 -0.26 -33.39
CA LEU A 134 2.39 -0.70 -32.20
C LEU A 134 2.72 0.17 -30.99
N ILE A 135 3.99 0.61 -30.88
CA ILE A 135 4.38 1.50 -29.80
C ILE A 135 3.57 2.80 -29.82
N SER A 136 3.21 3.26 -31.01
CA SER A 136 2.48 4.51 -31.15
C SER A 136 0.99 4.28 -31.02
N VAL A 137 0.52 3.13 -31.50
CA VAL A 137 -0.89 2.79 -31.35
C VAL A 137 -1.21 2.62 -29.87
N GLN A 138 -0.33 1.94 -29.14
CA GLN A 138 -0.50 1.79 -27.70
C GLN A 138 -0.38 3.12 -26.98
N ARG A 139 0.54 3.99 -27.42
CA ARG A 139 0.65 5.32 -26.79
C ARG A 139 -0.60 6.15 -27.02
N SER A 140 -1.21 6.03 -28.19
CA SER A 140 -2.46 6.73 -28.46
C SER A 140 -3.61 6.13 -27.64
N ALA A 141 -3.66 4.79 -27.56
CA ALA A 141 -4.75 4.13 -26.84
C ALA A 141 -4.68 4.41 -25.34
N THR A 142 -3.47 4.54 -24.78
CA THR A 142 -3.32 4.80 -23.36
C THR A 142 -3.59 6.24 -23.00
N ARG A 143 -3.89 7.10 -23.97
CA ARG A 143 -4.23 8.49 -23.70
C ARG A 143 -5.60 8.88 -24.24
N ILE A 144 -6.21 8.09 -25.11
CA ILE A 144 -7.59 8.32 -25.53
C ILE A 144 -8.55 7.46 -24.72
N LEU A 145 -8.05 6.76 -23.70
CA LEU A 145 -8.86 5.94 -22.82
C LEU A 145 -8.28 5.87 -21.41
N SER A 146 -7.43 6.83 -21.03
CA SER A 146 -6.88 6.87 -19.68
C SER A 146 -7.89 7.26 -18.62
N TYR A 147 -9.06 7.79 -18.99
CA TYR A 147 -10.01 8.22 -17.99
C TYR A 147 -11.22 7.31 -17.87
N ARG A 148 -11.68 6.70 -18.97
CA ARG A 148 -12.86 5.85 -18.91
C ARG A 148 -12.54 4.49 -18.32
N ILE A 149 -11.33 3.99 -18.54
CA ILE A 149 -10.94 2.64 -18.16
C ILE A 149 -9.89 2.71 -17.06
N ASN A 150 -9.95 1.76 -16.13
CA ASN A 150 -8.92 1.64 -15.11
C ASN A 150 -7.57 1.40 -15.79
N PRO A 151 -6.54 2.21 -15.50
CA PRO A 151 -5.25 2.05 -16.20
C PRO A 151 -4.62 0.68 -16.02
N ALA A 152 -4.80 0.03 -14.86
CA ALA A 152 -4.27 -1.33 -14.70
C ALA A 152 -4.94 -2.29 -15.67
N LEU A 153 -6.27 -2.18 -15.82
CA LEU A 153 -6.99 -3.04 -16.76
C LEU A 153 -6.55 -2.77 -18.20
N LEU A 154 -6.32 -1.50 -18.54
CA LEU A 154 -5.85 -1.17 -19.89
C LEU A 154 -4.47 -1.75 -20.14
N ARG A 155 -3.60 -1.67 -19.13
CA ARG A 155 -2.26 -2.24 -19.24
C ARG A 155 -2.33 -3.74 -19.44
N LEU A 156 -3.18 -4.41 -18.66
CA LEU A 156 -3.34 -5.86 -18.78
C LEU A 156 -3.86 -6.25 -20.15
N LEU A 157 -4.85 -5.52 -20.66
CA LEU A 157 -5.40 -5.82 -21.99
C LEU A 157 -4.37 -5.59 -23.09
N SER A 158 -3.61 -4.50 -22.99
CA SER A 158 -2.55 -4.25 -23.98
C SER A 158 -1.48 -5.33 -23.92
N LEU A 159 -1.13 -5.78 -22.72
CA LEU A 159 -0.16 -6.86 -22.58
C LEU A 159 -0.69 -8.17 -23.17
N VAL A 160 -1.98 -8.45 -22.98
CA VAL A 160 -2.57 -9.66 -23.55
C VAL A 160 -2.55 -9.61 -25.08
N GLY A 161 -2.92 -8.46 -25.64
CA GLY A 161 -2.87 -8.32 -27.10
C GLY A 161 -1.46 -8.44 -27.65
N PHE A 162 -0.49 -7.80 -26.99
CA PHE A 162 0.90 -7.93 -27.41
C PHE A 162 1.39 -9.37 -27.30
N ILE A 163 0.94 -10.09 -26.27
CA ILE A 163 1.35 -11.47 -26.08
C ILE A 163 0.77 -12.35 -27.19
N LEU A 164 -0.48 -12.11 -27.57
CA LEU A 164 -1.06 -12.88 -28.67
C LEU A 164 -0.35 -12.60 -29.99
N LEU A 165 -0.04 -11.33 -30.26
CA LEU A 165 0.70 -11.00 -31.48
C LEU A 165 2.10 -11.61 -31.47
N ALA A 166 2.78 -11.55 -30.32
CA ALA A 166 4.09 -12.17 -30.20
C ALA A 166 4.03 -13.68 -30.34
N ALA A 167 2.94 -14.30 -29.87
CA ALA A 167 2.77 -15.74 -30.05
C ALA A 167 2.61 -16.09 -31.52
N HIS A 168 1.86 -15.27 -32.26
CA HIS A 168 1.76 -15.48 -33.71
C HIS A 168 3.12 -15.35 -34.38
N GLY A 169 3.89 -14.33 -34.01
CA GLY A 169 5.21 -14.15 -34.59
C GLY A 169 6.17 -15.27 -34.24
N ILE A 170 6.10 -15.75 -32.99
CA ILE A 170 6.97 -16.83 -32.55
C ILE A 170 6.59 -18.14 -33.24
N ALA A 171 5.30 -18.37 -33.44
CA ALA A 171 4.87 -19.54 -34.20
C ALA A 171 5.38 -19.48 -35.63
N CYS A 172 5.34 -18.30 -36.25
CA CYS A 172 5.89 -18.16 -37.60
C CYS A 172 7.40 -18.42 -37.61
N GLY A 173 8.12 -17.90 -36.62
CA GLY A 173 9.55 -18.16 -36.53
C GLY A 173 9.88 -19.62 -36.32
N TRP A 174 9.05 -20.32 -35.53
CA TRP A 174 9.25 -21.75 -35.32
C TRP A 174 8.96 -22.53 -36.61
N MET A 175 7.93 -22.12 -37.36
CA MET A 175 7.65 -22.76 -38.64
C MET A 175 8.79 -22.56 -39.63
N SER A 176 9.41 -21.38 -39.63
CA SER A 176 10.46 -21.10 -40.61
C SER A 176 11.65 -22.03 -40.42
N LEU A 177 12.09 -22.23 -39.18
CA LEU A 177 13.24 -23.08 -38.88
C LEU A 177 12.86 -24.52 -38.56
N GLN A 178 12.03 -25.10 -39.44
CA GLN A 178 11.61 -26.50 -39.42
C GLN A 178 12.09 -27.21 -40.68
N PRO A 179 12.31 -28.52 -40.62
CA PRO A 179 12.69 -29.27 -41.83
C PRO A 179 11.61 -29.19 -42.90
N PRO A 180 12.00 -29.09 -44.16
CA PRO A 180 11.01 -29.00 -45.25
C PRO A 180 10.26 -30.31 -45.42
N SER A 181 8.94 -30.27 -45.26
CA SER A 181 8.09 -31.42 -45.44
C SER A 181 6.83 -31.01 -46.19
N GLU A 182 6.19 -31.98 -46.84
CA GLU A 182 4.97 -31.73 -47.60
C GLU A 182 3.78 -31.94 -46.66
N ASN A 183 3.37 -30.87 -46.01
CA ASN A 183 2.24 -30.86 -45.11
C ASN A 183 1.37 -29.64 -45.40
N PRO A 184 0.07 -29.73 -45.14
CA PRO A 184 -0.79 -28.54 -45.34
C PRO A 184 -0.37 -27.40 -44.43
N ALA A 185 -0.48 -26.18 -44.98
CA ALA A 185 0.00 -24.99 -44.27
C ALA A 185 -0.77 -24.78 -42.97
N GLY A 186 -2.08 -25.03 -42.99
CA GLY A 186 -2.87 -24.86 -41.78
C GLY A 186 -2.45 -25.80 -40.66
N THR A 187 -2.14 -27.06 -41.00
CA THR A 187 -1.68 -28.00 -39.98
C THR A 187 -0.35 -27.55 -39.38
N ARG A 188 0.55 -27.04 -40.22
CA ARG A 188 1.86 -26.62 -39.74
C ARG A 188 1.77 -25.36 -38.89
N TYR A 189 0.79 -24.50 -39.19
CA TYR A 189 0.57 -23.35 -38.33
C TYR A 189 -0.06 -23.78 -37.02
N LEU A 190 -1.03 -24.70 -37.07
CA LEU A 190 -1.68 -25.11 -35.82
C LEU A 190 -0.71 -25.85 -34.92
N SER A 191 0.32 -26.47 -35.51
CA SER A 191 1.33 -27.14 -34.71
C SER A 191 2.32 -26.13 -34.12
N ALA A 192 2.75 -25.15 -34.91
CA ALA A 192 3.66 -24.15 -34.38
C ALA A 192 2.98 -23.33 -33.30
N PHE A 193 1.71 -22.97 -33.51
CA PHE A 193 0.96 -22.21 -32.51
C PHE A 193 0.72 -23.03 -31.26
N TYR A 194 0.45 -24.34 -31.41
CA TYR A 194 0.32 -25.21 -30.25
C TYR A 194 1.62 -25.27 -29.45
N TRP A 195 2.75 -25.40 -30.14
CA TRP A 195 4.04 -25.43 -29.46
C TRP A 195 4.32 -24.12 -28.72
N THR A 196 4.07 -22.98 -29.38
CA THR A 196 4.39 -21.71 -28.73
C THR A 196 3.43 -21.41 -27.57
N ILE A 197 2.17 -21.81 -27.66
CA ILE A 197 1.26 -21.61 -26.53
C ILE A 197 1.65 -22.53 -25.38
N THR A 198 2.07 -23.76 -25.68
CA THR A 198 2.53 -24.66 -24.63
C THR A 198 3.79 -24.12 -23.95
N THR A 199 4.68 -23.50 -24.72
CA THR A 199 5.91 -22.95 -24.14
C THR A 199 5.65 -21.68 -23.33
N LEU A 200 4.82 -20.77 -23.86
CA LEU A 200 4.63 -19.47 -23.23
C LEU A 200 3.89 -19.59 -21.90
N THR A 201 2.99 -20.56 -21.77
CA THR A 201 2.21 -20.75 -20.56
C THR A 201 2.96 -21.55 -19.50
N THR A 202 4.20 -21.97 -19.77
CA THR A 202 5.02 -22.80 -18.88
C THR A 202 4.34 -24.12 -18.53
N ILE A 203 3.55 -24.64 -19.46
CA ILE A 203 2.92 -25.96 -19.28
C ILE A 203 3.85 -27.08 -19.72
N GLY A 204 4.40 -26.98 -20.93
CA GLY A 204 5.44 -27.88 -21.38
C GLY A 204 5.05 -29.35 -21.46
N TYR A 205 4.14 -29.69 -22.37
CA TYR A 205 3.74 -31.08 -22.56
C TYR A 205 4.93 -31.94 -22.97
N GLY A 206 5.74 -31.45 -23.92
CA GLY A 206 6.91 -32.19 -24.35
C GLY A 206 6.72 -33.04 -25.58
N ASP A 207 5.54 -33.04 -26.19
CA ASP A 207 5.33 -33.83 -27.40
C ASP A 207 6.00 -33.19 -28.62
N ILE A 208 6.12 -31.88 -28.64
CA ILE A 208 6.84 -31.14 -29.67
C ILE A 208 8.07 -30.53 -29.02
N THR A 209 9.26 -30.96 -29.45
CA THR A 209 10.51 -30.55 -28.84
C THR A 209 11.55 -30.24 -29.91
N PRO A 210 12.58 -29.47 -29.57
CA PRO A 210 13.68 -29.22 -30.50
C PRO A 210 14.37 -30.48 -31.00
N SER A 211 14.88 -30.40 -32.24
CA SER A 211 15.58 -31.51 -32.86
C SER A 211 16.95 -31.11 -33.40
N THR A 212 17.19 -29.83 -33.67
CA THR A 212 18.43 -29.30 -34.22
C THR A 212 19.01 -28.26 -33.25
N PRO A 213 20.32 -27.99 -33.32
CA PRO A 213 20.88 -26.95 -32.42
C PRO A 213 20.25 -25.58 -32.59
N THR A 214 19.91 -25.19 -33.82
CA THR A 214 19.22 -23.91 -34.04
C THR A 214 17.84 -23.92 -33.38
N GLN A 215 17.12 -25.04 -33.49
CA GLN A 215 15.85 -25.18 -32.80
C GLN A 215 16.03 -25.06 -31.30
N THR A 216 17.11 -25.64 -30.77
CA THR A 216 17.37 -25.58 -29.33
C THR A 216 17.65 -24.16 -28.87
N VAL A 217 18.46 -23.40 -29.61
CA VAL A 217 18.74 -22.02 -29.25
C VAL A 217 17.47 -21.17 -29.31
N TYR A 218 16.69 -21.35 -30.38
CA TYR A 218 15.42 -20.63 -30.50
C TYR A 218 14.48 -20.96 -29.34
N THR A 219 14.42 -22.24 -28.97
CA THR A 219 13.56 -22.66 -27.87
C THR A 219 14.03 -22.08 -26.54
N ILE A 220 15.34 -22.01 -26.31
CA ILE A 220 15.85 -21.42 -25.09
C ILE A 220 15.43 -19.95 -25.00
N VAL A 221 15.58 -19.23 -26.10
CA VAL A 221 15.18 -17.82 -26.14
C VAL A 221 13.68 -17.69 -25.86
N ILE A 222 12.87 -18.54 -26.52
CA ILE A 222 11.42 -18.46 -26.36
C ILE A 222 11.01 -18.83 -24.94
N GLU A 223 11.70 -19.79 -24.32
CA GLU A 223 11.42 -20.13 -22.93
C GLU A 223 11.69 -18.95 -22.01
N LEU A 224 12.80 -18.24 -22.24
CA LEU A 224 13.10 -17.07 -21.42
C LEU A 224 12.03 -15.99 -21.59
N LEU A 225 11.65 -15.68 -22.83
CA LEU A 225 10.62 -14.66 -23.04
C LEU A 225 9.26 -15.11 -22.50
N GLY A 226 8.96 -16.41 -22.58
CA GLY A 226 7.70 -16.90 -22.03
C GLY A 226 7.65 -16.79 -20.53
N ALA A 227 8.74 -17.11 -19.84
CA ALA A 227 8.80 -16.92 -18.41
C ALA A 227 8.63 -15.45 -18.05
N ALA A 228 9.29 -14.55 -18.79
CA ALA A 228 9.16 -13.13 -18.54
C ALA A 228 7.73 -12.64 -18.75
N MET A 229 7.09 -13.09 -19.83
CA MET A 229 5.74 -12.63 -20.14
C MET A 229 4.72 -13.18 -19.15
N TYR A 230 4.87 -14.44 -18.73
CA TYR A 230 3.98 -14.99 -17.73
C TYR A 230 4.15 -14.29 -16.39
N GLY A 231 5.39 -13.98 -16.01
CA GLY A 231 5.61 -13.19 -14.80
C GLY A 231 4.98 -11.82 -14.88
N LEU A 232 5.07 -11.18 -16.06
CA LEU A 232 4.43 -9.88 -16.26
C LEU A 232 2.92 -9.98 -16.12
N VAL A 233 2.31 -11.03 -16.70
CA VAL A 233 0.87 -11.21 -16.59
C VAL A 233 0.45 -11.42 -15.13
N ILE A 234 1.20 -12.24 -14.41
CA ILE A 234 0.87 -12.50 -13.00
C ILE A 234 1.02 -11.24 -12.17
N GLY A 235 2.06 -10.44 -12.43
CA GLY A 235 2.23 -9.18 -11.72
C GLY A 235 1.11 -8.20 -12.02
N ASN A 236 0.69 -8.11 -13.28
CA ASN A 236 -0.43 -7.24 -13.64
C ASN A 236 -1.70 -7.68 -12.94
N ILE A 237 -1.98 -8.99 -12.90
CA ILE A 237 -3.19 -9.48 -12.25
C ILE A 237 -3.15 -9.20 -10.76
N ALA A 238 -1.99 -9.43 -10.12
CA ALA A 238 -1.88 -9.17 -8.69
C ALA A 238 -2.06 -7.69 -8.37
N SER A 239 -1.50 -6.81 -9.21
CA SER A 239 -1.70 -5.37 -9.02
C SER A 239 -3.16 -4.99 -9.21
N LEU A 240 -3.82 -5.57 -10.21
CA LEU A 240 -5.22 -5.25 -10.44
C LEU A 240 -6.09 -5.70 -9.27
N VAL A 241 -5.76 -6.85 -8.68
CA VAL A 241 -6.61 -7.40 -7.63
C VAL A 241 -6.35 -6.73 -6.28
N SER A 242 -5.12 -6.26 -6.04
CA SER A 242 -4.80 -5.62 -4.76
C SER A 242 -5.61 -4.35 -4.53
N LYS A 243 -5.87 -3.58 -5.58
CA LYS A 243 -6.54 -2.29 -5.47
C LYS A 243 -8.05 -2.37 -5.66
N LEU A 244 -8.65 -3.56 -5.62
CA LEU A 244 -10.07 -3.69 -5.92
C LEU A 244 -10.94 -3.12 -4.79
N ASP A 245 -10.89 -3.71 -3.60
CA ASP A 245 -11.80 -3.34 -2.51
C ASP A 245 -11.05 -2.50 -1.47
N ALA A 246 -10.64 -1.31 -1.91
CA ALA A 246 -9.84 -0.44 -1.03
C ALA A 246 -10.66 0.15 0.11
N ALA A 247 -11.84 0.69 -0.21
CA ALA A 247 -12.67 1.32 0.80
C ALA A 247 -13.20 0.33 1.82
N LYS A 248 -13.62 -0.86 1.36
CA LYS A 248 -14.09 -1.88 2.29
C LYS A 248 -12.99 -2.32 3.24
N LEU A 249 -11.77 -2.48 2.72
CA LEU A 249 -10.65 -2.87 3.58
C LEU A 249 -10.30 -1.77 4.57
N LEU A 250 -10.34 -0.51 4.13
CA LEU A 250 -10.07 0.60 5.04
C LEU A 250 -11.10 0.65 6.16
N HIS A 251 -12.39 0.49 5.82
CA HIS A 251 -13.43 0.49 6.83
C HIS A 251 -13.26 -0.69 7.78
N ARG A 252 -12.93 -1.87 7.24
CA ARG A 252 -12.74 -3.05 8.08
C ARG A 252 -11.58 -2.85 9.05
N GLU A 253 -10.50 -2.20 8.59
CA GLU A 253 -9.36 -1.99 9.48
C GLU A 253 -9.68 -0.96 10.55
N ARG A 254 -10.46 0.06 10.19
CA ARG A 254 -10.89 1.05 11.18
C ARG A 254 -11.76 0.40 12.25
N VAL A 255 -12.72 -0.44 11.83
CA VAL A 255 -13.57 -1.12 12.80
C VAL A 255 -12.76 -2.06 13.68
N GLU A 256 -11.79 -2.77 13.11
CA GLU A 256 -10.96 -3.68 13.91
C GLU A 256 -10.13 -2.92 14.93
N ARG A 257 -9.50 -1.82 14.50
CA ARG A 257 -8.69 -1.02 15.41
C ARG A 257 -9.52 -0.43 16.55
N VAL A 258 -10.70 0.12 16.21
CA VAL A 258 -11.56 0.70 17.24
C VAL A 258 -12.03 -0.39 18.22
N THR A 259 -12.42 -1.56 17.69
CA THR A 259 -12.89 -2.64 18.55
C THR A 259 -11.78 -3.14 19.48
N ALA A 260 -10.55 -3.28 18.94
CA ALA A 260 -9.44 -3.71 19.77
C ALA A 260 -9.11 -2.69 20.85
N PHE A 261 -9.14 -1.40 20.50
CA PHE A 261 -8.85 -0.39 21.51
C PHE A 261 -9.93 -0.37 22.59
N LEU A 262 -11.19 -0.55 22.21
CA LEU A 262 -12.24 -0.60 23.23
C LEU A 262 -12.12 -1.88 24.06
N SER A 263 -11.60 -2.96 23.46
CA SER A 263 -11.37 -4.18 24.21
C SER A 263 -10.32 -3.95 25.29
N TYR A 264 -9.27 -3.18 24.96
CA TYR A 264 -8.24 -2.90 25.95
C TYR A 264 -8.80 -2.10 27.12
N LYS A 265 -9.64 -1.10 26.83
CA LYS A 265 -10.21 -0.21 27.84
C LYS A 265 -11.43 -0.80 28.53
N ARG A 266 -11.75 -2.06 28.27
CA ARG A 266 -12.85 -2.79 28.93
C ARG A 266 -14.15 -1.99 28.88
N ILE A 267 -14.61 -1.74 27.66
CA ILE A 267 -15.87 -1.06 27.39
C ILE A 267 -16.99 -2.10 27.38
N SER A 268 -18.15 -1.72 27.90
CA SER A 268 -19.28 -2.64 28.01
C SER A 268 -19.77 -3.06 26.63
N PRO A 269 -20.31 -4.28 26.50
CA PRO A 269 -20.76 -4.75 25.18
C PRO A 269 -21.84 -3.89 24.54
N GLU A 270 -22.66 -3.19 25.34
CA GLU A 270 -23.71 -2.36 24.76
C GLU A 270 -23.13 -1.20 23.95
N LEU A 271 -22.10 -0.54 24.48
CA LEU A 271 -21.48 0.58 23.76
C LEU A 271 -20.76 0.08 22.52
N GLN A 272 -20.10 -1.08 22.62
CA GLN A 272 -19.45 -1.67 21.45
C GLN A 272 -20.48 -2.02 20.38
N ARG A 273 -21.63 -2.56 20.79
CA ARG A 273 -22.70 -2.88 19.85
C ARG A 273 -23.23 -1.62 19.17
N ARG A 274 -23.39 -0.54 19.93
CA ARG A 274 -23.79 0.75 19.34
C ARG A 274 -22.76 1.26 18.35
N ILE A 275 -21.48 1.13 18.69
CA ILE A 275 -20.45 1.60 17.77
C ILE A 275 -20.45 0.76 16.49
N ILE A 276 -20.61 -0.56 16.62
CA ILE A 276 -20.58 -1.41 15.45
C ILE A 276 -21.78 -1.14 14.55
N GLU A 277 -22.94 -0.85 15.16
CA GLU A 277 -24.13 -0.51 14.38
C GLU A 277 -23.93 0.83 13.67
N TYR A 278 -23.26 1.78 14.33
CA TYR A 278 -22.94 3.06 13.69
C TYR A 278 -22.05 2.83 12.48
N PHE A 279 -20.90 2.18 12.69
CA PHE A 279 -19.96 1.94 11.59
C PHE A 279 -20.64 1.21 10.44
N ASP A 280 -21.51 0.24 10.75
CA ASP A 280 -22.25 -0.45 9.71
C ASP A 280 -23.15 0.50 8.94
N TYR A 281 -23.85 1.41 9.65
CA TYR A 281 -24.71 2.37 8.97
C TYR A 281 -23.89 3.31 8.10
N LEU A 282 -22.68 3.65 8.55
CA LEU A 282 -21.78 4.48 7.76
C LEU A 282 -21.38 3.77 6.47
N TRP A 283 -21.11 2.47 6.56
CA TRP A 283 -20.82 1.72 5.34
C TRP A 283 -22.02 1.66 4.41
N GLU A 284 -23.21 1.36 4.95
CA GLU A 284 -24.39 1.22 4.08
C GLU A 284 -24.89 2.57 3.57
N THR A 285 -24.34 3.69 4.02
CA THR A 285 -24.76 4.99 3.54
C THR A 285 -23.69 5.67 2.69
N ARG A 286 -22.49 5.90 3.21
CA ARG A 286 -21.49 6.67 2.50
C ARG A 286 -20.17 5.90 2.35
N ARG A 287 -20.22 4.57 2.43
CA ARG A 287 -19.06 3.70 2.25
C ARG A 287 -17.94 4.04 3.23
N GLY A 288 -18.31 4.47 4.44
CA GLY A 288 -17.34 4.74 5.48
C GLY A 288 -16.54 6.00 5.32
N TYR A 289 -17.15 7.06 4.78
CA TYR A 289 -16.45 8.30 4.48
C TYR A 289 -16.97 9.43 5.35
N GLU A 290 -16.06 10.17 5.99
CA GLU A 290 -16.44 11.32 6.78
C GLU A 290 -16.64 12.52 5.85
N GLU A 291 -17.67 13.32 6.14
CA GLU A 291 -17.97 14.48 5.32
C GLU A 291 -16.84 15.49 5.31
N ARG A 292 -16.23 15.75 6.47
CA ARG A 292 -15.22 16.81 6.57
C ARG A 292 -13.99 16.55 5.72
N GLU A 293 -13.52 15.31 5.66
CA GLU A 293 -12.34 14.93 4.85
C GLU A 293 -12.64 14.92 3.35
N VAL A 294 -13.87 14.60 2.93
CA VAL A 294 -14.28 14.62 1.49
C VAL A 294 -14.37 16.05 0.96
N LEU A 295 -14.83 16.99 1.75
CA LEU A 295 -15.06 18.37 1.25
C LEU A 295 -13.79 19.21 1.35
N LYS A 296 -12.71 18.69 1.91
CA LYS A 296 -11.41 19.41 1.93
C LYS A 296 -10.66 19.06 0.65
N GLU A 297 -11.30 18.26 -0.21
CA GLU A 297 -10.69 17.86 -1.49
C GLU A 297 -11.22 18.79 -2.57
N LEU A 298 -11.93 19.85 -2.20
CA LEU A 298 -12.54 20.77 -3.19
C LEU A 298 -12.09 22.23 -3.02
N PRO A 299 -11.93 23.09 -4.06
CA PRO A 299 -11.63 24.52 -3.90
C PRO A 299 -12.79 25.27 -3.24
N HIS A 300 -12.48 26.48 -2.79
CA HIS A 300 -13.48 27.29 -2.08
C HIS A 300 -14.76 27.54 -2.86
N PRO A 301 -14.73 27.90 -4.16
CA PRO A 301 -16.02 28.07 -4.87
C PRO A 301 -16.85 26.80 -4.98
N LEU A 302 -16.21 25.66 -5.26
CA LEU A 302 -16.96 24.40 -5.36
C LEU A 302 -17.48 23.97 -4.00
N ARG A 303 -16.68 24.16 -2.95
CA ARG A 303 -17.13 23.85 -1.59
C ARG A 303 -18.33 24.72 -1.21
N LEU A 304 -18.27 26.01 -1.56
CA LEU A 304 -19.39 26.91 -1.28
C LEU A 304 -20.63 26.50 -2.06
N ALA A 305 -20.46 26.10 -3.33
CA ALA A 305 -21.61 25.67 -4.12
C ALA A 305 -22.24 24.41 -3.55
N VAL A 306 -21.42 23.44 -3.14
CA VAL A 306 -21.95 22.22 -2.54
C VAL A 306 -22.68 22.53 -1.23
N ALA A 307 -22.08 23.36 -0.39
CA ALA A 307 -22.71 23.71 0.88
C ALA A 307 -24.02 24.45 0.68
N MET A 308 -24.08 25.36 -0.30
CA MET A 308 -25.32 26.05 -0.60
C MET A 308 -26.38 25.06 -1.09
N GLU A 309 -26.01 24.19 -2.03
CA GLU A 309 -26.99 23.24 -2.56
C GLU A 309 -27.46 22.25 -1.51
N ILE A 310 -26.68 22.04 -0.45
CA ILE A 310 -27.13 21.14 0.61
C ILE A 310 -28.02 21.87 1.61
N HIS A 311 -27.63 23.07 2.04
CA HIS A 311 -28.22 23.70 3.22
C HIS A 311 -29.06 24.94 2.93
N GLY A 312 -29.28 25.32 1.68
CA GLY A 312 -29.89 26.60 1.36
C GLY A 312 -31.29 26.87 1.88
N ASP A 313 -32.27 26.06 1.49
CA ASP A 313 -33.64 26.28 1.96
C ASP A 313 -33.75 26.11 3.47
N VAL A 314 -33.02 25.13 4.02
CA VAL A 314 -33.07 24.85 5.45
C VAL A 314 -32.57 26.06 6.24
N ILE A 315 -31.48 26.68 5.79
CA ILE A 315 -31.00 27.86 6.48
C ILE A 315 -31.96 29.02 6.24
N GLU A 316 -32.27 29.30 4.96
CA GLU A 316 -33.06 30.47 4.60
C GLU A 316 -34.34 30.56 5.41
N LYS A 317 -35.02 29.43 5.64
CA LYS A 317 -36.28 29.43 6.38
C LYS A 317 -36.04 29.36 7.89
N VAL A 318 -35.36 30.36 8.43
CA VAL A 318 -35.15 30.51 9.86
C VAL A 318 -35.67 31.88 10.30
N PRO A 319 -36.48 31.96 11.36
CA PRO A 319 -37.05 33.26 11.76
C PRO A 319 -35.99 34.29 12.08
N LEU A 320 -34.91 33.85 12.75
CA LEU A 320 -33.86 34.75 13.20
C LEU A 320 -33.14 35.41 12.03
N PHE A 321 -32.90 34.66 10.96
CA PHE A 321 -32.08 35.10 9.85
C PHE A 321 -32.89 35.55 8.65
N LYS A 322 -34.13 35.48 8.60
CA LYS A 322 -34.87 35.93 7.40
C LYS A 322 -34.64 37.43 7.22
N GLY A 323 -34.66 37.92 6.08
CA GLY A 323 -34.43 39.30 5.69
C GLY A 323 -32.99 39.75 5.77
N ALA A 324 -32.07 38.85 6.12
CA ALA A 324 -30.64 39.14 6.13
C ALA A 324 -30.01 38.92 4.76
N GLY A 325 -28.77 39.39 4.62
CA GLY A 325 -28.08 39.37 3.36
C GLY A 325 -27.70 37.96 2.93
N GLU A 326 -27.09 37.88 1.75
CA GLU A 326 -26.63 36.61 1.22
C GLU A 326 -25.26 36.23 1.73
N GLU A 327 -24.38 37.20 1.97
CA GLU A 327 -23.05 36.91 2.51
C GLU A 327 -23.12 36.33 3.93
N PHE A 328 -24.02 36.85 4.77
CA PHE A 328 -24.20 36.28 6.11
C PHE A 328 -24.69 34.84 6.01
N ILE A 329 -25.61 34.60 5.08
CA ILE A 329 -26.12 33.25 4.87
C ILE A 329 -24.99 32.34 4.41
N ARG A 330 -24.10 32.86 3.56
CA ARG A 330 -22.97 32.07 3.06
C ARG A 330 -22.03 31.69 4.20
N ASP A 331 -21.80 32.61 5.14
CA ASP A 331 -20.90 32.30 6.26
C ASP A 331 -21.50 31.20 7.13
N ILE A 332 -22.81 31.30 7.41
CA ILE A 332 -23.46 30.23 8.16
C ILE A 332 -23.40 28.93 7.37
N ILE A 333 -23.66 29.00 6.07
CA ILE A 333 -23.73 27.80 5.25
C ILE A 333 -22.34 27.16 5.15
N LEU A 334 -21.30 27.95 5.41
CA LEU A 334 -19.92 27.48 5.43
C LEU A 334 -19.45 27.01 6.80
N HIS A 335 -20.21 27.25 7.86
CA HIS A 335 -19.73 26.91 9.20
C HIS A 335 -20.59 25.85 9.90
N LEU A 336 -21.49 25.19 9.17
CA LEU A 336 -22.31 24.11 9.72
C LEU A 336 -21.51 22.81 9.81
N GLU A 337 -21.50 22.19 11.00
CA GLU A 337 -20.66 21.02 11.19
C GLU A 337 -21.49 19.75 11.20
N PRO A 338 -21.19 18.77 10.34
CA PRO A 338 -21.93 17.50 10.34
C PRO A 338 -21.75 16.69 11.62
N VAL A 339 -22.84 16.09 12.09
CA VAL A 339 -22.80 15.20 13.25
C VAL A 339 -23.91 14.16 13.08
N ILE A 340 -23.55 12.88 13.22
CA ILE A 340 -24.52 11.79 13.12
C ILE A 340 -24.87 11.31 14.52
N TYR A 341 -26.17 11.29 14.83
CA TYR A 341 -26.67 10.78 16.10
C TYR A 341 -27.37 9.44 15.88
N GLY A 342 -27.02 8.46 16.70
CA GLY A 342 -27.61 7.14 16.59
C GLY A 342 -29.02 7.11 17.14
N PRO A 343 -29.71 5.99 16.91
CA PRO A 343 -31.09 5.85 17.40
C PRO A 343 -31.13 5.81 18.92
N GLY A 344 -32.04 6.59 19.50
CA GLY A 344 -32.19 6.65 20.94
C GLY A 344 -31.19 7.53 21.65
N GLU A 345 -30.32 8.21 20.92
CA GLU A 345 -29.30 9.07 21.53
C GLU A 345 -29.89 10.42 21.92
N TYR A 346 -29.28 11.04 22.91
CA TYR A 346 -29.71 12.35 23.40
C TYR A 346 -29.03 13.43 22.55
N ILE A 347 -29.84 14.31 21.99
CA ILE A 347 -29.26 15.46 21.25
C ILE A 347 -29.28 16.63 22.22
N ILE A 348 -30.45 17.05 22.71
CA ILE A 348 -30.57 18.15 23.71
C ILE A 348 -31.27 17.54 24.91
N ARG A 349 -30.76 17.81 26.12
CA ARG A 349 -31.42 17.30 27.34
C ARG A 349 -32.14 18.44 28.05
N ALA A 350 -33.33 18.18 28.57
CA ALA A 350 -34.02 19.22 29.31
C ALA A 350 -33.22 19.69 30.51
N GLY A 351 -33.16 21.01 30.71
CA GLY A 351 -32.53 21.60 31.86
C GLY A 351 -31.05 21.95 31.69
N GLU A 352 -30.41 21.53 30.61
CA GLU A 352 -29.04 21.94 30.40
C GLU A 352 -29.00 23.38 29.89
N MET A 353 -27.84 24.01 30.04
CA MET A 353 -27.64 25.36 29.54
C MET A 353 -27.86 25.42 28.04
N GLY A 354 -26.98 24.80 27.27
CA GLY A 354 -27.13 24.75 25.82
C GLY A 354 -26.52 25.89 25.05
N SER A 355 -25.80 25.56 23.97
CA SER A 355 -25.11 26.59 23.20
C SER A 355 -25.16 26.35 21.70
N ASP A 356 -25.89 25.34 21.22
CA ASP A 356 -25.81 24.95 19.82
C ASP A 356 -27.21 24.91 19.21
N VAL A 357 -27.25 25.05 17.88
CA VAL A 357 -28.45 24.89 17.09
C VAL A 357 -28.24 23.76 16.07
N TYR A 358 -29.31 23.02 15.79
CA TYR A 358 -29.24 21.82 14.97
C TYR A 358 -30.21 21.92 13.80
N PHE A 359 -29.73 21.57 12.61
CA PHE A 359 -30.55 21.51 11.40
C PHE A 359 -30.66 20.06 10.94
N ILE A 360 -31.88 19.57 10.80
CA ILE A 360 -32.11 18.18 10.40
C ILE A 360 -31.91 18.07 8.90
N ASN A 361 -31.10 17.08 8.49
CA ASN A 361 -30.82 16.85 7.07
C ASN A 361 -31.39 15.55 6.55
N ARG A 362 -31.28 14.46 7.31
CA ARG A 362 -31.74 13.15 6.81
C ARG A 362 -32.66 12.42 7.77
N GLY A 363 -32.42 12.52 9.08
CA GLY A 363 -33.11 11.69 10.05
C GLY A 363 -34.42 12.27 10.54
N SER A 364 -34.94 11.67 11.61
CA SER A 364 -36.17 12.09 12.26
C SER A 364 -35.92 12.22 13.76
N VAL A 365 -36.72 13.06 14.41
CA VAL A 365 -36.48 13.46 15.79
C VAL A 365 -37.81 13.50 16.55
N GLU A 366 -37.76 13.21 17.85
CA GLU A 366 -38.91 13.32 18.74
C GLU A 366 -38.63 14.32 19.86
N VAL A 367 -39.43 15.39 19.92
CA VAL A 367 -39.33 16.34 21.02
C VAL A 367 -40.18 15.81 22.17
N LEU A 368 -39.62 15.81 23.37
CA LEU A 368 -40.24 15.16 24.52
C LEU A 368 -40.05 16.03 25.76
N SER A 369 -40.84 15.72 26.78
CA SER A 369 -40.88 16.47 28.03
C SER A 369 -39.66 16.15 28.88
N ALA A 370 -39.54 16.89 30.00
CA ALA A 370 -38.41 16.66 30.91
C ALA A 370 -38.46 15.24 31.46
N ASP A 371 -39.66 14.75 31.76
CA ASP A 371 -39.88 13.41 32.26
C ASP A 371 -40.14 12.42 31.13
N GLU A 372 -40.13 12.90 29.89
CA GLU A 372 -40.28 12.07 28.68
C GLU A 372 -41.60 11.29 28.70
N LYS A 373 -42.68 11.96 29.07
CA LYS A 373 -44.01 11.36 29.06
C LYS A 373 -44.88 11.83 27.90
N THR A 374 -44.69 13.06 27.41
CA THR A 374 -45.53 13.61 26.36
C THR A 374 -44.68 14.01 25.16
N ARG A 375 -45.15 13.64 23.97
CA ARG A 375 -44.44 13.96 22.73
C ARG A 375 -44.95 15.30 22.21
N TYR A 376 -44.12 16.34 22.32
CA TYR A 376 -44.49 17.64 21.75
C TYR A 376 -44.63 17.59 20.24
N ALA A 377 -43.66 17.00 19.55
CA ALA A 377 -43.66 17.04 18.09
C ALA A 377 -42.68 16.02 17.54
N ILE A 378 -42.82 15.77 16.25
CA ILE A 378 -41.91 14.91 15.48
C ILE A 378 -41.35 15.76 14.35
N LEU A 379 -40.03 15.83 14.26
CA LEU A 379 -39.36 16.66 13.27
C LEU A 379 -38.70 15.80 12.20
N SER A 380 -38.85 16.23 10.95
CA SER A 380 -38.35 15.55 9.77
C SER A 380 -37.36 16.45 9.05
N GLU A 381 -37.01 16.07 7.82
CA GLU A 381 -36.09 16.85 6.99
C GLU A 381 -36.61 18.27 6.79
N GLY A 382 -35.67 19.19 6.62
CA GLY A 382 -35.98 20.58 6.33
C GLY A 382 -36.32 21.44 7.52
N GLN A 383 -36.37 20.88 8.71
CA GLN A 383 -36.71 21.62 9.92
C GLN A 383 -35.48 21.72 10.82
N PHE A 384 -35.67 22.35 11.97
CA PHE A 384 -34.58 22.63 12.90
C PHE A 384 -35.13 22.72 14.31
N PHE A 385 -34.21 22.67 15.28
CA PHE A 385 -34.58 22.83 16.68
C PHE A 385 -33.41 23.45 17.42
N GLY A 386 -33.70 24.03 18.58
CA GLY A 386 -32.68 24.73 19.33
C GLY A 386 -32.39 26.12 18.85
N GLU A 387 -33.34 26.75 18.15
CA GLU A 387 -33.10 28.08 17.60
C GLU A 387 -33.05 29.14 18.68
N MET A 388 -33.66 28.89 19.84
CA MET A 388 -33.65 29.85 20.96
C MET A 388 -32.44 29.63 21.85
N ALA A 389 -31.26 29.55 21.23
CA ALA A 389 -29.99 29.49 21.94
C ALA A 389 -28.92 30.39 21.35
N LEU A 390 -29.10 30.89 20.12
CA LEU A 390 -28.16 31.82 19.53
C LEU A 390 -28.45 33.26 19.94
N ILE A 391 -29.55 33.49 20.66
CA ILE A 391 -29.89 34.82 21.13
C ILE A 391 -30.01 34.90 22.65
N LEU A 392 -30.12 33.78 23.35
CA LEU A 392 -30.09 33.76 24.80
C LEU A 392 -29.40 32.49 25.27
N ARG A 393 -28.79 32.55 26.45
CA ARG A 393 -28.05 31.41 26.96
C ARG A 393 -28.85 30.83 28.12
N ALA A 394 -30.16 30.67 27.89
CA ALA A 394 -31.11 30.24 28.90
C ALA A 394 -31.13 28.72 29.01
N PRO A 395 -31.68 28.16 30.10
CA PRO A 395 -31.89 26.70 30.13
C PRO A 395 -32.84 26.24 29.03
N ARG A 396 -32.61 25.02 28.55
CA ARG A 396 -33.34 24.51 27.41
C ARG A 396 -34.79 24.21 27.81
N THR A 397 -35.66 24.11 26.81
CA THR A 397 -37.10 23.99 27.06
C THR A 397 -37.68 22.62 26.75
N ALA A 398 -36.90 21.66 26.27
CA ALA A 398 -37.41 20.31 26.04
C ALA A 398 -36.24 19.37 25.77
N THR A 399 -36.57 18.10 25.63
CA THR A 399 -35.62 17.02 25.41
C THR A 399 -35.76 16.54 23.96
N VAL A 400 -34.64 16.34 23.28
CA VAL A 400 -34.64 15.96 21.87
C VAL A 400 -34.02 14.58 21.75
N ARG A 401 -34.76 13.65 21.13
CA ARG A 401 -34.27 12.28 20.98
C ARG A 401 -34.35 11.88 19.51
N ALA A 402 -33.52 10.92 19.12
CA ALA A 402 -33.43 10.47 17.74
C ALA A 402 -34.17 9.15 17.55
N ARG A 403 -35.04 9.10 16.53
CA ARG A 403 -35.72 7.86 16.18
C ARG A 403 -34.73 6.86 15.56
N ALA A 404 -34.14 7.24 14.44
CA ALA A 404 -33.11 6.48 13.74
C ALA A 404 -31.86 7.35 13.64
N PHE A 405 -30.90 6.89 12.84
CA PHE A 405 -29.71 7.68 12.58
C PHE A 405 -30.11 9.01 11.93
N CYS A 406 -29.57 10.10 12.47
CA CYS A 406 -30.07 11.43 12.13
C CYS A 406 -29.29 12.08 10.99
N ASP A 407 -27.96 12.19 11.13
CA ASP A 407 -27.09 12.85 10.17
C ASP A 407 -27.52 14.31 9.98
N LEU A 408 -27.38 15.06 11.07
CA LEU A 408 -27.83 16.45 11.13
C LEU A 408 -26.63 17.38 11.29
N TYR A 409 -26.84 18.65 10.97
CA TYR A 409 -25.78 19.64 11.05
C TYR A 409 -25.95 20.48 12.32
N ARG A 410 -24.85 21.10 12.76
CA ARG A 410 -24.85 21.83 14.01
C ARG A 410 -24.01 23.09 13.92
N LEU A 411 -24.56 24.20 14.42
CA LEU A 411 -23.83 25.46 14.52
C LEU A 411 -23.72 25.86 15.98
N ASP A 412 -22.49 26.06 16.45
CA ASP A 412 -22.25 26.50 17.81
C ASP A 412 -22.43 28.02 17.93
N LYS A 413 -22.65 28.47 19.17
CA LYS A 413 -22.82 29.90 19.43
C LYS A 413 -21.50 30.67 19.41
N GLU A 414 -20.37 29.97 19.48
CA GLU A 414 -19.08 30.64 19.40
C GLU A 414 -18.77 31.10 17.98
N THR A 415 -18.97 30.21 17.00
CA THR A 415 -18.75 30.61 15.61
C THR A 415 -19.76 31.66 15.17
N PHE A 416 -21.01 31.53 15.64
CA PHE A 416 -22.04 32.51 15.33
C PHE A 416 -21.69 33.88 15.89
N ASP A 417 -21.19 33.94 17.12
CA ASP A 417 -20.78 35.22 17.68
C ASP A 417 -19.53 35.76 16.99
N ARG A 418 -18.66 34.86 16.57
CA ARG A 418 -17.41 35.28 15.91
C ARG A 418 -17.80 35.97 14.62
N ILE A 419 -18.61 35.32 13.82
CA ILE A 419 -18.99 35.86 12.53
C ILE A 419 -19.98 37.01 12.63
N LEU A 420 -20.68 37.17 13.76
CA LEU A 420 -21.62 38.28 13.92
C LEU A 420 -20.92 39.61 14.15
N SER A 421 -19.62 39.60 14.45
CA SER A 421 -18.88 40.83 14.69
C SER A 421 -18.76 41.66 13.41
N ARG A 422 -18.61 41.00 12.26
CA ARG A 422 -18.44 41.67 10.98
C ARG A 422 -19.76 42.00 10.27
N TYR A 423 -20.90 41.73 10.89
CA TYR A 423 -22.22 42.08 10.35
C TYR A 423 -23.02 42.69 11.48
N PRO A 424 -22.72 43.95 11.85
CA PRO A 424 -23.36 44.53 13.04
C PRO A 424 -24.86 44.72 12.92
N GLU A 425 -25.40 44.92 11.72
CA GLU A 425 -26.84 45.16 11.59
C GLU A 425 -27.62 43.97 12.15
N ILE A 426 -27.20 42.76 11.76
CA ILE A 426 -27.88 41.56 12.25
C ILE A 426 -27.62 41.45 13.74
N ALA A 427 -26.42 41.84 14.19
CA ALA A 427 -26.08 41.71 15.59
C ALA A 427 -27.05 42.55 16.42
N ALA A 428 -27.37 43.75 15.92
CA ALA A 428 -28.32 44.63 16.59
C ALA A 428 -29.69 43.99 16.65
N GLN A 429 -30.12 43.38 15.53
CA GLN A 429 -31.42 42.71 15.50
C GLN A 429 -31.47 41.56 16.50
N ILE A 430 -30.36 40.82 16.62
CA ILE A 430 -30.26 39.74 17.60
C ILE A 430 -30.29 40.29 19.01
N GLN A 431 -29.58 41.38 19.27
CA GLN A 431 -29.52 41.93 20.63
C GLN A 431 -30.89 42.45 21.06
N GLU A 432 -31.61 43.11 20.15
CA GLU A 432 -32.96 43.56 20.46
C GLU A 432 -33.88 42.36 20.67
N LEU A 433 -33.69 41.29 19.89
CA LEU A 433 -34.49 40.09 20.05
C LEU A 433 -34.27 39.48 21.43
N ALA A 434 -33.04 39.54 21.94
CA ALA A 434 -32.72 39.04 23.27
C ALA A 434 -33.35 39.92 24.35
N THR B 29 -35.01 -14.71 8.80
CA THR B 29 -33.93 -15.69 8.64
C THR B 29 -34.37 -16.83 7.73
N TYR B 30 -35.59 -16.72 7.19
CA TYR B 30 -36.09 -17.73 6.26
C TYR B 30 -35.48 -17.62 4.87
N THR B 31 -34.88 -16.47 4.53
CA THR B 31 -34.29 -16.32 3.21
C THR B 31 -32.96 -17.06 3.07
N LEU B 32 -32.27 -17.35 4.18
CA LEU B 32 -31.02 -18.09 4.10
C LEU B 32 -31.25 -19.52 3.62
N VAL B 33 -32.34 -20.15 4.08
CA VAL B 33 -32.68 -21.49 3.62
C VAL B 33 -32.95 -21.49 2.12
N TRP B 34 -33.69 -20.49 1.64
CA TRP B 34 -33.97 -20.38 0.22
C TRP B 34 -32.68 -20.15 -0.59
N LYS B 35 -31.79 -19.31 -0.06
CA LYS B 35 -30.52 -19.07 -0.76
C LYS B 35 -29.67 -20.33 -0.83
N VAL B 36 -29.62 -21.10 0.26
CA VAL B 36 -28.87 -22.35 0.28
C VAL B 36 -29.49 -23.35 -0.70
N TRP B 37 -30.81 -23.40 -0.76
CA TRP B 37 -31.50 -24.29 -1.69
C TRP B 37 -31.22 -23.90 -3.13
N ILE B 38 -31.19 -22.59 -3.42
CA ILE B 38 -30.88 -22.13 -4.77
C ILE B 38 -29.43 -22.47 -5.13
N LEU B 39 -28.52 -22.33 -4.17
CA LEU B 39 -27.13 -22.73 -4.40
C LEU B 39 -27.03 -24.22 -4.70
N ALA B 40 -27.77 -25.05 -3.96
CA ALA B 40 -27.75 -26.49 -4.21
C ALA B 40 -28.31 -26.80 -5.60
N VAL B 41 -29.39 -26.12 -5.99
CA VAL B 41 -30.00 -26.35 -7.30
C VAL B 41 -29.05 -25.96 -8.42
N THR B 42 -28.38 -24.80 -8.29
CA THR B 42 -27.48 -24.39 -9.35
C THR B 42 -26.21 -25.25 -9.39
N LEU B 43 -25.75 -25.77 -8.24
CA LEU B 43 -24.65 -26.72 -8.28
C LEU B 43 -25.09 -28.03 -8.92
N TYR B 44 -26.37 -28.36 -8.80
CA TYR B 44 -26.90 -29.57 -9.42
C TYR B 44 -26.91 -29.39 -10.92
N TYR B 45 -27.38 -28.25 -11.41
CA TYR B 45 -27.38 -28.02 -12.85
C TYR B 45 -25.95 -27.95 -13.39
N ALA B 46 -25.04 -27.34 -12.63
CA ALA B 46 -23.64 -27.25 -13.04
C ALA B 46 -22.99 -28.62 -13.19
N ILE B 47 -23.34 -29.57 -12.34
CA ILE B 47 -22.77 -30.92 -12.44
C ILE B 47 -23.52 -31.76 -13.48
N ARG B 48 -24.81 -31.73 -13.51
CA ARG B 48 -25.60 -32.64 -14.38
C ARG B 48 -25.59 -32.21 -15.84
N ILE B 49 -25.80 -30.90 -16.10
CA ILE B 49 -25.93 -30.49 -17.50
C ILE B 49 -24.77 -30.94 -18.38
N PRO B 50 -23.49 -30.62 -18.11
CA PRO B 50 -22.43 -31.12 -18.99
C PRO B 50 -22.33 -32.64 -18.99
N LEU B 51 -22.60 -33.27 -17.84
CA LEU B 51 -22.53 -34.73 -17.75
C LEU B 51 -23.56 -35.40 -18.63
N THR B 52 -24.80 -34.88 -18.65
CA THR B 52 -25.81 -35.45 -19.52
C THR B 52 -25.65 -34.99 -20.96
N LEU B 53 -24.93 -33.89 -21.20
CA LEU B 53 -24.54 -33.55 -22.55
C LEU B 53 -23.57 -34.59 -23.11
N VAL B 54 -22.62 -35.03 -22.29
CA VAL B 54 -21.71 -36.09 -22.73
C VAL B 54 -22.45 -37.43 -22.80
N PHE B 55 -23.25 -37.74 -21.78
CA PHE B 55 -23.98 -39.00 -21.70
C PHE B 55 -25.47 -38.73 -21.82
N PRO B 56 -26.10 -38.90 -22.99
CA PRO B 56 -27.53 -38.62 -23.10
C PRO B 56 -28.41 -39.63 -22.40
N SER B 57 -27.85 -40.73 -21.88
CA SER B 57 -28.63 -41.71 -21.16
C SER B 57 -29.18 -41.14 -19.85
N LEU B 58 -28.40 -40.31 -19.16
CA LEU B 58 -28.79 -39.77 -17.86
C LEU B 58 -29.74 -38.59 -18.04
N PHE B 59 -30.97 -38.90 -18.42
CA PHE B 59 -32.02 -37.89 -18.50
C PHE B 59 -33.36 -38.35 -17.95
N SER B 60 -33.67 -39.64 -18.00
CA SER B 60 -34.89 -40.19 -17.40
C SER B 60 -34.75 -40.47 -15.91
N PRO B 61 -33.66 -41.10 -15.43
CA PRO B 61 -33.57 -41.33 -13.98
C PRO B 61 -33.56 -40.06 -13.14
N LEU B 62 -33.01 -38.97 -13.66
CA LEU B 62 -32.96 -37.70 -12.93
C LEU B 62 -34.02 -36.72 -13.41
N LEU B 63 -35.06 -37.20 -14.09
CA LEU B 63 -36.14 -36.34 -14.55
C LEU B 63 -36.90 -35.66 -13.42
N PRO B 64 -37.34 -36.35 -12.34
CA PRO B 64 -38.07 -35.62 -11.28
C PRO B 64 -37.24 -34.54 -10.61
N LEU B 65 -35.95 -34.79 -10.40
CA LEU B 65 -35.10 -33.74 -9.82
C LEU B 65 -34.98 -32.55 -10.76
N ASP B 66 -34.88 -32.81 -12.07
CA ASP B 66 -34.81 -31.73 -13.04
C ASP B 66 -36.09 -30.91 -13.04
N ILE B 67 -37.25 -31.56 -12.98
CA ILE B 67 -38.52 -30.86 -12.95
C ILE B 67 -38.63 -30.02 -11.68
N LEU B 68 -38.26 -30.61 -10.54
CA LEU B 68 -38.35 -29.89 -9.27
C LEU B 68 -37.42 -28.68 -9.25
N ALA B 69 -36.20 -28.83 -9.77
CA ALA B 69 -35.29 -27.70 -9.83
C ALA B 69 -35.79 -26.64 -10.82
N SER B 70 -36.45 -27.06 -11.90
CA SER B 70 -37.00 -26.10 -12.84
C SER B 70 -38.10 -25.28 -12.21
N LEU B 71 -38.95 -25.93 -11.41
CA LEU B 71 -39.97 -25.19 -10.68
C LEU B 71 -39.33 -24.26 -9.66
N ALA B 72 -38.31 -24.73 -8.95
CA ALA B 72 -37.64 -23.90 -7.96
C ALA B 72 -37.06 -22.64 -8.59
N LEU B 73 -36.43 -22.80 -9.76
CA LEU B 73 -35.85 -21.65 -10.48
C LEU B 73 -36.94 -20.73 -11.00
N ILE B 74 -38.08 -21.28 -11.45
CA ILE B 74 -39.16 -20.46 -11.93
C ILE B 74 -39.73 -19.61 -10.79
N ALA B 75 -39.89 -20.21 -9.61
CA ALA B 75 -40.45 -19.52 -8.46
C ALA B 75 -39.45 -18.66 -7.71
N ASP B 76 -38.16 -18.79 -7.98
CA ASP B 76 -37.16 -18.04 -7.22
C ASP B 76 -37.28 -16.54 -7.42
N ILE B 77 -37.47 -16.10 -8.66
CA ILE B 77 -37.44 -14.66 -8.95
C ILE B 77 -38.71 -13.98 -8.43
N PRO B 78 -39.90 -14.62 -8.37
CA PRO B 78 -40.97 -14.06 -7.53
C PRO B 78 -40.54 -13.84 -6.10
N LEU B 79 -39.77 -14.77 -5.53
CA LEU B 79 -39.28 -14.63 -4.16
C LEU B 79 -38.04 -13.75 -4.07
N ASP B 80 -37.39 -13.48 -5.21
CA ASP B 80 -36.33 -12.49 -5.24
C ASP B 80 -36.88 -11.08 -5.20
N LEU B 81 -37.99 -10.83 -5.91
CA LEU B 81 -38.61 -9.52 -5.86
C LEU B 81 -39.19 -9.20 -4.48
N ALA B 82 -39.83 -10.19 -3.86
CA ALA B 82 -40.35 -9.99 -2.51
C ALA B 82 -39.23 -10.11 -1.48
N PHE B 83 -39.23 -9.20 -0.51
CA PHE B 83 -38.20 -9.12 0.53
C PHE B 83 -36.80 -9.02 -0.08
N GLU B 84 -36.58 -7.92 -0.79
CA GLU B 84 -35.30 -7.68 -1.45
C GLU B 84 -34.16 -7.54 -0.45
N SER B 99 -28.21 -6.44 -14.91
CA SER B 99 -28.06 -6.93 -13.55
C SER B 99 -29.20 -7.87 -13.17
N ARG B 100 -30.15 -8.04 -14.08
CA ARG B 100 -31.29 -8.92 -13.87
C ARG B 100 -31.51 -9.94 -14.97
N LEU B 101 -30.94 -9.69 -16.15
CA LEU B 101 -31.08 -10.66 -17.28
C LEU B 101 -30.67 -12.06 -16.80
N PRO B 102 -29.51 -12.34 -16.14
CA PRO B 102 -29.20 -13.72 -15.73
C PRO B 102 -30.35 -14.48 -15.07
N ASP B 103 -31.13 -13.80 -14.22
CA ASP B 103 -32.26 -14.48 -13.58
C ASP B 103 -33.30 -14.91 -14.60
N LEU B 104 -33.62 -14.05 -15.56
CA LEU B 104 -34.61 -14.40 -16.58
C LEU B 104 -34.07 -15.48 -17.51
N LEU B 105 -32.79 -15.41 -17.86
CA LEU B 105 -32.23 -16.40 -18.78
C LEU B 105 -32.10 -17.77 -18.13
N ALA B 106 -31.81 -17.82 -16.83
CA ALA B 106 -31.76 -19.10 -16.14
C ALA B 106 -33.13 -19.58 -15.68
N ALA B 107 -34.13 -18.70 -15.65
CA ALA B 107 -35.46 -19.10 -15.19
C ALA B 107 -36.17 -20.00 -16.20
N LEU B 108 -36.15 -19.62 -17.47
CA LEU B 108 -36.88 -20.39 -18.47
C LEU B 108 -36.16 -21.70 -18.76
N PRO B 109 -36.88 -22.80 -18.97
CA PRO B 109 -36.24 -24.10 -19.22
C PRO B 109 -35.84 -24.31 -20.67
N LEU B 110 -34.65 -23.80 -21.02
CA LEU B 110 -34.09 -24.09 -22.34
C LEU B 110 -33.62 -25.53 -22.44
N ASP B 111 -33.38 -26.19 -21.30
CA ASP B 111 -33.23 -27.64 -21.27
C ASP B 111 -34.62 -28.26 -21.24
N LEU B 112 -34.69 -29.57 -21.00
CA LEU B 112 -35.90 -30.40 -21.05
C LEU B 112 -36.49 -30.50 -22.44
N LEU B 113 -35.90 -29.84 -23.43
CA LEU B 113 -36.30 -29.94 -24.83
C LEU B 113 -35.15 -30.40 -25.72
N VAL B 114 -33.92 -29.96 -25.42
CA VAL B 114 -32.77 -30.45 -26.17
C VAL B 114 -32.45 -31.89 -25.81
N PHE B 115 -32.85 -32.34 -24.62
CA PHE B 115 -32.69 -33.73 -24.21
C PHE B 115 -33.93 -34.57 -24.49
N ALA B 116 -35.06 -33.93 -24.84
CA ALA B 116 -36.29 -34.63 -25.19
C ALA B 116 -36.45 -34.82 -26.69
N LEU B 117 -36.17 -33.79 -27.48
CA LEU B 117 -36.23 -33.87 -28.92
C LEU B 117 -34.93 -34.39 -29.54
N HIS B 118 -33.89 -34.58 -28.73
CA HIS B 118 -32.60 -35.11 -29.17
C HIS B 118 -32.00 -34.25 -30.28
N LEU B 119 -31.70 -33.00 -29.92
CA LEU B 119 -31.18 -32.05 -30.88
C LEU B 119 -29.71 -32.37 -31.21
N PRO B 120 -29.21 -31.87 -32.33
CA PRO B 120 -27.81 -32.13 -32.70
C PRO B 120 -26.86 -31.28 -31.86
N SER B 121 -25.56 -31.55 -32.04
CA SER B 121 -24.55 -30.92 -31.20
C SER B 121 -24.56 -29.39 -31.26
N PRO B 122 -24.70 -28.72 -32.42
CA PRO B 122 -24.67 -27.24 -32.38
C PRO B 122 -25.79 -26.66 -31.54
N LEU B 123 -26.98 -27.24 -31.62
CA LEU B 123 -28.16 -26.73 -30.95
C LEU B 123 -28.46 -27.47 -29.65
N SER B 124 -27.51 -28.27 -29.15
CA SER B 124 -27.66 -28.93 -27.87
C SER B 124 -26.98 -28.18 -26.75
N LEU B 125 -26.16 -27.18 -27.08
CA LEU B 125 -25.38 -26.43 -26.09
C LEU B 125 -26.16 -25.24 -25.57
N LEU B 126 -27.48 -25.22 -25.75
CA LEU B 126 -28.33 -24.16 -25.26
C LEU B 126 -28.91 -24.48 -23.91
N SER B 127 -28.51 -25.61 -23.32
CA SER B 127 -28.94 -25.98 -21.98
C SER B 127 -28.05 -25.33 -20.93
N LEU B 128 -26.90 -24.80 -21.34
CA LEU B 128 -25.91 -24.24 -20.44
C LEU B 128 -26.21 -22.78 -20.12
N VAL B 129 -27.22 -22.19 -20.74
CA VAL B 129 -27.63 -20.84 -20.38
C VAL B 129 -28.14 -20.81 -18.95
N ARG B 130 -28.59 -21.96 -18.44
CA ARG B 130 -29.07 -22.06 -17.07
C ARG B 130 -27.93 -22.02 -16.06
N LEU B 131 -26.68 -21.97 -16.53
CA LEU B 131 -25.52 -21.83 -15.67
C LEU B 131 -25.15 -20.38 -15.47
N LEU B 132 -26.06 -19.47 -15.80
CA LEU B 132 -25.90 -18.05 -15.55
C LEU B 132 -26.43 -17.69 -14.18
N LYS B 133 -27.08 -18.66 -13.51
CA LYS B 133 -27.57 -18.48 -12.16
C LYS B 133 -26.41 -18.30 -11.19
N LEU B 134 -25.23 -18.81 -11.55
CA LEU B 134 -24.06 -18.68 -10.68
C LEU B 134 -23.70 -17.23 -10.45
N ILE B 135 -23.86 -16.37 -11.47
CA ILE B 135 -23.59 -14.94 -11.30
C ILE B 135 -24.47 -14.35 -10.21
N SER B 136 -25.69 -14.86 -10.07
CA SER B 136 -26.62 -14.31 -9.09
C SER B 136 -26.40 -14.96 -7.74
N VAL B 137 -26.05 -16.25 -7.74
CA VAL B 137 -25.75 -16.93 -6.48
C VAL B 137 -24.53 -16.30 -5.84
N GLN B 138 -23.50 -16.01 -6.66
CA GLN B 138 -22.31 -15.34 -6.17
C GLN B 138 -22.62 -13.92 -5.72
N ARG B 139 -23.49 -13.20 -6.45
CA ARG B 139 -23.87 -11.85 -6.04
C ARG B 139 -24.61 -11.86 -4.72
N SER B 140 -25.45 -12.87 -4.49
CA SER B 140 -26.13 -12.99 -3.20
C SER B 140 -25.16 -13.37 -2.10
N ALA B 141 -24.23 -14.29 -2.37
CA ALA B 141 -23.28 -14.74 -1.37
C ALA B 141 -22.32 -13.64 -0.97
N THR B 142 -21.94 -12.77 -1.90
CA THR B 142 -21.02 -11.69 -1.60
C THR B 142 -21.68 -10.53 -0.87
N ARG B 143 -22.99 -10.62 -0.61
CA ARG B 143 -23.69 -9.59 0.16
C ARG B 143 -24.38 -10.13 1.40
N ILE B 144 -24.56 -11.46 1.51
CA ILE B 144 -25.07 -12.05 2.74
C ILE B 144 -23.92 -12.55 3.61
N LEU B 145 -22.67 -12.25 3.21
CA LEU B 145 -21.49 -12.62 3.99
C LEU B 145 -20.36 -11.62 3.79
N SER B 146 -20.66 -10.39 3.36
CA SER B 146 -19.64 -9.35 3.22
C SER B 146 -19.11 -8.83 4.54
N TYR B 147 -19.77 -9.10 5.66
CA TYR B 147 -19.31 -8.57 6.93
C TYR B 147 -18.66 -9.60 7.84
N ARG B 148 -19.12 -10.86 7.80
CA ARG B 148 -18.56 -11.87 8.69
C ARG B 148 -17.21 -12.37 8.17
N ILE B 149 -17.03 -12.42 6.85
CA ILE B 149 -15.86 -13.01 6.23
C ILE B 149 -15.05 -11.90 5.57
N ASN B 150 -13.72 -12.06 5.61
CA ASN B 150 -12.83 -11.16 4.89
C ASN B 150 -13.17 -11.23 3.40
N PRO B 151 -13.43 -10.09 2.74
CA PRO B 151 -13.83 -10.14 1.32
C PRO B 151 -12.79 -10.77 0.41
N ALA B 152 -11.50 -10.61 0.69
CA ALA B 152 -10.49 -11.30 -0.12
C ALA B 152 -10.61 -12.81 0.00
N LEU B 153 -10.84 -13.31 1.22
CA LEU B 153 -11.02 -14.75 1.39
C LEU B 153 -12.28 -15.25 0.69
N LEU B 154 -13.36 -14.45 0.73
CA LEU B 154 -14.58 -14.84 0.04
C LEU B 154 -14.37 -14.88 -1.45
N ARG B 155 -13.62 -13.91 -1.99
CA ARG B 155 -13.31 -13.88 -3.41
C ARG B 155 -12.48 -15.09 -3.80
N LEU B 156 -11.48 -15.43 -2.99
CA LEU B 156 -10.64 -16.59 -3.27
C LEU B 156 -11.45 -17.88 -3.25
N LEU B 157 -12.35 -18.03 -2.27
CA LEU B 157 -13.17 -19.23 -2.19
C LEU B 157 -14.12 -19.34 -3.37
N SER B 158 -14.75 -18.21 -3.76
CA SER B 158 -15.62 -18.22 -4.92
C SER B 158 -14.85 -18.56 -6.19
N LEU B 159 -13.64 -18.04 -6.32
CA LEU B 159 -12.81 -18.37 -7.48
C LEU B 159 -12.44 -19.84 -7.50
N VAL B 160 -12.14 -20.41 -6.33
CA VAL B 160 -11.82 -21.84 -6.26
C VAL B 160 -13.01 -22.70 -6.66
N GLY B 161 -14.20 -22.35 -6.16
CA GLY B 161 -15.39 -23.09 -6.54
C GLY B 161 -15.71 -22.98 -8.02
N PHE B 162 -15.58 -21.77 -8.58
CA PHE B 162 -15.79 -21.58 -10.00
C PHE B 162 -14.75 -22.36 -10.82
N ILE B 163 -13.51 -22.43 -10.34
CA ILE B 163 -12.46 -23.16 -11.04
C ILE B 163 -12.76 -24.66 -11.02
N LEU B 164 -13.24 -25.18 -9.91
CA LEU B 164 -13.60 -26.61 -9.86
C LEU B 164 -14.77 -26.91 -10.79
N LEU B 165 -15.79 -26.05 -10.80
CA LEU B 165 -16.92 -26.26 -11.71
C LEU B 165 -16.47 -26.17 -13.17
N ALA B 166 -15.61 -25.19 -13.49
CA ALA B 166 -15.09 -25.05 -14.84
C ALA B 166 -14.22 -26.24 -15.22
N ALA B 167 -13.49 -26.82 -14.27
CA ALA B 167 -12.70 -28.02 -14.55
C ALA B 167 -13.61 -29.20 -14.88
N HIS B 168 -14.72 -29.34 -14.15
CA HIS B 168 -15.68 -30.38 -14.49
C HIS B 168 -16.25 -30.17 -15.90
N GLY B 169 -16.61 -28.93 -16.22
CA GLY B 169 -17.12 -28.66 -17.56
C GLY B 169 -16.10 -28.89 -18.66
N ILE B 170 -14.86 -28.51 -18.40
CA ILE B 170 -13.79 -28.70 -19.38
C ILE B 170 -13.49 -30.18 -19.57
N ALA B 171 -13.53 -30.96 -18.49
CA ALA B 171 -13.37 -32.40 -18.61
C ALA B 171 -14.49 -33.02 -19.43
N CYS B 172 -15.72 -32.55 -19.24
CA CYS B 172 -16.82 -33.03 -20.06
C CYS B 172 -16.61 -32.67 -21.53
N GLY B 173 -16.17 -31.44 -21.79
CA GLY B 173 -15.90 -31.04 -23.17
C GLY B 173 -14.79 -31.83 -23.82
N TRP B 174 -13.76 -32.17 -23.03
CA TRP B 174 -12.67 -33.01 -23.55
C TRP B 174 -13.16 -34.42 -23.82
N MET B 175 -14.03 -34.96 -22.97
CA MET B 175 -14.60 -36.29 -23.21
C MET B 175 -15.45 -36.30 -24.47
N SER B 176 -16.19 -35.23 -24.72
CA SER B 176 -17.09 -35.20 -25.88
C SER B 176 -16.32 -35.31 -27.19
N LEU B 177 -15.23 -34.56 -27.31
CA LEU B 177 -14.43 -34.56 -28.54
C LEU B 177 -13.26 -35.54 -28.49
N GLN B 178 -13.57 -36.79 -28.11
CA GLN B 178 -12.68 -37.93 -28.08
C GLN B 178 -13.17 -39.00 -29.06
N PRO B 179 -12.27 -39.82 -29.59
CA PRO B 179 -12.69 -40.93 -30.47
C PRO B 179 -13.59 -41.91 -29.72
N PRO B 180 -14.62 -42.44 -30.38
CA PRO B 180 -15.53 -43.39 -29.73
C PRO B 180 -14.83 -44.71 -29.43
N SER B 181 -14.77 -45.07 -28.16
CA SER B 181 -14.19 -46.33 -27.73
C SER B 181 -15.06 -46.95 -26.65
N GLU B 182 -14.94 -48.26 -26.49
CA GLU B 182 -15.71 -48.99 -25.49
C GLU B 182 -14.91 -49.04 -24.20
N ASN B 183 -15.10 -48.03 -23.36
CA ASN B 183 -14.46 -47.92 -22.06
C ASN B 183 -15.48 -47.54 -21.02
N PRO B 184 -15.27 -47.95 -19.75
CA PRO B 184 -16.20 -47.54 -18.69
C PRO B 184 -16.24 -46.03 -18.55
N ALA B 185 -17.44 -45.52 -18.25
CA ALA B 185 -17.65 -44.08 -18.19
C ALA B 185 -16.82 -43.44 -17.09
N GLY B 186 -16.71 -44.12 -15.94
CA GLY B 186 -15.91 -43.59 -14.85
C GLY B 186 -14.44 -43.44 -15.20
N THR B 187 -13.88 -44.42 -15.91
CA THR B 187 -12.48 -44.30 -16.32
C THR B 187 -12.28 -43.15 -17.28
N ARG B 188 -13.23 -42.93 -18.19
CA ARG B 188 -13.10 -41.86 -19.17
C ARG B 188 -13.26 -40.50 -18.52
N TYR B 189 -14.08 -40.42 -17.47
CA TYR B 189 -14.18 -39.18 -16.72
C TYR B 189 -12.90 -38.95 -15.91
N LEU B 190 -12.38 -39.99 -15.28
CA LEU B 190 -11.18 -39.80 -14.46
C LEU B 190 -9.99 -39.42 -15.33
N SER B 191 -10.01 -39.83 -16.60
CA SER B 191 -8.94 -39.46 -17.51
C SER B 191 -9.11 -38.03 -18.00
N ALA B 192 -10.34 -37.63 -18.33
CA ALA B 192 -10.55 -36.25 -18.78
C ALA B 192 -10.28 -35.28 -17.64
N PHE B 193 -10.71 -35.62 -16.42
CA PHE B 193 -10.46 -34.77 -15.26
C PHE B 193 -8.97 -34.71 -14.93
N TYR B 194 -8.25 -35.84 -15.08
CA TYR B 194 -6.81 -35.82 -14.89
C TYR B 194 -6.13 -34.90 -15.90
N TRP B 195 -6.54 -34.98 -17.16
CA TRP B 195 -5.96 -34.11 -18.19
C TRP B 195 -6.24 -32.65 -17.91
N THR B 196 -7.48 -32.31 -17.52
CA THR B 196 -7.80 -30.90 -17.30
C THR B 196 -7.13 -30.35 -16.04
N ILE B 197 -6.98 -31.17 -15.00
CA ILE B 197 -6.27 -30.70 -13.81
C ILE B 197 -4.79 -30.53 -14.12
N THR B 198 -4.21 -31.42 -14.93
CA THR B 198 -2.82 -31.28 -15.32
C THR B 198 -2.61 -30.02 -16.16
N THR B 199 -3.58 -29.69 -17.02
CA THR B 199 -3.45 -28.50 -17.86
C THR B 199 -3.67 -27.22 -17.06
N LEU B 200 -4.68 -27.19 -16.19
CA LEU B 200 -5.04 -25.96 -15.50
C LEU B 200 -3.98 -25.53 -14.49
N THR B 201 -3.27 -26.48 -13.89
CA THR B 201 -2.24 -26.20 -12.91
C THR B 201 -0.89 -25.85 -13.54
N THR B 202 -0.80 -25.87 -14.88
CA THR B 202 0.44 -25.62 -15.62
C THR B 202 1.54 -26.62 -15.25
N ILE B 203 1.15 -27.84 -14.91
CA ILE B 203 2.11 -28.90 -14.63
C ILE B 203 2.52 -29.61 -15.91
N GLY B 204 1.56 -30.04 -16.71
CA GLY B 204 1.82 -30.58 -18.04
C GLY B 204 2.70 -31.81 -18.09
N TYR B 205 2.20 -32.94 -17.57
CA TYR B 205 2.95 -34.19 -17.64
C TYR B 205 3.21 -34.61 -19.08
N GLY B 206 2.20 -34.50 -19.94
CA GLY B 206 2.37 -34.85 -21.33
C GLY B 206 1.98 -36.27 -21.71
N ASP B 207 1.48 -37.06 -20.77
CA ASP B 207 1.07 -38.42 -21.12
C ASP B 207 -0.25 -38.43 -21.88
N ILE B 208 -1.13 -37.46 -21.63
CA ILE B 208 -2.36 -37.27 -22.38
C ILE B 208 -2.23 -35.98 -23.19
N THR B 209 -2.25 -36.10 -24.51
CA THR B 209 -2.01 -34.98 -25.39
C THR B 209 -3.00 -35.01 -26.55
N PRO B 210 -3.21 -33.86 -27.22
CA PRO B 210 -4.05 -33.83 -28.42
C PRO B 210 -3.60 -34.77 -29.53
N SER B 211 -4.58 -35.25 -30.30
CA SER B 211 -4.33 -36.15 -31.42
C SER B 211 -4.95 -35.67 -32.72
N THR B 212 -5.98 -34.83 -32.67
CA THR B 212 -6.70 -34.30 -33.81
C THR B 212 -6.62 -32.78 -33.82
N PRO B 213 -6.83 -32.12 -34.96
CA PRO B 213 -6.79 -30.65 -34.98
C PRO B 213 -7.83 -29.99 -34.06
N THR B 214 -9.02 -30.58 -33.96
CA THR B 214 -10.02 -30.05 -33.04
C THR B 214 -9.57 -30.18 -31.59
N GLN B 215 -8.94 -31.32 -31.25
CA GLN B 215 -8.36 -31.49 -29.93
C GLN B 215 -7.28 -30.44 -29.68
N THR B 216 -6.47 -30.14 -30.70
CA THR B 216 -5.41 -29.16 -30.55
C THR B 216 -5.96 -27.76 -30.30
N VAL B 217 -7.00 -27.36 -31.04
CA VAL B 217 -7.60 -26.04 -30.83
C VAL B 217 -8.23 -25.96 -29.45
N TYR B 218 -8.96 -27.01 -29.04
CA TYR B 218 -9.55 -27.04 -27.71
C TYR B 218 -8.48 -26.95 -26.63
N THR B 219 -7.37 -27.66 -26.81
CA THR B 219 -6.28 -27.63 -25.85
C THR B 219 -5.63 -26.26 -25.77
N ILE B 220 -5.46 -25.59 -26.91
CA ILE B 220 -4.89 -24.23 -26.90
C ILE B 220 -5.78 -23.30 -26.10
N VAL B 221 -7.10 -23.38 -26.33
CA VAL B 221 -8.04 -22.55 -25.58
C VAL B 221 -7.95 -22.86 -24.09
N ILE B 222 -7.93 -24.14 -23.74
CA ILE B 222 -7.90 -24.54 -22.33
C ILE B 222 -6.59 -24.13 -21.68
N GLU B 223 -5.48 -24.18 -22.41
CA GLU B 223 -4.20 -23.71 -21.89
C GLU B 223 -4.25 -22.22 -21.58
N LEU B 224 -4.86 -21.44 -22.47
CA LEU B 224 -4.99 -20.00 -22.22
C LEU B 224 -5.83 -19.73 -20.98
N LEU B 225 -7.00 -20.38 -20.87
CA LEU B 225 -7.84 -20.16 -19.69
C LEU B 225 -7.17 -20.69 -18.42
N GLY B 226 -6.40 -21.76 -18.51
CA GLY B 226 -5.71 -22.27 -17.34
C GLY B 226 -4.63 -21.32 -16.85
N ALA B 227 -3.86 -20.74 -17.79
CA ALA B 227 -2.89 -19.72 -17.40
C ALA B 227 -3.58 -18.52 -16.76
N ALA B 228 -4.70 -18.08 -17.33
CA ALA B 228 -5.42 -16.95 -16.75
C ALA B 228 -5.94 -17.28 -15.35
N MET B 229 -6.50 -18.47 -15.16
CA MET B 229 -7.07 -18.84 -13.87
C MET B 229 -5.99 -19.02 -12.81
N TYR B 230 -4.85 -19.61 -13.19
CA TYR B 230 -3.76 -19.75 -12.23
C TYR B 230 -3.17 -18.40 -11.86
N GLY B 231 -3.05 -17.48 -12.83
CA GLY B 231 -2.63 -16.14 -12.50
C GLY B 231 -3.60 -15.43 -11.58
N LEU B 232 -4.91 -15.64 -11.79
CA LEU B 232 -5.91 -15.06 -10.89
C LEU B 232 -5.78 -15.62 -9.48
N VAL B 233 -5.56 -16.93 -9.35
CA VAL B 233 -5.40 -17.54 -8.04
C VAL B 233 -4.17 -16.99 -7.34
N ILE B 234 -3.06 -16.86 -8.06
CA ILE B 234 -1.83 -16.35 -7.45
C ILE B 234 -2.01 -14.89 -7.03
N GLY B 235 -2.70 -14.09 -7.85
CA GLY B 235 -2.96 -12.71 -7.48
C GLY B 235 -3.85 -12.60 -6.25
N ASN B 236 -4.88 -13.44 -6.17
CA ASN B 236 -5.75 -13.45 -5.00
C ASN B 236 -4.97 -13.83 -3.74
N ILE B 237 -4.10 -14.84 -3.84
CA ILE B 237 -3.32 -15.27 -2.68
C ILE B 237 -2.36 -14.17 -2.25
N ALA B 238 -1.69 -13.52 -3.21
CA ALA B 238 -0.77 -12.45 -2.88
C ALA B 238 -1.49 -11.27 -2.23
N SER B 239 -2.68 -10.93 -2.73
CA SER B 239 -3.46 -9.86 -2.12
C SER B 239 -3.89 -10.24 -0.71
N LEU B 240 -4.30 -11.50 -0.50
CA LEU B 240 -4.72 -11.94 0.83
C LEU B 240 -3.56 -11.89 1.81
N VAL B 241 -2.36 -12.24 1.35
CA VAL B 241 -1.22 -12.34 2.26
C VAL B 241 -0.63 -10.95 2.55
N SER B 242 -0.70 -10.02 1.59
CA SER B 242 -0.13 -8.68 1.81
C SER B 242 -0.80 -7.94 2.96
N LYS B 243 -2.11 -8.11 3.13
CA LYS B 243 -2.88 -7.38 4.14
C LYS B 243 -3.02 -8.11 5.46
N LEU B 244 -2.23 -9.16 5.71
CA LEU B 244 -2.41 -9.96 6.92
C LEU B 244 -1.93 -9.22 8.17
N ASP B 245 -0.64 -8.92 8.28
CA ASP B 245 -0.08 -8.34 9.50
C ASP B 245 0.18 -6.86 9.32
N ALA B 246 -0.90 -6.10 9.14
CA ALA B 246 -0.78 -4.67 8.84
C ALA B 246 -0.30 -3.89 10.07
N ALA B 247 -0.92 -4.13 11.23
CA ALA B 247 -0.58 -3.39 12.44
C ALA B 247 0.82 -3.70 12.93
N LYS B 248 1.23 -4.97 12.86
CA LYS B 248 2.58 -5.34 13.27
C LYS B 248 3.62 -4.67 12.38
N LEU B 249 3.37 -4.64 11.07
CA LEU B 249 4.30 -3.99 10.15
C LEU B 249 4.35 -2.49 10.39
N LEU B 250 3.20 -1.86 10.65
CA LEU B 250 3.19 -0.43 10.94
C LEU B 250 3.99 -0.12 12.20
N HIS B 251 3.78 -0.91 13.26
CA HIS B 251 4.54 -0.70 14.48
C HIS B 251 6.03 -0.93 14.26
N ARG B 252 6.38 -1.97 13.50
CA ARG B 252 7.79 -2.24 13.21
C ARG B 252 8.43 -1.09 12.45
N GLU B 253 7.70 -0.49 11.50
CA GLU B 253 8.27 0.62 10.73
C GLU B 253 8.40 1.86 11.59
N ARG B 254 7.45 2.09 12.50
CA ARG B 254 7.56 3.22 13.41
C ARG B 254 8.78 3.06 14.33
N VAL B 255 8.97 1.86 14.88
CA VAL B 255 10.12 1.61 15.74
C VAL B 255 11.44 1.77 14.96
N GLU B 256 11.48 1.29 13.72
CA GLU B 256 12.69 1.42 12.93
C GLU B 256 13.00 2.88 12.62
N ARG B 257 11.98 3.65 12.23
CA ARG B 257 12.18 5.06 11.92
C ARG B 257 12.64 5.84 13.16
N VAL B 258 12.00 5.60 14.31
CA VAL B 258 12.40 6.29 15.53
C VAL B 258 13.82 5.92 15.92
N THR B 259 14.17 4.63 15.84
CA THR B 259 15.52 4.20 16.20
C THR B 259 16.57 4.79 15.28
N ALA B 260 16.29 4.84 13.98
CA ALA B 260 17.22 5.43 13.03
C ALA B 260 17.41 6.92 13.29
N PHE B 261 16.31 7.63 13.57
CA PHE B 261 16.42 9.05 13.84
C PHE B 261 17.22 9.31 15.12
N LEU B 262 17.01 8.48 16.15
CA LEU B 262 17.80 8.65 17.37
C LEU B 262 19.25 8.27 17.14
N SER B 263 19.50 7.35 16.21
CA SER B 263 20.87 7.00 15.85
C SER B 263 21.57 8.20 15.23
N TYR B 264 20.86 8.95 14.37
CA TYR B 264 21.45 10.12 13.75
C TYR B 264 21.82 11.17 14.79
N LYS B 265 20.92 11.40 15.77
CA LYS B 265 21.10 12.41 16.79
C LYS B 265 21.98 11.95 17.95
N ARG B 266 22.59 10.77 17.84
CA ARG B 266 23.53 10.23 18.83
C ARG B 266 22.94 10.28 20.25
N ILE B 267 21.84 9.57 20.42
CA ILE B 267 21.17 9.42 21.70
C ILE B 267 21.79 8.25 22.46
N SER B 268 21.92 8.41 23.77
CA SER B 268 22.57 7.39 24.59
C SER B 268 21.77 6.09 24.56
N PRO B 269 22.43 4.93 24.71
CA PRO B 269 21.72 3.65 24.65
C PRO B 269 20.66 3.47 25.73
N GLU B 270 20.78 4.15 26.88
CA GLU B 270 19.78 4.00 27.92
C GLU B 270 18.44 4.57 27.49
N LEU B 271 18.43 5.75 26.86
CA LEU B 271 17.19 6.35 26.40
C LEU B 271 16.58 5.53 25.26
N GLN B 272 17.42 5.01 24.36
CA GLN B 272 16.92 4.14 23.31
C GLN B 272 16.30 2.87 23.89
N ARG B 273 16.94 2.29 24.90
CA ARG B 273 16.39 1.11 25.57
C ARG B 273 15.05 1.40 26.23
N ARG B 274 14.92 2.57 26.86
CA ARG B 274 13.65 2.98 27.43
C ARG B 274 12.58 3.16 26.35
N ILE B 275 12.95 3.75 25.22
CA ILE B 275 11.98 3.93 24.14
C ILE B 275 11.55 2.57 23.59
N ILE B 276 12.50 1.64 23.41
CA ILE B 276 12.15 0.34 22.84
C ILE B 276 11.26 -0.43 23.81
N GLU B 277 11.51 -0.31 25.12
CA GLU B 277 10.64 -0.97 26.10
C GLU B 277 9.25 -0.35 26.10
N TYR B 278 9.16 0.97 25.90
CA TYR B 278 7.86 1.62 25.79
C TYR B 278 7.10 1.08 24.58
N PHE B 279 7.72 1.17 23.40
CA PHE B 279 7.06 0.70 22.18
C PHE B 279 6.63 -0.76 22.31
N ASP B 280 7.48 -1.59 22.93
CA ASP B 280 7.11 -2.98 23.16
C ASP B 280 5.87 -3.10 24.05
N TYR B 281 5.82 -2.30 25.13
CA TYR B 281 4.65 -2.33 26.00
C TYR B 281 3.40 -1.86 25.27
N LEU B 282 3.56 -0.91 24.36
CA LEU B 282 2.45 -0.43 23.55
C LEU B 282 1.93 -1.55 22.64
N TRP B 283 2.84 -2.33 22.07
CA TRP B 283 2.40 -3.48 21.27
C TRP B 283 1.70 -4.52 22.13
N GLU B 284 2.28 -4.86 23.29
CA GLU B 284 1.67 -5.91 24.12
C GLU B 284 0.40 -5.45 24.82
N THR B 285 0.04 -4.17 24.72
CA THR B 285 -1.19 -3.69 25.34
C THR B 285 -2.25 -3.30 24.32
N ARG B 286 -1.96 -2.38 23.40
CA ARG B 286 -2.98 -1.87 22.48
C ARG B 286 -2.57 -2.01 21.02
N ARG B 287 -1.64 -2.94 20.73
CA ARG B 287 -1.19 -3.23 19.37
C ARG B 287 -0.62 -1.99 18.68
N GLY B 288 0.00 -1.10 19.46
CA GLY B 288 0.66 0.07 18.91
C GLY B 288 -0.26 1.17 18.47
N TYR B 289 -1.37 1.38 19.17
CA TYR B 289 -2.38 2.36 18.78
C TYR B 289 -2.47 3.48 19.80
N GLU B 290 -2.42 4.71 19.32
CA GLU B 290 -2.58 5.87 20.19
C GLU B 290 -4.06 6.10 20.46
N GLU B 291 -4.38 6.45 21.70
CA GLU B 291 -5.77 6.68 22.08
C GLU B 291 -6.40 7.84 21.30
N ARG B 292 -5.67 8.92 21.10
CA ARG B 292 -6.24 10.12 20.49
C ARG B 292 -6.70 9.90 19.05
N GLU B 293 -5.93 9.15 18.27
CA GLU B 293 -6.27 8.85 16.86
C GLU B 293 -7.42 7.84 16.75
N VAL B 294 -7.56 6.90 17.69
CA VAL B 294 -8.68 5.91 17.70
C VAL B 294 -10.02 6.59 18.02
N LEU B 295 -10.04 7.55 18.92
CA LEU B 295 -11.31 8.15 19.37
C LEU B 295 -11.74 9.29 18.45
N LYS B 296 -10.95 9.66 17.45
CA LYS B 296 -11.36 10.67 16.45
C LYS B 296 -12.09 9.94 15.32
N GLU B 297 -12.24 8.63 15.47
CA GLU B 297 -12.95 7.81 14.47
C GLU B 297 -14.39 7.64 14.93
N LEU B 298 -14.82 8.35 15.97
CA LEU B 298 -16.18 8.19 16.53
C LEU B 298 -16.98 9.51 16.55
N PRO B 299 -18.34 9.56 16.36
CA PRO B 299 -19.11 10.79 16.51
C PRO B 299 -19.13 11.28 17.95
N HIS B 300 -19.56 12.53 18.12
CA HIS B 300 -19.56 13.15 19.44
C HIS B 300 -20.36 12.38 20.50
N PRO B 301 -21.58 11.89 20.23
CA PRO B 301 -22.27 11.11 21.29
C PRO B 301 -21.55 9.83 21.67
N LEU B 302 -21.02 9.08 20.71
CA LEU B 302 -20.30 7.86 21.04
C LEU B 302 -18.99 8.14 21.75
N ARG B 303 -18.29 9.20 21.34
CA ARG B 303 -17.07 9.62 22.03
C ARG B 303 -17.38 10.01 23.48
N LEU B 304 -18.47 10.75 23.68
CA LEU B 304 -18.88 11.13 25.03
C LEU B 304 -19.23 9.91 25.86
N ALA B 305 -19.94 8.95 25.27
CA ALA B 305 -20.30 7.74 26.01
C ALA B 305 -19.07 6.94 26.41
N VAL B 306 -18.10 6.81 25.50
CA VAL B 306 -16.87 6.08 25.81
C VAL B 306 -16.09 6.80 26.91
N ALA B 307 -15.97 8.13 26.80
CA ALA B 307 -15.24 8.89 27.81
C ALA B 307 -15.92 8.80 29.17
N MET B 308 -17.24 8.86 29.22
CA MET B 308 -17.96 8.69 30.48
C MET B 308 -17.72 7.31 31.06
N GLU B 309 -17.87 6.27 30.25
CA GLU B 309 -17.68 4.91 30.75
C GLU B 309 -16.25 4.65 31.20
N ILE B 310 -15.28 5.42 30.69
CA ILE B 310 -13.91 5.23 31.15
C ILE B 310 -13.64 6.02 32.42
N HIS B 311 -14.08 7.27 32.50
CA HIS B 311 -13.60 8.20 33.53
C HIS B 311 -14.64 8.60 34.57
N GLY B 312 -15.85 8.03 34.54
CA GLY B 312 -16.93 8.55 35.37
C GLY B 312 -16.75 8.52 36.88
N ASP B 313 -16.55 7.34 37.47
CA ASP B 313 -16.37 7.26 38.91
C ASP B 313 -15.12 8.00 39.36
N VAL B 314 -14.04 7.89 38.57
CA VAL B 314 -12.77 8.52 38.92
C VAL B 314 -12.93 10.03 38.97
N ILE B 315 -13.65 10.61 38.01
CA ILE B 315 -13.87 12.05 38.08
C ILE B 315 -14.83 12.37 39.22
N GLU B 316 -15.99 11.70 39.25
CA GLU B 316 -17.05 12.02 40.20
C GLU B 316 -16.52 12.10 41.63
N LYS B 317 -15.63 11.16 42.01
CA LYS B 317 -15.10 11.13 43.36
C LYS B 317 -13.90 12.07 43.52
N VAL B 318 -14.12 13.36 43.29
CA VAL B 318 -13.11 14.38 43.52
C VAL B 318 -13.67 15.42 44.48
N PRO B 319 -12.94 15.80 45.54
CA PRO B 319 -13.49 16.76 46.52
C PRO B 319 -13.89 18.09 45.89
N LEU B 320 -13.06 18.57 44.96
CA LEU B 320 -13.26 19.87 44.34
C LEU B 320 -14.57 19.91 43.55
N PHE B 321 -14.88 18.84 42.84
CA PHE B 321 -16.01 18.82 41.91
C PHE B 321 -17.24 18.11 42.46
N LYS B 322 -17.26 17.58 43.60
CA LYS B 322 -18.49 16.90 44.09
C LYS B 322 -19.59 17.96 44.23
N GLY B 323 -20.78 17.63 44.08
CA GLY B 323 -21.95 18.47 44.14
C GLY B 323 -22.13 19.37 42.95
N ALA B 324 -21.27 19.28 41.94
CA ALA B 324 -21.41 20.04 40.71
C ALA B 324 -22.30 19.30 39.70
N GLY B 325 -22.66 20.02 38.64
CA GLY B 325 -23.61 19.52 37.66
C GLY B 325 -23.02 18.40 36.82
N GLU B 326 -23.85 17.88 35.93
CA GLU B 326 -23.42 16.83 35.03
C GLU B 326 -22.73 17.37 33.78
N GLU B 327 -23.17 18.54 33.28
CA GLU B 327 -22.53 19.14 32.12
C GLU B 327 -21.08 19.54 32.40
N PHE B 328 -20.79 20.08 33.59
CA PHE B 328 -19.42 20.39 33.95
C PHE B 328 -18.57 19.13 33.99
N ILE B 329 -19.14 18.05 34.54
CA ILE B 329 -18.45 16.78 34.59
C ILE B 329 -18.19 16.28 33.18
N ARG B 330 -19.15 16.49 32.27
CA ARG B 330 -18.98 16.05 30.88
C ARG B 330 -17.84 16.80 30.20
N ASP B 331 -17.71 18.10 30.48
CA ASP B 331 -16.64 18.88 29.86
C ASP B 331 -15.28 18.37 30.34
N ILE B 332 -15.16 18.13 31.65
CA ILE B 332 -13.92 17.57 32.17
C ILE B 332 -13.68 16.19 31.56
N ILE B 333 -14.73 15.37 31.47
CA ILE B 333 -14.57 14.00 31.00
C ILE B 333 -14.21 14.01 29.51
N LEU B 334 -14.49 15.12 28.83
CA LEU B 334 -14.13 15.31 27.43
C LEU B 334 -12.77 15.96 27.22
N HIS B 335 -12.13 16.49 28.28
CA HIS B 335 -10.88 17.20 28.08
C HIS B 335 -9.68 16.54 28.77
N LEU B 336 -9.84 15.30 29.25
CA LEU B 336 -8.75 14.54 29.86
C LEU B 336 -7.81 13.97 28.78
N GLU B 337 -6.51 14.23 28.92
CA GLU B 337 -5.58 13.83 27.87
C GLU B 337 -4.77 12.60 28.31
N PRO B 338 -4.80 11.51 27.53
CA PRO B 338 -4.00 10.34 27.87
C PRO B 338 -2.49 10.58 27.83
N VAL B 339 -1.77 10.02 28.80
CA VAL B 339 -0.31 10.08 28.82
C VAL B 339 0.20 8.82 29.52
N ILE B 340 1.14 8.12 28.89
CA ILE B 340 1.74 6.93 29.46
C ILE B 340 3.11 7.27 30.01
N TYR B 341 3.32 6.96 31.29
CA TYR B 341 4.61 7.16 31.95
C TYR B 341 5.28 5.81 32.18
N GLY B 342 6.56 5.72 31.81
CA GLY B 342 7.31 4.50 31.97
C GLY B 342 7.70 4.27 33.42
N PRO B 343 8.24 3.08 33.68
CA PRO B 343 8.67 2.76 35.05
C PRO B 343 9.85 3.60 35.48
N GLY B 344 9.77 4.16 36.69
CA GLY B 344 10.83 5.00 37.22
C GLY B 344 10.82 6.43 36.72
N GLU B 345 9.85 6.81 35.91
CA GLU B 345 9.79 8.15 35.35
C GLU B 345 9.20 9.13 36.37
N TYR B 346 9.57 10.40 36.22
CA TYR B 346 9.09 11.46 37.10
C TYR B 346 7.77 11.97 36.54
N ILE B 347 6.74 11.98 37.39
CA ILE B 347 5.45 12.57 36.97
C ILE B 347 5.43 13.98 37.55
N ILE B 348 5.51 14.12 38.88
CA ILE B 348 5.56 15.46 39.56
C ILE B 348 6.85 15.47 40.35
N ARG B 349 7.62 16.56 40.26
CA ARG B 349 8.86 16.67 41.05
C ARG B 349 8.64 17.65 42.22
N ALA B 350 9.18 17.32 43.39
CA ALA B 350 9.05 18.25 44.51
C ALA B 350 9.69 19.59 44.20
N GLY B 351 8.99 20.66 44.55
CA GLY B 351 9.50 22.00 44.42
C GLY B 351 9.19 22.71 43.12
N GLU B 352 8.65 22.00 42.12
CA GLU B 352 8.25 22.69 40.90
C GLU B 352 6.94 23.43 41.12
N MET B 353 6.68 24.40 40.25
CA MET B 353 5.43 25.16 40.31
C MET B 353 4.24 24.23 40.15
N GLY B 354 4.08 23.66 38.95
CA GLY B 354 3.01 22.71 38.70
C GLY B 354 1.69 23.30 38.24
N SER B 355 1.10 22.70 37.20
CA SER B 355 -0.13 23.23 36.64
C SER B 355 -1.13 22.15 36.23
N ASP B 356 -0.87 20.88 36.50
CA ASP B 356 -1.67 19.79 35.97
C ASP B 356 -2.15 18.89 37.08
N VAL B 357 -3.26 18.19 36.81
CA VAL B 357 -3.78 17.15 37.69
C VAL B 357 -3.83 15.83 36.92
N TYR B 358 -3.60 14.73 37.63
CA TYR B 358 -3.45 13.41 37.03
C TYR B 358 -4.43 12.43 37.65
N PHE B 359 -5.11 11.65 36.80
CA PHE B 359 -6.01 10.59 37.22
C PHE B 359 -5.42 9.25 36.81
N ILE B 360 -5.24 8.35 37.78
CA ILE B 360 -4.67 7.04 37.52
C ILE B 360 -5.73 6.14 36.90
N ASN B 361 -5.39 5.50 35.78
CA ASN B 361 -6.30 4.61 35.09
C ASN B 361 -5.88 3.15 35.13
N ARG B 362 -4.59 2.86 34.93
CA ARG B 362 -4.15 1.47 34.86
C ARG B 362 -2.96 1.17 35.77
N GLY B 363 -2.02 2.09 35.92
CA GLY B 363 -0.76 1.81 36.59
C GLY B 363 -0.81 2.03 38.09
N SER B 364 0.39 2.05 38.68
CA SER B 364 0.59 2.27 40.11
C SER B 364 1.65 3.34 40.30
N VAL B 365 1.58 4.02 41.45
CA VAL B 365 2.39 5.22 41.69
C VAL B 365 2.90 5.18 43.13
N GLU B 366 4.08 5.77 43.35
CA GLU B 366 4.66 5.95 44.68
C GLU B 366 4.87 7.43 44.98
N VAL B 367 4.21 7.92 46.02
CA VAL B 367 4.44 9.29 46.48
C VAL B 367 5.63 9.28 47.43
N LEU B 368 6.57 10.19 47.22
CA LEU B 368 7.85 10.17 47.91
C LEU B 368 8.23 11.60 48.30
N SER B 369 9.20 11.69 49.22
CA SER B 369 9.66 12.95 49.78
C SER B 369 10.55 13.68 48.79
N ALA B 370 10.94 14.90 49.16
CA ALA B 370 11.80 15.71 48.30
C ALA B 370 13.14 14.99 48.10
N ASP B 371 13.65 14.38 49.16
CA ASP B 371 14.91 13.64 49.14
C ASP B 371 14.68 12.17 48.81
N GLU B 372 13.40 11.78 48.61
CA GLU B 372 13.02 10.42 48.21
C GLU B 372 13.51 9.37 49.21
N LYS B 373 13.32 9.67 50.51
CA LYS B 373 13.67 8.73 51.57
C LYS B 373 12.46 8.05 52.20
N THR B 374 11.30 8.70 52.23
CA THR B 374 10.11 8.18 52.88
C THR B 374 8.96 8.06 51.89
N ARG B 375 8.27 6.92 51.91
CA ARG B 375 7.14 6.68 51.03
C ARG B 375 5.87 7.15 51.72
N TYR B 376 5.30 8.26 51.25
CA TYR B 376 4.03 8.72 51.80
C TYR B 376 2.90 7.73 51.53
N ALA B 377 2.78 7.27 50.28
CA ALA B 377 1.64 6.43 49.92
C ALA B 377 1.91 5.74 48.59
N ILE B 378 1.07 4.76 48.30
CA ILE B 378 1.07 4.02 47.04
C ILE B 378 -0.33 4.18 46.46
N LEU B 379 -0.41 4.67 45.22
CA LEU B 379 -1.67 4.93 44.57
C LEU B 379 -1.93 3.92 43.45
N SER B 380 -3.16 3.44 43.38
CA SER B 380 -3.60 2.44 42.42
C SER B 380 -4.72 3.04 41.55
N GLU B 381 -5.39 2.16 40.80
CA GLU B 381 -6.51 2.57 39.95
C GLU B 381 -7.60 3.28 40.76
N GLY B 382 -8.29 4.20 40.09
CA GLY B 382 -9.42 4.89 40.68
C GLY B 382 -9.08 6.08 41.54
N GLN B 383 -7.81 6.38 41.75
CA GLN B 383 -7.37 7.49 42.58
C GLN B 383 -6.71 8.54 41.70
N PHE B 384 -6.24 9.62 42.35
CA PHE B 384 -5.70 10.77 41.65
C PHE B 384 -4.68 11.45 42.56
N PHE B 385 -3.89 12.34 41.95
CA PHE B 385 -2.94 13.14 42.70
C PHE B 385 -2.73 14.46 41.97
N GLY B 386 -2.24 15.45 42.70
CA GLY B 386 -2.09 16.78 42.14
C GLY B 386 -3.35 17.59 42.12
N GLU B 387 -4.31 17.28 42.99
CA GLU B 387 -5.58 18.00 42.98
C GLU B 387 -5.44 19.41 43.51
N MET B 388 -4.40 19.68 44.30
CA MET B 388 -4.18 21.03 44.85
C MET B 388 -3.32 21.86 43.90
N ALA B 389 -3.71 21.87 42.63
CA ALA B 389 -3.10 22.73 41.62
C ALA B 389 -4.10 23.42 40.72
N LEU B 390 -5.36 22.99 40.69
CA LEU B 390 -6.40 23.66 39.92
C LEU B 390 -7.01 24.82 40.69
N ILE B 391 -6.64 25.00 41.96
CA ILE B 391 -7.16 26.11 42.76
C ILE B 391 -6.05 27.01 43.28
N LEU B 392 -4.80 26.58 43.27
CA LEU B 392 -3.67 27.43 43.61
C LEU B 392 -2.48 27.05 42.74
N ARG B 393 -1.61 28.03 42.51
CA ARG B 393 -0.45 27.79 41.65
C ARG B 393 0.79 27.76 42.54
N ALA B 394 0.68 27.02 43.65
CA ALA B 394 1.70 26.96 44.68
C ALA B 394 2.77 25.93 44.32
N PRO B 395 3.95 25.97 44.95
CA PRO B 395 4.90 24.86 44.77
C PRO B 395 4.34 23.53 45.23
N ARG B 396 4.76 22.46 44.55
CA ARG B 396 4.20 21.15 44.80
C ARG B 396 4.65 20.63 46.17
N THR B 397 3.94 19.64 46.69
CA THR B 397 4.16 19.17 48.05
C THR B 397 4.81 17.78 48.15
N ALA B 398 5.07 17.11 47.04
CA ALA B 398 5.75 15.82 47.08
C ALA B 398 6.19 15.42 45.67
N THR B 399 6.91 14.30 45.60
CA THR B 399 7.44 13.75 44.36
C THR B 399 6.65 12.51 43.99
N VAL B 400 6.30 12.39 42.72
CA VAL B 400 5.46 11.28 42.26
C VAL B 400 6.28 10.45 41.27
N ARG B 401 6.38 9.15 41.54
CA ARG B 401 7.16 8.26 40.68
C ARG B 401 6.30 7.07 40.27
N ALA B 402 6.65 6.47 39.14
CA ALA B 402 5.88 5.37 38.57
C ALA B 402 6.57 4.04 38.84
N ARG B 403 5.80 3.08 39.37
CA ARG B 403 6.32 1.72 39.57
C ARG B 403 6.52 1.02 38.24
N ALA B 404 5.43 0.85 37.49
CA ALA B 404 5.41 0.28 36.16
C ALA B 404 4.81 1.31 35.20
N PHE B 405 4.53 0.86 33.97
CA PHE B 405 3.84 1.72 33.02
C PHE B 405 2.48 2.15 33.57
N CYS B 406 2.20 3.44 33.51
CA CYS B 406 1.07 4.00 34.24
C CYS B 406 -0.20 4.09 33.40
N ASP B 407 -0.12 4.74 32.23
CA ASP B 407 -1.26 4.97 31.36
C ASP B 407 -2.35 5.75 32.10
N LEU B 408 -2.01 6.98 32.46
CA LEU B 408 -2.87 7.84 33.26
C LEU B 408 -3.32 9.05 32.45
N TYR B 409 -4.39 9.68 32.90
CA TYR B 409 -4.93 10.84 32.21
C TYR B 409 -4.52 12.12 32.92
N ARG B 410 -4.55 13.23 32.19
CA ARG B 410 -4.07 14.50 32.71
C ARG B 410 -4.93 15.66 32.25
N LEU B 411 -5.28 16.54 33.19
CA LEU B 411 -6.00 17.77 32.88
C LEU B 411 -5.13 18.97 33.27
N ASP B 412 -4.87 19.85 32.31
CA ASP B 412 -4.11 21.06 32.56
C ASP B 412 -5.00 22.15 33.16
N LYS B 413 -4.36 23.12 33.81
CA LYS B 413 -5.08 24.23 34.43
C LYS B 413 -5.56 25.26 33.41
N GLU B 414 -5.03 25.23 32.18
CA GLU B 414 -5.49 26.15 31.15
C GLU B 414 -6.86 25.73 30.62
N THR B 415 -7.04 24.46 30.31
CA THR B 415 -8.35 24.00 29.85
C THR B 415 -9.39 24.11 30.97
N PHE B 416 -8.97 23.83 32.20
CA PHE B 416 -9.88 23.96 33.34
C PHE B 416 -10.33 25.40 33.53
N ASP B 417 -9.41 26.36 33.40
CA ASP B 417 -9.79 27.76 33.51
C ASP B 417 -10.64 28.20 32.34
N ARG B 418 -10.37 27.64 31.17
CA ARG B 418 -11.10 28.01 29.95
C ARG B 418 -12.54 27.61 30.16
N ILE B 419 -12.75 26.36 30.53
CA ILE B 419 -14.10 25.85 30.68
C ILE B 419 -14.80 26.36 31.95
N LEU B 420 -14.05 26.87 32.93
CA LEU B 420 -14.67 27.41 34.14
C LEU B 420 -15.33 28.75 33.91
N SER B 421 -15.06 29.41 32.79
CA SER B 421 -15.66 30.71 32.49
C SER B 421 -17.17 30.59 32.27
N ARG B 422 -17.61 29.50 31.65
CA ARG B 422 -19.02 29.28 31.34
C ARG B 422 -19.80 28.60 32.47
N TYR B 423 -19.19 28.34 33.61
CA TYR B 423 -19.86 27.78 34.79
C TYR B 423 -19.41 28.59 35.99
N PRO B 424 -19.93 29.82 36.15
CA PRO B 424 -19.42 30.70 37.21
C PRO B 424 -19.68 30.20 38.62
N GLU B 425 -20.74 29.42 38.87
CA GLU B 425 -21.02 28.98 40.23
C GLU B 425 -19.85 28.17 40.78
N ILE B 426 -19.36 27.24 39.97
CA ILE B 426 -18.22 26.43 40.39
C ILE B 426 -17.00 27.32 40.51
N ALA B 427 -16.89 28.31 39.61
CA ALA B 427 -15.72 29.17 39.64
C ALA B 427 -15.66 29.90 40.98
N ALA B 428 -16.82 30.34 41.47
CA ALA B 428 -16.91 31.01 42.76
C ALA B 428 -16.48 30.06 43.88
N GLN B 429 -16.96 28.82 43.82
CA GLN B 429 -16.58 27.83 44.84
C GLN B 429 -15.07 27.59 44.82
N ILE B 430 -14.48 27.54 43.63
CA ILE B 430 -13.03 27.38 43.51
C ILE B 430 -12.31 28.61 44.06
N GLN B 431 -12.81 29.81 43.75
CA GLN B 431 -12.12 31.02 44.21
C GLN B 431 -12.16 31.13 45.72
N GLU B 432 -13.30 30.80 46.33
CA GLU B 432 -13.39 30.79 47.78
C GLU B 432 -12.49 29.72 48.37
N LEU B 433 -12.39 28.56 47.70
CA LEU B 433 -11.50 27.50 48.16
C LEU B 433 -10.05 27.96 48.15
N ALA B 434 -9.67 28.76 47.16
CA ALA B 434 -8.32 29.31 47.08
C ALA B 434 -8.08 30.35 48.17
N THR C 29 15.17 -18.43 30.71
CA THR C 29 15.72 -18.83 29.42
C THR C 29 15.75 -20.34 29.27
N TYR C 30 15.23 -21.04 30.28
CA TYR C 30 15.17 -22.50 30.24
C TYR C 30 14.05 -23.00 29.34
N THR C 31 13.06 -22.17 29.01
CA THR C 31 11.97 -22.61 28.16
C THR C 31 12.38 -22.74 26.69
N LEU C 32 13.43 -22.03 26.27
CA LEU C 32 13.88 -22.14 24.88
C LEU C 32 14.43 -23.53 24.59
N VAL C 33 15.16 -24.10 25.54
CA VAL C 33 15.67 -25.47 25.37
C VAL C 33 14.52 -26.46 25.24
N TRP C 34 13.48 -26.29 26.07
CA TRP C 34 12.32 -27.17 25.97
C TRP C 34 11.59 -26.99 24.65
N LYS C 35 11.46 -25.76 24.17
CA LYS C 35 10.81 -25.52 22.88
C LYS C 35 11.60 -26.14 21.74
N VAL C 36 12.93 -26.02 21.77
CA VAL C 36 13.76 -26.63 20.73
C VAL C 36 13.65 -28.15 20.78
N TRP C 37 13.61 -28.71 22.00
CA TRP C 37 13.45 -30.15 22.14
C TRP C 37 12.10 -30.63 21.61
N ILE C 38 11.04 -29.86 21.86
CA ILE C 38 9.72 -30.20 21.34
C ILE C 38 9.69 -30.12 19.82
N LEU C 39 10.37 -29.11 19.25
CA LEU C 39 10.49 -29.02 17.80
C LEU C 39 11.22 -30.22 17.23
N ALA C 40 12.30 -30.65 17.88
CA ALA C 40 13.03 -31.82 17.42
C ALA C 40 12.17 -33.08 17.49
N VAL C 41 11.40 -33.22 18.56
CA VAL C 41 10.54 -34.39 18.72
C VAL C 41 9.46 -34.41 17.66
N THR C 42 8.83 -33.26 17.39
CA THR C 42 7.78 -33.26 16.39
C THR C 42 8.33 -33.42 14.97
N LEU C 43 9.55 -32.93 14.70
CA LEU C 43 10.17 -33.23 13.41
C LEU C 43 10.51 -34.71 13.30
N TYR C 44 10.79 -35.34 14.44
CA TYR C 44 11.08 -36.77 14.44
C TYR C 44 9.82 -37.54 14.09
N TYR C 45 8.69 -37.19 14.72
CA TYR C 45 7.45 -37.88 14.40
C TYR C 45 7.03 -37.62 12.95
N ALA C 46 7.24 -36.39 12.47
CA ALA C 46 6.91 -36.03 11.09
C ALA C 46 7.69 -36.87 10.07
N ILE C 47 8.95 -37.17 10.37
CA ILE C 47 9.75 -37.97 9.45
C ILE C 47 9.49 -39.47 9.65
N ARG C 48 9.41 -39.95 10.85
CA ARG C 48 9.31 -41.41 11.10
C ARG C 48 7.92 -41.96 10.83
N ILE C 49 6.87 -41.26 11.31
CA ILE C 49 5.53 -41.85 11.18
C ILE C 49 5.17 -42.26 9.75
N PRO C 50 5.22 -41.38 8.74
CA PRO C 50 4.90 -41.88 7.37
C PRO C 50 5.88 -42.91 6.87
N LEU C 51 7.15 -42.79 7.25
CA LEU C 51 8.17 -43.74 6.81
C LEU C 51 7.89 -45.14 7.36
N THR C 52 7.52 -45.23 8.64
CA THR C 52 7.19 -46.54 9.19
C THR C 52 5.80 -47.01 8.80
N LEU C 53 4.93 -46.08 8.37
CA LEU C 53 3.69 -46.50 7.74
C LEU C 53 3.96 -47.21 6.43
N VAL C 54 4.90 -46.68 5.63
CA VAL C 54 5.28 -47.36 4.39
C VAL C 54 6.07 -48.63 4.69
N PHE C 55 7.02 -48.54 5.62
CA PHE C 55 7.87 -49.68 5.97
C PHE C 55 7.57 -50.11 7.40
N PRO C 56 6.78 -51.16 7.62
CA PRO C 56 6.46 -51.57 9.00
C PRO C 56 7.64 -52.20 9.73
N SER C 57 8.76 -52.47 9.03
CA SER C 57 9.92 -53.03 9.69
C SER C 57 10.52 -52.06 10.70
N LEU C 58 10.54 -50.77 10.37
CA LEU C 58 11.18 -49.77 11.22
C LEU C 58 10.25 -49.37 12.37
N PHE C 59 10.12 -50.28 13.33
CA PHE C 59 9.38 -50.00 14.56
C PHE C 59 10.07 -50.52 15.82
N SER C 60 10.86 -51.58 15.74
CA SER C 60 11.63 -52.08 16.88
C SER C 60 12.96 -51.35 17.06
N PRO C 61 13.76 -51.10 16.01
CA PRO C 61 15.03 -50.37 16.23
C PRO C 61 14.85 -48.97 16.79
N LEU C 62 13.75 -48.28 16.45
CA LEU C 62 13.50 -46.93 16.92
C LEU C 62 12.47 -46.91 18.06
N LEU C 63 12.24 -48.05 18.70
CA LEU C 63 11.30 -48.10 19.82
C LEU C 63 11.70 -47.24 21.01
N PRO C 64 12.96 -47.26 21.51
CA PRO C 64 13.28 -46.39 22.66
C PRO C 64 13.11 -44.91 22.37
N LEU C 65 13.47 -44.47 21.15
CA LEU C 65 13.26 -43.07 20.80
C LEU C 65 11.78 -42.73 20.76
N ASP C 66 10.95 -43.65 20.26
CA ASP C 66 9.51 -43.43 20.23
C ASP C 66 8.93 -43.32 21.64
N ILE C 67 9.38 -44.19 22.55
CA ILE C 67 8.91 -44.14 23.94
C ILE C 67 9.34 -42.83 24.60
N LEU C 68 10.60 -42.43 24.39
CA LEU C 68 11.11 -41.21 24.99
C LEU C 68 10.36 -39.98 24.47
N ALA C 69 10.10 -39.94 23.16
CA ALA C 69 9.34 -38.83 22.61
C ALA C 69 7.89 -38.85 23.09
N SER C 70 7.33 -40.04 23.31
CA SER C 70 5.97 -40.11 23.83
C SER C 70 5.89 -39.57 25.25
N LEU C 71 6.90 -39.87 26.06
CA LEU C 71 6.95 -39.30 27.40
C LEU C 71 7.13 -37.79 27.33
N ALA C 72 8.02 -37.32 26.43
CA ALA C 72 8.26 -35.89 26.30
C ALA C 72 6.97 -35.16 25.94
N LEU C 73 6.20 -35.72 25.00
CA LEU C 73 4.93 -35.11 24.59
C LEU C 73 3.90 -35.17 25.72
N ILE C 74 3.89 -36.26 26.50
CA ILE C 74 2.96 -36.35 27.62
C ILE C 74 3.27 -35.29 28.66
N ALA C 75 4.56 -35.08 28.95
CA ALA C 75 4.97 -34.11 29.97
C ALA C 75 5.02 -32.68 29.46
N ASP C 76 4.92 -32.46 28.15
CA ASP C 76 5.05 -31.10 27.63
C ASP C 76 3.92 -30.19 28.10
N ILE C 77 2.69 -30.67 28.08
CA ILE C 77 1.54 -29.81 28.37
C ILE C 77 1.46 -29.48 29.86
N PRO C 78 1.89 -30.36 30.79
CA PRO C 78 2.14 -29.86 32.15
C PRO C 78 3.10 -28.69 32.19
N LEU C 79 4.16 -28.73 31.38
CA LEU C 79 5.12 -27.65 31.32
C LEU C 79 4.66 -26.50 30.42
N ASP C 80 3.63 -26.73 29.61
CA ASP C 80 3.00 -25.65 28.88
C ASP C 80 2.09 -24.82 29.79
N LEU C 81 1.38 -25.48 30.70
CA LEU C 81 0.54 -24.74 31.64
C LEU C 81 1.38 -23.93 32.62
N ALA C 82 2.47 -24.49 33.11
CA ALA C 82 3.36 -23.75 34.00
C ALA C 82 4.25 -22.81 33.19
N PHE C 83 4.40 -21.59 33.69
CA PHE C 83 5.17 -20.53 33.04
C PHE C 83 4.67 -20.30 31.60
N GLU C 84 3.43 -19.85 31.51
CA GLU C 84 2.80 -19.58 30.22
C GLU C 84 3.50 -18.46 29.46
N SER C 99 -8.08 -24.01 20.48
CA SER C 99 -6.72 -23.49 20.56
C SER C 99 -5.85 -24.37 21.46
N ARG C 100 -6.47 -25.38 22.06
CA ARG C 100 -5.76 -26.32 22.92
C ARG C 100 -5.95 -27.78 22.56
N LEU C 101 -6.99 -28.09 21.80
CA LEU C 101 -7.24 -29.49 21.38
C LEU C 101 -5.96 -30.07 20.74
N PRO C 102 -5.24 -29.43 19.77
CA PRO C 102 -4.03 -30.07 19.21
C PRO C 102 -3.07 -30.64 20.24
N ASP C 103 -2.87 -29.94 21.37
CA ASP C 103 -1.99 -30.47 22.41
C ASP C 103 -2.51 -31.77 22.98
N LEU C 104 -3.80 -31.85 23.27
CA LEU C 104 -4.38 -33.07 23.82
C LEU C 104 -4.38 -34.19 22.79
N LEU C 105 -4.67 -33.87 21.53
CA LEU C 105 -4.71 -34.91 20.49
C LEU C 105 -3.33 -35.45 20.17
N ALA C 106 -2.29 -34.61 20.23
CA ALA C 106 -0.93 -35.10 20.02
C ALA C 106 -0.31 -35.68 21.28
N ALA C 107 -0.89 -35.42 22.46
CA ALA C 107 -0.31 -35.92 23.70
C ALA C 107 -0.51 -37.43 23.84
N LEU C 108 -1.73 -37.90 23.60
CA LEU C 108 -2.01 -39.32 23.81
C LEU C 108 -1.37 -40.16 22.70
N PRO C 109 -0.83 -41.33 23.03
CA PRO C 109 -0.17 -42.17 22.01
C PRO C 109 -1.13 -43.03 21.20
N LEU C 110 -1.71 -42.43 20.15
CA LEU C 110 -2.50 -43.20 19.21
C LEU C 110 -1.63 -44.12 18.35
N ASP C 111 -0.34 -43.82 18.25
CA ASP C 111 0.63 -44.78 17.73
C ASP C 111 1.02 -45.73 18.86
N LEU C 112 2.05 -46.55 18.63
CA LEU C 112 2.52 -47.62 19.52
C LEU C 112 1.49 -48.74 19.68
N LEU C 113 0.32 -48.63 19.05
CA LEU C 113 -0.68 -49.68 19.02
C LEU C 113 -1.04 -50.10 17.61
N VAL C 114 -1.06 -49.15 16.66
CA VAL C 114 -1.29 -49.51 15.27
C VAL C 114 -0.07 -50.21 14.68
N PHE C 115 1.11 -49.97 15.24
CA PHE C 115 2.33 -50.67 14.82
C PHE C 115 2.62 -51.89 15.67
N ALA C 116 1.93 -52.07 16.79
CA ALA C 116 2.07 -53.23 17.66
C ALA C 116 1.05 -54.32 17.35
N LEU C 117 -0.22 -53.94 17.17
CA LEU C 117 -1.26 -54.89 16.83
C LEU C 117 -1.37 -55.13 15.33
N HIS C 118 -0.60 -54.40 14.52
CA HIS C 118 -0.57 -54.55 13.06
C HIS C 118 -1.96 -54.37 12.46
N LEU C 119 -2.48 -53.15 12.61
CA LEU C 119 -3.81 -52.84 12.13
C LEU C 119 -3.81 -52.71 10.60
N PRO C 120 -4.99 -52.83 9.98
CA PRO C 120 -5.05 -52.71 8.52
C PRO C 120 -4.93 -51.26 8.08
N SER C 121 -4.86 -51.06 6.76
CA SER C 121 -4.61 -49.73 6.21
C SER C 121 -5.64 -48.69 6.62
N PRO C 122 -6.96 -48.94 6.63
CA PRO C 122 -7.89 -47.86 7.01
C PRO C 122 -7.65 -47.36 8.42
N LEU C 123 -7.36 -48.27 9.35
CA LEU C 123 -7.21 -47.95 10.76
C LEU C 123 -5.75 -47.83 11.18
N SER C 124 -4.83 -47.74 10.20
CA SER C 124 -3.43 -47.52 10.50
C SER C 124 -3.05 -46.05 10.36
N LEU C 125 -3.91 -45.24 9.79
CA LEU C 125 -3.62 -43.84 9.53
C LEU C 125 -4.02 -42.96 10.71
N LEU C 126 -4.20 -43.55 11.89
CA LEU C 126 -4.54 -42.81 13.09
C LEU C 126 -3.31 -42.46 13.90
N SER C 127 -2.12 -42.77 13.37
CA SER C 127 -0.88 -42.41 14.00
C SER C 127 -0.47 -40.99 13.65
N LEU C 128 -1.10 -40.43 12.61
CA LEU C 128 -0.75 -39.12 12.09
C LEU C 128 -1.45 -38.00 12.84
N VAL C 129 -2.33 -38.32 13.78
CA VAL C 129 -2.94 -37.30 14.61
C VAL C 129 -1.88 -36.63 15.47
N ARG C 130 -0.76 -37.31 15.71
CA ARG C 130 0.34 -36.75 16.48
C ARG C 130 1.11 -35.70 15.70
N LEU C 131 0.75 -35.48 14.43
CA LEU C 131 1.35 -34.43 13.62
C LEU C 131 0.57 -33.14 13.72
N LEU C 132 -0.29 -33.03 14.73
CA LEU C 132 -1.01 -31.81 15.02
C LEU C 132 -0.21 -30.94 15.97
N LYS C 133 0.90 -31.48 16.48
CA LYS C 133 1.82 -30.74 17.33
C LYS C 133 2.46 -29.59 16.57
N LEU C 134 2.55 -29.72 15.24
CA LEU C 134 3.16 -28.69 14.41
C LEU C 134 2.40 -27.37 14.54
N ILE C 135 1.07 -27.43 14.65
CA ILE C 135 0.29 -26.22 14.84
C ILE C 135 0.71 -25.46 16.10
N SER C 136 1.11 -26.20 17.13
CA SER C 136 1.49 -25.59 18.39
C SER C 136 2.94 -25.17 18.37
N VAL C 137 3.78 -25.95 17.69
CA VAL C 137 5.19 -25.58 17.56
C VAL C 137 5.30 -24.30 16.76
N GLN C 138 4.52 -24.19 15.67
CA GLN C 138 4.49 -22.97 14.88
C GLN C 138 3.91 -21.81 15.67
N ARG C 139 2.86 -22.06 16.48
CA ARG C 139 2.30 -21.00 17.29
C ARG C 139 3.30 -20.48 18.33
N SER C 140 4.10 -21.40 18.90
CA SER C 140 5.14 -20.98 19.83
C SER C 140 6.25 -20.23 19.11
N ALA C 141 6.66 -20.71 17.93
CA ALA C 141 7.74 -20.08 17.19
C ALA C 141 7.36 -18.68 16.70
N THR C 142 6.09 -18.48 16.34
CA THR C 142 5.65 -17.18 15.85
C THR C 142 5.45 -16.17 16.98
N ARG C 143 5.66 -16.57 18.24
CA ARG C 143 5.57 -15.65 19.36
C ARG C 143 6.85 -15.57 20.18
N ILE C 144 7.78 -16.50 20.02
CA ILE C 144 9.09 -16.39 20.64
C ILE C 144 10.11 -15.79 19.67
N LEU C 145 9.64 -15.35 18.50
CA LEU C 145 10.51 -14.72 17.50
C LEU C 145 9.74 -13.70 16.67
N SER C 146 8.62 -13.19 17.17
CA SER C 146 7.86 -12.16 16.48
C SER C 146 8.54 -10.80 16.46
N TYR C 147 9.56 -10.57 17.29
CA TYR C 147 10.20 -9.27 17.35
C TYR C 147 11.57 -9.23 16.70
N ARG C 148 12.34 -10.32 16.78
CA ARG C 148 13.68 -10.31 16.21
C ARG C 148 13.66 -10.46 14.69
N ILE C 149 12.68 -11.20 14.17
CA ILE C 149 12.61 -11.57 12.76
C ILE C 149 11.42 -10.85 12.13
N ASN C 150 11.57 -10.45 10.88
CA ASN C 150 10.47 -9.90 10.10
C ASN C 150 9.36 -10.96 10.01
N PRO C 151 8.13 -10.63 10.39
CA PRO C 151 7.06 -11.65 10.38
C PRO C 151 6.80 -12.26 9.01
N ALA C 152 6.96 -11.49 7.93
CA ALA C 152 6.81 -12.07 6.60
C ALA C 152 7.87 -13.14 6.33
N LEU C 153 9.11 -12.86 6.72
CA LEU C 153 10.18 -13.85 6.55
C LEU C 153 9.92 -15.09 7.40
N LEU C 154 9.42 -14.90 8.62
CA LEU C 154 9.11 -16.05 9.48
C LEU C 154 7.99 -16.88 8.86
N ARG C 155 6.98 -16.22 8.30
CA ARG C 155 5.89 -16.93 7.65
C ARG C 155 6.39 -17.71 6.45
N LEU C 156 7.26 -17.10 5.64
CA LEU C 156 7.81 -17.78 4.48
C LEU C 156 8.65 -19.00 4.89
N LEU C 157 9.46 -18.85 5.93
CA LEU C 157 10.28 -19.97 6.39
C LEU C 157 9.42 -21.10 6.95
N SER C 158 8.38 -20.76 7.71
CA SER C 158 7.48 -21.78 8.23
C SER C 158 6.75 -22.49 7.10
N LEU C 159 6.34 -21.74 6.07
CA LEU C 159 5.69 -22.35 4.91
C LEU C 159 6.64 -23.27 4.17
N VAL C 160 7.91 -22.88 4.04
CA VAL C 160 8.89 -23.73 3.37
C VAL C 160 9.10 -25.03 4.14
N GLY C 161 9.23 -24.93 5.46
CA GLY C 161 9.39 -26.13 6.28
C GLY C 161 8.18 -27.05 6.20
N PHE C 162 6.98 -26.46 6.26
CA PHE C 162 5.76 -27.26 6.14
C PHE C 162 5.67 -27.90 4.77
N ILE C 163 6.11 -27.20 3.72
CA ILE C 163 6.08 -27.75 2.37
C ILE C 163 7.05 -28.92 2.23
N LEU C 164 8.23 -28.82 2.83
CA LEU C 164 9.18 -29.93 2.79
C LEU C 164 8.63 -31.15 3.55
N LEU C 165 8.04 -30.92 4.72
CA LEU C 165 7.45 -32.03 5.47
C LEU C 165 6.29 -32.65 4.71
N ALA C 166 5.44 -31.82 4.09
CA ALA C 166 4.33 -32.33 3.30
C ALA C 166 4.84 -33.09 2.08
N ALA C 167 5.95 -32.65 1.48
CA ALA C 167 6.53 -33.38 0.37
C ALA C 167 7.02 -34.75 0.79
N HIS C 168 7.63 -34.84 1.97
CA HIS C 168 8.03 -36.15 2.50
C HIS C 168 6.81 -37.05 2.71
N GLY C 169 5.74 -36.49 3.29
CA GLY C 169 4.53 -37.28 3.50
C GLY C 169 3.87 -37.70 2.20
N ILE C 170 3.85 -36.82 1.21
CA ILE C 170 3.25 -37.14 -0.08
C ILE C 170 4.07 -38.19 -0.81
N ALA C 171 5.40 -38.12 -0.70
CA ALA C 171 6.25 -39.16 -1.28
C ALA C 171 5.99 -40.51 -0.62
N CYS C 172 5.81 -40.53 0.70
CA CYS C 172 5.46 -41.77 1.38
C CYS C 172 4.11 -42.29 0.90
N GLY C 173 3.12 -41.41 0.76
CA GLY C 173 1.81 -41.84 0.26
C GLY C 173 1.87 -42.36 -1.16
N TRP C 174 2.72 -41.76 -2.00
CA TRP C 174 2.89 -42.25 -3.36
C TRP C 174 3.58 -43.61 -3.38
N MET C 175 4.56 -43.81 -2.49
CA MET C 175 5.21 -45.11 -2.38
C MET C 175 4.24 -46.19 -1.93
N SER C 176 3.34 -45.84 -1.01
CA SER C 176 2.42 -46.85 -0.48
C SER C 176 1.50 -47.41 -1.55
N LEU C 177 0.96 -46.55 -2.41
CA LEU C 177 0.04 -46.97 -3.46
C LEU C 177 0.74 -47.20 -4.80
N GLN C 178 1.83 -47.98 -4.74
CA GLN C 178 2.61 -48.45 -5.88
C GLN C 178 2.54 -49.97 -5.97
N PRO C 179 2.69 -50.54 -7.16
CA PRO C 179 2.72 -52.01 -7.30
C PRO C 179 3.90 -52.60 -6.54
N PRO C 180 3.71 -53.75 -5.90
CA PRO C 180 4.80 -54.38 -5.14
C PRO C 180 5.89 -54.90 -6.08
N SER C 181 7.11 -54.38 -5.89
CA SER C 181 8.26 -54.81 -6.66
C SER C 181 9.46 -54.92 -5.74
N GLU C 182 10.43 -55.74 -6.16
CA GLU C 182 11.65 -55.94 -5.38
C GLU C 182 12.69 -54.92 -5.81
N ASN C 183 12.67 -53.78 -5.14
CA ASN C 183 13.61 -52.69 -5.37
C ASN C 183 14.14 -52.19 -4.04
N PRO C 184 15.36 -51.65 -4.02
CA PRO C 184 15.89 -51.08 -2.78
C PRO C 184 15.03 -49.92 -2.28
N ALA C 185 14.89 -49.84 -0.96
CA ALA C 185 14.00 -48.85 -0.35
C ALA C 185 14.45 -47.43 -0.66
N GLY C 186 15.76 -47.19 -0.65
CA GLY C 186 16.27 -45.88 -0.96
C GLY C 186 15.95 -45.43 -2.37
N THR C 187 16.05 -46.34 -3.35
CA THR C 187 15.70 -45.97 -4.72
C THR C 187 14.22 -45.63 -4.84
N ARG C 188 13.37 -46.38 -4.14
CA ARG C 188 11.93 -46.14 -4.23
C ARG C 188 11.54 -44.84 -3.53
N TYR C 189 12.28 -44.48 -2.48
CA TYR C 189 12.04 -43.18 -1.86
C TYR C 189 12.54 -42.06 -2.77
N LEU C 190 13.72 -42.23 -3.38
CA LEU C 190 14.25 -41.17 -4.22
C LEU C 190 13.38 -40.97 -5.45
N SER C 191 12.67 -42.02 -5.87
CA SER C 191 11.75 -41.89 -7.00
C SER C 191 10.46 -41.21 -6.58
N ALA C 192 9.91 -41.60 -5.42
CA ALA C 192 8.68 -40.95 -4.96
C ALA C 192 8.93 -39.48 -4.65
N PHE C 193 10.07 -39.16 -4.04
CA PHE C 193 10.41 -37.78 -3.74
C PHE C 193 10.66 -36.99 -5.02
N TYR C 194 11.29 -37.60 -6.02
CA TYR C 194 11.47 -36.94 -7.30
C TYR C 194 10.12 -36.63 -7.94
N TRP C 195 9.19 -37.58 -7.92
CA TRP C 195 7.86 -37.35 -8.49
C TRP C 195 7.12 -36.24 -7.76
N THR C 196 7.17 -36.24 -6.42
CA THR C 196 6.42 -35.22 -5.69
C THR C 196 7.05 -33.85 -5.82
N ILE C 197 8.38 -33.75 -5.92
CA ILE C 197 8.99 -32.45 -6.14
C ILE C 197 8.68 -31.94 -7.55
N THR C 198 8.67 -32.85 -8.53
CA THR C 198 8.30 -32.45 -9.88
C THR C 198 6.85 -31.98 -9.96
N THR C 199 5.96 -32.61 -9.19
CA THR C 199 4.56 -32.22 -9.21
C THR C 199 4.33 -30.91 -8.45
N LEU C 200 4.95 -30.75 -7.28
CA LEU C 200 4.68 -29.59 -6.43
C LEU C 200 5.19 -28.29 -7.04
N THR C 201 6.29 -28.36 -7.80
CA THR C 201 6.88 -27.18 -8.43
C THR C 201 6.21 -26.81 -9.74
N THR C 202 5.21 -27.57 -10.18
CA THR C 202 4.51 -27.37 -11.44
C THR C 202 5.46 -27.45 -12.64
N ILE C 203 6.51 -28.26 -12.52
CA ILE C 203 7.43 -28.49 -13.63
C ILE C 203 6.91 -29.61 -14.54
N GLY C 204 6.57 -30.76 -13.97
CA GLY C 204 5.91 -31.82 -14.70
C GLY C 204 6.67 -32.41 -15.87
N TYR C 205 7.78 -33.09 -15.57
CA TYR C 205 8.57 -33.74 -16.61
C TYR C 205 7.74 -34.79 -17.35
N GLY C 206 6.99 -35.61 -16.62
CA GLY C 206 6.15 -36.62 -17.23
C GLY C 206 6.77 -37.99 -17.35
N ASP C 207 7.99 -38.20 -16.86
CA ASP C 207 8.60 -39.53 -16.92
C ASP C 207 7.98 -40.48 -15.91
N ILE C 208 7.52 -39.96 -14.77
CA ILE C 208 6.80 -40.74 -13.77
C ILE C 208 5.36 -40.25 -13.75
N THR C 209 4.43 -41.13 -14.12
CA THR C 209 3.03 -40.76 -14.26
C THR C 209 2.14 -41.84 -13.66
N PRO C 210 0.88 -41.49 -13.33
CA PRO C 210 -0.07 -42.49 -12.85
C PRO C 210 -0.30 -43.64 -13.81
N SER C 211 -0.61 -44.81 -13.23
CA SER C 211 -0.87 -46.01 -14.01
C SER C 211 -2.19 -46.68 -13.63
N THR C 212 -2.72 -46.44 -12.43
CA THR C 212 -3.96 -47.01 -11.93
C THR C 212 -4.94 -45.89 -11.59
N PRO C 213 -6.24 -46.18 -11.53
CA PRO C 213 -7.20 -45.12 -11.15
C PRO C 213 -6.96 -44.51 -9.78
N THR C 214 -6.53 -45.30 -8.81
CA THR C 214 -6.19 -44.76 -7.49
C THR C 214 -4.99 -43.82 -7.57
N GLN C 215 -3.99 -44.20 -8.37
CA GLN C 215 -2.85 -43.32 -8.62
C GLN C 215 -3.30 -42.03 -9.27
N THR C 216 -4.26 -42.11 -10.20
CA THR C 216 -4.75 -40.92 -10.88
C THR C 216 -5.48 -39.98 -9.93
N VAL C 217 -6.32 -40.53 -9.05
CA VAL C 217 -7.04 -39.69 -8.07
C VAL C 217 -6.05 -39.04 -7.11
N TYR C 218 -5.08 -39.83 -6.61
CA TYR C 218 -4.06 -39.28 -5.73
C TYR C 218 -3.27 -38.18 -6.41
N THR C 219 -2.92 -38.38 -7.68
CA THR C 219 -2.17 -37.37 -8.43
C THR C 219 -2.99 -36.11 -8.64
N ILE C 220 -4.28 -36.24 -8.91
CA ILE C 220 -5.13 -35.06 -9.08
C ILE C 220 -5.15 -34.24 -7.79
N VAL C 221 -5.31 -34.94 -6.65
CA VAL C 221 -5.30 -34.25 -5.36
C VAL C 221 -3.96 -33.55 -5.13
N ILE C 222 -2.87 -34.26 -5.41
CA ILE C 222 -1.53 -33.70 -5.18
C ILE C 222 -1.27 -32.52 -6.11
N GLU C 223 -1.77 -32.58 -7.35
CA GLU C 223 -1.63 -31.46 -8.26
C GLU C 223 -2.35 -30.23 -7.74
N LEU C 224 -3.56 -30.42 -7.19
CA LEU C 224 -4.30 -29.29 -6.62
C LEU C 224 -3.55 -28.68 -5.44
N LEU C 225 -3.07 -29.53 -4.51
CA LEU C 225 -2.34 -28.99 -3.37
C LEU C 225 -1.02 -28.36 -3.79
N GLY C 226 -0.36 -28.89 -4.82
CA GLY C 226 0.87 -28.30 -5.30
C GLY C 226 0.66 -26.94 -5.91
N ALA C 227 -0.41 -26.78 -6.70
CA ALA C 227 -0.75 -25.47 -7.24
C ALA C 227 -1.05 -24.48 -6.10
N ALA C 228 -1.80 -24.93 -5.09
CA ALA C 228 -2.11 -24.06 -3.96
C ALA C 228 -0.84 -23.65 -3.21
N MET C 229 0.06 -24.60 -2.97
CA MET C 229 1.26 -24.31 -2.20
C MET C 229 2.22 -23.42 -2.98
N TYR C 230 2.35 -23.63 -4.29
CA TYR C 230 3.20 -22.76 -5.10
C TYR C 230 2.62 -21.34 -5.17
N GLY C 231 1.29 -21.22 -5.28
CA GLY C 231 0.68 -19.90 -5.23
C GLY C 231 0.91 -19.22 -3.89
N LEU C 232 0.84 -19.98 -2.79
CA LEU C 232 1.13 -19.43 -1.48
C LEU C 232 2.57 -18.93 -1.37
N VAL C 233 3.52 -19.71 -1.90
CA VAL C 233 4.92 -19.32 -1.88
C VAL C 233 5.13 -18.03 -2.68
N ILE C 234 4.52 -17.96 -3.87
CA ILE C 234 4.69 -16.78 -4.71
C ILE C 234 4.07 -15.55 -4.04
N GLY C 235 2.90 -15.73 -3.40
CA GLY C 235 2.29 -14.62 -2.68
C GLY C 235 3.13 -14.15 -1.50
N ASN C 236 3.71 -15.09 -0.75
CA ASN C 236 4.60 -14.72 0.34
C ASN C 236 5.81 -13.96 -0.15
N ILE C 237 6.41 -14.42 -1.25
CA ILE C 237 7.59 -13.74 -1.79
C ILE C 237 7.24 -12.34 -2.28
N ALA C 238 6.10 -12.20 -2.96
CA ALA C 238 5.68 -10.89 -3.45
C ALA C 238 5.42 -9.94 -2.29
N SER C 239 4.77 -10.43 -1.23
CA SER C 239 4.54 -9.60 -0.05
C SER C 239 5.85 -9.20 0.61
N LEU C 240 6.80 -10.13 0.71
CA LEU C 240 8.08 -9.82 1.32
C LEU C 240 8.84 -8.77 0.52
N VAL C 241 8.75 -8.83 -0.81
CA VAL C 241 9.53 -7.93 -1.64
C VAL C 241 8.87 -6.55 -1.76
N SER C 242 7.54 -6.48 -1.68
CA SER C 242 6.86 -5.19 -1.79
C SER C 242 7.25 -4.23 -0.67
N LYS C 243 7.45 -4.74 0.54
CA LYS C 243 7.71 -3.90 1.71
C LYS C 243 9.20 -3.70 1.99
N LEU C 244 10.09 -4.01 1.03
CA LEU C 244 11.52 -3.93 1.31
C LEU C 244 12.01 -2.49 1.39
N ASP C 245 11.93 -1.73 0.30
CA ASP C 245 12.51 -0.38 0.25
C ASP C 245 11.41 0.67 0.37
N ALA C 246 10.75 0.70 1.53
CA ALA C 246 9.62 1.60 1.73
C ALA C 246 10.06 3.06 1.82
N ALA C 247 11.08 3.33 2.63
CA ALA C 247 11.54 4.71 2.83
C ALA C 247 12.15 5.30 1.57
N LYS C 248 12.93 4.51 0.83
CA LYS C 248 13.51 5.00 -0.41
C LYS C 248 12.43 5.34 -1.43
N LEU C 249 11.40 4.49 -1.52
CA LEU C 249 10.30 4.77 -2.45
C LEU C 249 9.51 5.99 -2.03
N LEU C 250 9.28 6.16 -0.73
CA LEU C 250 8.57 7.34 -0.25
C LEU C 250 9.35 8.61 -0.58
N HIS C 251 10.68 8.59 -0.33
CA HIS C 251 11.50 9.75 -0.66
C HIS C 251 11.51 10.02 -2.16
N ARG C 252 11.59 8.96 -2.97
CA ARG C 252 11.60 9.12 -4.42
C ARG C 252 10.28 9.74 -4.89
N GLU C 253 9.16 9.34 -4.30
CA GLU C 253 7.87 9.88 -4.73
C GLU C 253 7.73 11.33 -4.30
N ARG C 254 8.25 11.66 -3.12
CA ARG C 254 8.22 13.06 -2.67
C ARG C 254 9.06 13.94 -3.61
N VAL C 255 10.25 13.48 -3.97
CA VAL C 255 11.11 14.25 -4.87
C VAL C 255 10.44 14.40 -6.25
N GLU C 256 9.81 13.33 -6.75
CA GLU C 256 9.15 13.40 -8.04
C GLU C 256 7.98 14.39 -8.00
N ARG C 257 7.15 14.32 -6.96
CA ARG C 257 6.01 15.22 -6.85
C ARG C 257 6.46 16.68 -6.74
N VAL C 258 7.48 16.95 -5.92
CA VAL C 258 7.98 18.32 -5.77
C VAL C 258 8.55 18.81 -7.09
N THR C 259 9.33 17.97 -7.79
CA THR C 259 9.92 18.39 -9.06
C THR C 259 8.86 18.66 -10.11
N ALA C 260 7.83 17.81 -10.18
CA ALA C 260 6.75 18.04 -11.14
C ALA C 260 5.99 19.32 -10.83
N PHE C 261 5.72 19.58 -9.55
CA PHE C 261 5.01 20.80 -9.19
C PHE C 261 5.84 22.03 -9.53
N LEU C 262 7.16 21.97 -9.29
CA LEU C 262 7.99 23.11 -9.66
C LEU C 262 8.10 23.25 -11.17
N SER C 263 7.99 22.13 -11.90
CA SER C 263 7.98 22.20 -13.35
C SER C 263 6.76 22.94 -13.84
N TYR C 264 5.60 22.70 -13.20
CA TYR C 264 4.38 23.39 -13.59
C TYR C 264 4.50 24.90 -13.37
N LYS C 265 5.09 25.30 -12.23
CA LYS C 265 5.21 26.70 -11.85
C LYS C 265 6.42 27.38 -12.49
N ARG C 266 7.12 26.71 -13.40
CA ARG C 266 8.24 27.25 -14.17
C ARG C 266 9.28 27.91 -13.24
N ILE C 267 9.83 27.08 -12.37
CA ILE C 267 10.89 27.49 -11.44
C ILE C 267 12.24 27.33 -12.14
N SER C 268 13.15 28.27 -11.88
CA SER C 268 14.45 28.26 -12.54
C SER C 268 15.25 27.02 -12.15
N PRO C 269 16.11 26.53 -13.05
CA PRO C 269 16.88 25.31 -12.75
C PRO C 269 17.79 25.43 -11.54
N GLU C 270 18.23 26.64 -11.17
CA GLU C 270 19.11 26.77 -10.00
C GLU C 270 18.38 26.42 -8.72
N LEU C 271 17.13 26.89 -8.56
CA LEU C 271 16.36 26.58 -7.37
C LEU C 271 16.01 25.09 -7.31
N GLN C 272 15.67 24.50 -8.47
CA GLN C 272 15.42 23.07 -8.52
C GLN C 272 16.66 22.28 -8.14
N ARG C 273 17.83 22.70 -8.62
CA ARG C 273 19.09 22.05 -8.26
C ARG C 273 19.37 22.15 -6.76
N ARG C 274 19.09 23.31 -6.17
CA ARG C 274 19.23 23.46 -4.72
C ARG C 274 18.26 22.55 -3.97
N ILE C 275 17.03 22.43 -4.45
CA ILE C 275 16.07 21.57 -3.78
C ILE C 275 16.51 20.11 -3.89
N ILE C 276 17.00 19.70 -5.07
CA ILE C 276 17.40 18.30 -5.25
C ILE C 276 18.61 17.98 -4.38
N GLU C 277 19.54 18.93 -4.24
CA GLU C 277 20.69 18.73 -3.36
C GLU C 277 20.25 18.64 -1.90
N TYR C 278 19.25 19.43 -1.51
CA TYR C 278 18.71 19.34 -0.15
C TYR C 278 18.11 17.96 0.08
N PHE C 279 17.18 17.55 -0.77
CA PHE C 279 16.52 16.25 -0.61
C PHE C 279 17.56 15.13 -0.57
N ASP C 280 18.59 15.21 -1.41
CA ASP C 280 19.66 14.22 -1.39
C ASP C 280 20.38 14.21 -0.05
N TYR C 281 20.68 15.39 0.50
CA TYR C 281 21.34 15.45 1.80
C TYR C 281 20.44 14.88 2.90
N LEU C 282 19.14 15.08 2.76
CA LEU C 282 18.19 14.52 3.72
C LEU C 282 18.20 13.01 3.67
N TRP C 283 18.29 12.44 2.45
CA TRP C 283 18.41 10.99 2.34
C TRP C 283 19.72 10.49 2.94
N GLU C 284 20.84 11.15 2.61
CA GLU C 284 22.14 10.67 3.10
C GLU C 284 22.34 10.93 4.59
N THR C 285 21.43 11.65 5.24
CA THR C 285 21.55 11.90 6.67
C THR C 285 20.49 11.17 7.49
N ARG C 286 19.21 11.40 7.23
CA ARG C 286 18.16 10.84 8.08
C ARG C 286 17.15 10.02 7.27
N ARG C 287 17.55 9.54 6.10
CA ARG C 287 16.71 8.70 5.24
C ARG C 287 15.40 9.39 4.87
N GLY C 288 15.43 10.71 4.73
CA GLY C 288 14.27 11.47 4.30
C GLY C 288 13.19 11.66 5.34
N TYR C 289 13.57 11.80 6.60
CA TYR C 289 12.62 11.88 7.71
C TYR C 289 12.67 13.25 8.35
N GLU C 290 11.51 13.88 8.53
CA GLU C 290 11.41 15.15 9.21
C GLU C 290 11.43 14.92 10.71
N GLU C 291 12.15 15.79 11.43
CA GLU C 291 12.25 15.66 12.88
C GLU C 291 10.90 15.79 13.57
N ARG C 292 10.06 16.72 13.14
CA ARG C 292 8.81 17.00 13.83
C ARG C 292 7.84 15.81 13.82
N GLU C 293 7.74 15.11 12.69
CA GLU C 293 6.85 13.93 12.57
C GLU C 293 7.40 12.71 13.33
N VAL C 294 8.71 12.53 13.45
CA VAL C 294 9.34 11.42 14.22
C VAL C 294 9.11 11.59 15.73
N LEU C 295 9.17 12.81 16.24
CA LEU C 295 9.09 13.02 17.70
C LEU C 295 7.65 13.14 18.17
N LYS C 296 6.67 13.10 17.28
CA LYS C 296 5.24 13.07 17.67
C LYS C 296 4.83 11.61 17.85
N GLU C 297 5.78 10.71 17.69
CA GLU C 297 5.54 9.27 17.85
C GLU C 297 5.95 8.87 19.25
N LEU C 298 6.28 9.84 20.11
CA LEU C 298 6.77 9.54 21.48
C LEU C 298 5.92 10.20 22.59
N PRO C 299 5.70 9.63 23.81
CA PRO C 299 4.99 10.30 24.90
C PRO C 299 5.79 11.49 25.42
N HIS C 300 5.10 12.31 26.21
CA HIS C 300 5.71 13.54 26.73
C HIS C 300 6.99 13.32 27.52
N PRO C 301 7.08 12.35 28.45
CA PRO C 301 8.37 12.16 29.15
C PRO C 301 9.51 11.74 28.25
N LEU C 302 9.26 10.84 27.29
CA LEU C 302 10.32 10.42 26.39
C LEU C 302 10.71 11.56 25.44
N ARG C 303 9.73 12.32 24.97
CA ARG C 303 10.03 13.48 24.13
C ARG C 303 10.86 14.50 24.90
N LEU C 304 10.52 14.74 26.17
CA LEU C 304 11.29 15.66 26.99
C LEU C 304 12.71 15.16 27.22
N ALA C 305 12.86 13.85 27.45
CA ALA C 305 14.19 13.28 27.65
C ALA C 305 15.04 13.42 26.40
N VAL C 306 14.47 13.14 25.23
CA VAL C 306 15.20 13.27 23.97
C VAL C 306 15.59 14.73 23.74
N ALA C 307 14.65 15.65 23.96
CA ALA C 307 14.95 17.06 23.75
C ALA C 307 16.03 17.56 24.69
N MET C 308 15.99 17.12 25.96
CA MET C 308 17.05 17.49 26.90
C MET C 308 18.39 16.93 26.46
N GLU C 309 18.44 15.65 26.11
CA GLU C 309 19.70 15.05 25.70
C GLU C 309 20.24 15.67 24.42
N ILE C 310 19.39 16.28 23.59
CA ILE C 310 19.90 16.93 22.39
C ILE C 310 20.37 18.35 22.68
N HIS C 311 19.60 19.12 23.45
CA HIS C 311 19.80 20.57 23.53
C HIS C 311 20.31 21.08 24.88
N GLY C 312 20.62 20.21 25.83
CA GLY C 312 20.90 20.66 27.18
C GLY C 312 22.07 21.60 27.41
N ASP C 313 23.29 21.18 27.06
CA ASP C 313 24.46 22.05 27.25
C ASP C 313 24.35 23.31 26.39
N VAL C 314 23.84 23.17 25.16
CA VAL C 314 23.73 24.30 24.25
C VAL C 314 22.80 25.35 24.82
N ILE C 315 21.67 24.93 25.40
CA ILE C 315 20.78 25.91 26.01
C ILE C 315 21.42 26.46 27.28
N GLU C 316 21.85 25.56 28.18
CA GLU C 316 22.33 25.96 29.50
C GLU C 316 23.39 27.05 29.40
N LYS C 317 24.30 26.94 28.43
CA LYS C 317 25.39 27.92 28.28
C LYS C 317 24.93 29.13 27.46
N VAL C 318 23.91 29.84 27.95
CA VAL C 318 23.45 31.08 27.35
C VAL C 318 23.49 32.18 28.41
N PRO C 319 24.08 33.35 28.11
CA PRO C 319 24.20 34.41 29.13
C PRO C 319 22.85 34.83 29.70
N LEU C 320 21.85 34.94 28.82
CA LEU C 320 20.53 35.43 29.20
C LEU C 320 19.86 34.50 30.21
N PHE C 321 20.02 33.19 30.03
CA PHE C 321 19.28 32.21 30.81
C PHE C 321 20.13 31.57 31.91
N LYS C 322 21.34 31.85 32.08
CA LYS C 322 22.12 31.20 33.16
C LYS C 322 21.52 31.63 34.50
N GLY C 323 21.58 30.86 35.48
CA GLY C 323 21.06 31.06 36.81
C GLY C 323 19.55 30.93 36.92
N ALA C 324 18.87 30.59 35.83
CA ALA C 324 17.43 30.34 35.85
C ALA C 324 17.12 28.89 36.20
N GLY C 325 15.84 28.63 36.46
CA GLY C 325 15.38 27.35 36.93
C GLY C 325 15.48 26.28 35.88
N GLU C 326 15.12 25.06 36.28
CA GLU C 326 15.12 23.93 35.35
C GLU C 326 13.83 23.85 34.54
N GLU C 327 12.70 24.22 35.13
CA GLU C 327 11.43 24.21 34.39
C GLU C 327 11.42 25.20 33.23
N PHE C 328 12.00 26.40 33.43
CA PHE C 328 12.10 27.35 32.32
C PHE C 328 12.97 26.78 31.21
N ILE C 329 14.07 26.13 31.59
CA ILE C 329 14.94 25.51 30.62
C ILE C 329 14.19 24.41 29.88
N ARG C 330 13.34 23.66 30.59
CA ARG C 330 12.58 22.60 29.95
C ARG C 330 11.61 23.15 28.92
N ASP C 331 10.99 24.29 29.23
CA ASP C 331 10.03 24.90 28.28
C ASP C 331 10.76 25.32 27.01
N ILE C 332 11.92 25.97 27.18
CA ILE C 332 12.71 26.34 26.01
C ILE C 332 13.14 25.08 25.25
N ILE C 333 13.58 24.05 25.97
CA ILE C 333 14.11 22.85 25.35
C ILE C 333 12.98 22.12 24.62
N LEU C 334 11.73 22.40 25.00
CA LEU C 334 10.55 21.84 24.36
C LEU C 334 10.00 22.70 23.22
N HIS C 335 10.49 23.93 23.04
CA HIS C 335 9.91 24.81 22.03
C HIS C 335 10.90 25.18 20.92
N LEU C 336 12.05 24.52 20.85
CA LEU C 336 13.03 24.75 19.79
C LEU C 336 12.59 24.06 18.50
N GLU C 337 12.58 24.81 17.39
CA GLU C 337 12.06 24.25 16.14
C GLU C 337 13.21 23.95 15.18
N PRO C 338 13.32 22.70 14.71
CA PRO C 338 14.36 22.35 13.73
C PRO C 338 14.20 23.06 12.39
N VAL C 339 15.32 23.51 11.83
CA VAL C 339 15.34 24.12 10.50
C VAL C 339 16.70 23.82 9.87
N ILE C 340 16.70 23.30 8.64
CA ILE C 340 17.92 23.01 7.91
C ILE C 340 18.15 24.10 6.88
N TYR C 341 19.34 24.71 6.92
CA TYR C 341 19.75 25.72 5.97
C TYR C 341 20.81 25.15 5.03
N GLY C 342 20.62 25.36 3.73
CA GLY C 342 21.55 24.85 2.74
C GLY C 342 22.81 25.69 2.69
N PRO C 343 23.80 25.20 1.95
CA PRO C 343 25.07 25.93 1.82
C PRO C 343 24.87 27.24 1.05
N GLY C 344 25.43 28.33 1.60
CA GLY C 344 25.32 29.63 1.00
C GLY C 344 24.02 30.35 1.25
N GLU C 345 23.12 29.78 2.04
CA GLU C 345 21.83 30.39 2.32
C GLU C 345 21.97 31.47 3.39
N TYR C 346 21.05 32.43 3.34
CA TYR C 346 21.01 33.52 4.31
C TYR C 346 20.22 33.06 5.54
N ILE C 347 20.84 33.18 6.70
CA ILE C 347 20.10 32.88 7.95
C ILE C 347 19.64 34.22 8.50
N ILE C 348 20.55 35.14 8.82
CA ILE C 348 20.21 36.50 9.32
C ILE C 348 20.84 37.47 8.32
N ARG C 349 20.09 38.48 7.89
CA ARG C 349 20.66 39.49 6.97
C ARG C 349 20.91 40.79 7.74
N ALA C 350 22.02 41.46 7.46
CA ALA C 350 22.29 42.73 8.12
C ALA C 350 21.19 43.75 7.81
N GLY C 351 20.75 44.46 8.85
CA GLY C 351 19.80 45.53 8.70
C GLY C 351 18.34 45.15 8.84
N GLU C 352 18.03 43.85 8.88
CA GLU C 352 16.64 43.47 9.12
C GLU C 352 16.30 43.64 10.59
N MET C 353 15.00 43.73 10.88
CA MET C 353 14.52 43.83 12.25
C MET C 353 14.96 42.62 13.06
N GLY C 354 14.42 41.44 12.75
CA GLY C 354 14.81 40.22 13.41
C GLY C 354 14.05 39.87 14.67
N SER C 355 13.64 38.61 14.80
CA SER C 355 12.82 38.19 15.93
C SER C 355 13.18 36.81 16.45
N ASP C 356 14.22 36.16 15.93
CA ASP C 356 14.49 34.77 16.25
C ASP C 356 15.92 34.59 16.75
N VAL C 357 16.13 33.52 17.51
CA VAL C 357 17.46 33.10 17.94
C VAL C 357 17.72 31.69 17.42
N TYR C 358 18.98 31.41 17.10
CA TYR C 358 19.37 30.17 16.45
C TYR C 358 20.46 29.47 17.25
N PHE C 359 20.29 28.16 17.44
CA PHE C 359 21.28 27.31 18.10
C PHE C 359 21.84 26.33 17.08
N ILE C 360 23.17 26.33 16.94
CA ILE C 360 23.82 25.46 15.98
C ILE C 360 23.91 24.05 16.55
N ASN C 361 23.48 23.07 15.77
CA ASN C 361 23.50 21.66 16.20
C ASN C 361 24.48 20.80 15.42
N ARG C 362 24.56 20.96 14.11
CA ARG C 362 25.42 20.11 13.29
C ARG C 362 26.34 20.87 12.35
N GLY C 363 25.88 21.97 11.77
CA GLY C 363 26.61 22.64 10.70
C GLY C 363 27.60 23.67 11.19
N SER C 364 28.07 24.47 10.24
CA SER C 364 29.02 25.55 10.50
C SER C 364 28.51 26.83 9.85
N VAL C 365 28.94 27.97 10.39
CA VAL C 365 28.38 29.27 10.04
C VAL C 365 29.51 30.28 9.93
N GLU C 366 29.33 31.28 9.05
CA GLU C 366 30.24 32.41 8.90
C GLU C 366 29.52 33.72 9.19
N VAL C 367 29.98 34.44 10.21
CA VAL C 367 29.45 35.77 10.48
C VAL C 367 30.22 36.77 9.62
N LEU C 368 29.48 37.66 8.94
CA LEU C 368 30.06 38.53 7.93
C LEU C 368 29.46 39.92 8.06
N SER C 369 30.12 40.89 7.44
CA SER C 369 29.74 42.30 7.50
C SER C 369 28.53 42.57 6.61
N ALA C 370 28.04 43.80 6.68
CA ALA C 370 26.88 44.19 5.87
C ALA C 370 27.23 44.07 4.39
N ASP C 371 28.45 44.45 4.02
CA ASP C 371 28.94 44.37 2.66
C ASP C 371 29.64 43.05 2.39
N GLU C 372 29.70 42.17 3.40
CA GLU C 372 30.27 40.82 3.29
C GLU C 372 31.72 40.85 2.82
N LYS C 373 32.51 41.76 3.41
CA LYS C 373 33.93 41.85 3.10
C LYS C 373 34.82 41.29 4.21
N THR C 374 34.39 41.33 5.46
CA THR C 374 35.21 40.89 6.60
C THR C 374 34.49 39.80 7.37
N ARG C 375 35.22 38.74 7.70
CA ARG C 375 34.68 37.62 8.45
C ARG C 375 34.87 37.88 9.94
N TYR C 376 33.78 38.19 10.65
CA TYR C 376 33.87 38.36 12.10
C TYR C 376 34.26 37.07 12.81
N ALA C 377 33.62 35.96 12.46
CA ALA C 377 33.85 34.72 13.19
C ALA C 377 33.28 33.54 12.42
N ILE C 378 33.69 32.35 12.85
CA ILE C 378 33.19 31.08 12.34
C ILE C 378 32.61 30.32 13.52
N LEU C 379 31.36 29.91 13.40
CA LEU C 379 30.65 29.23 14.48
C LEU C 379 30.43 27.76 14.14
N SER C 380 30.67 26.92 15.14
CA SER C 380 30.56 25.47 15.02
C SER C 380 29.50 24.96 15.99
N GLU C 381 29.47 23.65 16.18
CA GLU C 381 28.52 23.02 17.10
C GLU C 381 28.66 23.59 18.51
N GLY C 382 27.54 23.58 19.24
CA GLY C 382 27.51 24.01 20.62
C GLY C 382 27.40 25.50 20.85
N GLN C 383 27.41 26.31 19.81
CA GLN C 383 27.34 27.75 19.92
C GLN C 383 25.99 28.23 19.37
N PHE C 384 25.82 29.56 19.40
CA PHE C 384 24.55 30.18 19.01
C PHE C 384 24.82 31.58 18.51
N PHE C 385 23.81 32.15 17.84
CA PHE C 385 23.88 33.52 17.38
C PHE C 385 22.49 34.11 17.36
N GLY C 386 22.41 35.44 17.35
CA GLY C 386 21.14 36.11 17.42
C GLY C 386 20.56 36.21 18.82
N GLU C 387 21.40 36.13 19.85
CA GLU C 387 20.90 36.17 21.21
C GLU C 387 20.40 37.54 21.61
N MET C 388 20.85 38.60 20.93
CA MET C 388 20.40 39.96 21.22
C MET C 388 19.16 40.31 20.40
N ALA C 389 18.17 39.42 20.44
CA ALA C 389 16.87 39.67 19.84
C ALA C 389 15.70 39.25 20.72
N LEU C 390 15.93 38.45 21.77
CA LEU C 390 14.89 38.10 22.71
C LEU C 390 14.71 39.15 23.80
N ILE C 391 15.57 40.16 23.83
CA ILE C 391 15.45 41.23 24.81
C ILE C 391 15.30 42.60 24.16
N LEU C 392 15.60 42.76 22.88
CA LEU C 392 15.34 43.99 22.16
C LEU C 392 14.95 43.65 20.72
N ARG C 393 14.16 44.54 20.12
CA ARG C 393 13.69 44.30 18.77
C ARG C 393 14.42 45.26 17.84
N ALA C 394 15.74 45.35 18.03
CA ALA C 394 16.59 46.30 17.33
C ALA C 394 17.01 45.74 15.98
N PRO C 395 17.51 46.59 15.06
CA PRO C 395 18.10 46.05 13.82
C PRO C 395 19.30 45.16 14.10
N ARG C 396 19.49 44.16 13.24
CA ARG C 396 20.51 43.16 13.47
C ARG C 396 21.90 43.77 13.27
N THR C 397 22.92 43.09 13.81
CA THR C 397 24.26 43.65 13.82
C THR C 397 25.25 42.96 12.88
N ALA C 398 24.84 41.92 12.16
CA ALA C 398 25.74 41.28 11.19
C ALA C 398 24.92 40.33 10.31
N THR C 399 25.60 39.76 9.33
CA THR C 399 25.03 38.84 8.35
C THR C 399 25.52 37.44 8.65
N VAL C 400 24.63 36.46 8.62
CA VAL C 400 24.97 35.08 8.97
C VAL C 400 24.78 34.21 7.74
N ARG C 401 25.82 33.48 7.35
CA ARG C 401 25.76 32.64 6.17
C ARG C 401 26.20 31.22 6.54
N ALA C 402 25.72 30.25 5.76
CA ALA C 402 25.98 28.84 6.02
C ALA C 402 27.07 28.31 5.10
N ARG C 403 28.08 27.65 5.69
CA ARG C 403 29.11 27.00 4.89
C ARG C 403 28.56 25.78 4.18
N ALA C 404 28.07 24.80 4.94
CA ALA C 404 27.42 23.60 4.44
C ALA C 404 26.01 23.54 5.04
N PHE C 405 25.36 22.39 4.86
CA PHE C 405 24.06 22.19 5.47
C PHE C 405 24.17 22.31 6.99
N CYS C 406 23.28 23.09 7.60
CA CYS C 406 23.44 23.50 8.98
C CYS C 406 22.71 22.59 9.96
N ASP C 407 21.40 22.39 9.76
CA ASP C 407 20.55 21.61 10.65
C ASP C 407 20.60 22.19 12.07
N LEU C 408 20.08 23.42 12.18
CA LEU C 408 20.12 24.18 13.42
C LEU C 408 18.69 24.39 13.95
N TYR C 409 18.61 24.72 15.23
CA TYR C 409 17.32 24.93 15.87
C TYR C 409 17.05 26.42 16.01
N ARG C 410 15.77 26.77 16.15
CA ARG C 410 15.36 28.16 16.19
C ARG C 410 14.24 28.39 17.17
N LEU C 411 14.37 29.44 17.99
CA LEU C 411 13.33 29.87 18.90
C LEU C 411 12.87 31.28 18.54
N ASP C 412 11.58 31.44 18.28
CA ASP C 412 11.00 32.74 17.96
C ASP C 412 10.74 33.54 19.24
N LYS C 413 10.63 34.85 19.08
CA LYS C 413 10.36 35.74 20.21
C LYS C 413 8.90 35.69 20.66
N GLU C 414 8.00 35.15 19.84
CA GLU C 414 6.61 35.02 20.25
C GLU C 414 6.44 33.91 21.27
N THR C 415 7.02 32.73 21.01
CA THR C 415 6.93 31.65 21.98
C THR C 415 7.69 31.99 23.26
N PHE C 416 8.82 32.68 23.13
CA PHE C 416 9.58 33.10 24.29
C PHE C 416 8.78 34.08 25.15
N ASP C 417 8.10 35.04 24.53
CA ASP C 417 7.26 35.96 25.30
C ASP C 417 6.06 35.26 25.89
N ARG C 418 5.54 34.27 25.18
CA ARG C 418 4.35 33.54 25.64
C ARG C 418 4.73 32.83 26.92
N ILE C 419 5.81 32.09 26.88
CA ILE C 419 6.23 31.30 28.03
C ILE C 419 6.84 32.15 29.14
N LEU C 420 7.28 33.38 28.84
CA LEU C 420 7.84 34.24 29.88
C LEU C 420 6.78 34.83 30.80
N SER C 421 5.51 34.73 30.43
CA SER C 421 4.42 35.26 31.26
C SER C 421 4.29 34.47 32.57
N ARG C 422 4.52 33.17 32.53
CA ARG C 422 4.38 32.29 33.69
C ARG C 422 5.66 32.19 34.53
N TYR C 423 6.72 32.91 34.18
CA TYR C 423 7.96 32.95 34.96
C TYR C 423 8.36 34.42 35.08
N PRO C 424 7.68 35.18 35.93
CA PRO C 424 7.94 36.63 35.97
C PRO C 424 9.33 37.01 36.44
N GLU C 425 9.99 36.20 37.28
CA GLU C 425 11.30 36.60 37.78
C GLU C 425 12.27 36.78 36.62
N ILE C 426 12.27 35.82 35.70
CA ILE C 426 13.16 35.91 34.54
C ILE C 426 12.70 37.08 33.69
N ALA C 427 11.38 37.29 33.61
CA ALA C 427 10.87 38.36 32.76
C ALA C 427 11.42 39.70 33.26
N ALA C 428 11.49 39.87 34.59
CA ALA C 428 12.03 41.08 35.17
C ALA C 428 13.51 41.22 34.82
N GLN C 429 14.25 40.11 34.90
CA GLN C 429 15.68 40.16 34.55
C GLN C 429 15.87 40.54 33.09
N ILE C 430 15.00 40.02 32.21
CA ILE C 430 15.05 40.38 30.79
C ILE C 430 14.70 41.85 30.60
N GLN C 431 13.67 42.34 31.31
CA GLN C 431 13.26 43.73 31.11
C GLN C 431 14.34 44.69 31.59
N GLU C 432 14.99 44.38 32.71
CA GLU C 432 16.10 45.22 33.17
C GLU C 432 17.27 45.13 32.19
N LEU C 433 17.50 43.94 31.61
CA LEU C 433 18.56 43.80 30.61
C LEU C 433 18.29 44.66 29.39
N ALA C 434 17.03 44.79 29.00
CA ALA C 434 16.64 45.64 27.89
C ALA C 434 16.83 47.11 28.23
N THR D 29 35.77 10.78 -11.15
CA THR D 29 35.04 9.94 -12.09
C THR D 29 35.91 8.78 -12.57
N TYR D 30 37.12 8.69 -12.02
CA TYR D 30 38.03 7.60 -12.36
C TYR D 30 37.64 6.27 -11.70
N THR D 31 36.82 6.31 -10.65
CA THR D 31 36.43 5.07 -9.98
C THR D 31 35.40 4.28 -10.77
N LEU D 32 34.65 4.93 -11.67
CA LEU D 32 33.67 4.20 -12.47
C LEU D 32 34.36 3.23 -13.44
N VAL D 33 35.49 3.66 -14.02
CA VAL D 33 36.25 2.77 -14.91
C VAL D 33 36.75 1.56 -14.14
N TRP D 34 37.25 1.78 -12.92
CA TRP D 34 37.72 0.67 -12.10
C TRP D 34 36.58 -0.27 -11.73
N LYS D 35 35.40 0.29 -11.40
CA LYS D 35 34.25 -0.55 -11.07
C LYS D 35 33.81 -1.38 -12.27
N VAL D 36 33.78 -0.77 -13.45
CA VAL D 36 33.40 -1.51 -14.67
C VAL D 36 34.43 -2.61 -14.96
N TRP D 37 35.71 -2.31 -14.75
CA TRP D 37 36.74 -3.31 -14.97
C TRP D 37 36.61 -4.47 -13.99
N ILE D 38 36.28 -4.17 -12.73
CA ILE D 38 36.08 -5.22 -11.73
C ILE D 38 34.85 -6.06 -12.08
N LEU D 39 33.79 -5.42 -12.58
CA LEU D 39 32.63 -6.17 -13.04
C LEU D 39 32.99 -7.10 -14.19
N ALA D 40 33.79 -6.60 -15.15
CA ALA D 40 34.20 -7.45 -16.26
C ALA D 40 35.05 -8.63 -15.79
N VAL D 41 35.95 -8.38 -14.82
CA VAL D 41 36.81 -9.45 -14.31
C VAL D 41 35.97 -10.50 -13.58
N THR D 42 35.01 -10.07 -12.77
CA THR D 42 34.21 -11.06 -12.05
C THR D 42 33.26 -11.80 -12.98
N LEU D 43 32.77 -11.16 -14.04
CA LEU D 43 31.98 -11.90 -15.03
C LEU D 43 32.87 -12.89 -15.79
N TYR D 44 34.15 -12.57 -15.92
CA TYR D 44 35.08 -13.48 -16.56
C TYR D 44 35.28 -14.71 -15.70
N TYR D 45 35.51 -14.50 -14.40
CA TYR D 45 35.68 -15.66 -13.52
C TYR D 45 34.40 -16.49 -13.43
N ALA D 46 33.24 -15.81 -13.42
CA ALA D 46 31.95 -16.49 -13.38
C ALA D 46 31.73 -17.40 -14.60
N ILE D 47 32.19 -16.96 -15.77
CA ILE D 47 32.02 -17.78 -16.97
C ILE D 47 33.13 -18.83 -17.08
N ARG D 48 34.36 -18.49 -16.82
CA ARG D 48 35.48 -19.43 -17.06
C ARG D 48 35.60 -20.50 -15.99
N ILE D 49 35.48 -20.11 -14.71
CA ILE D 49 35.73 -21.12 -13.65
C ILE D 49 34.90 -22.39 -13.81
N PRO D 50 33.56 -22.34 -13.88
CA PRO D 50 32.83 -23.62 -14.06
C PRO D 50 33.14 -24.29 -15.39
N LEU D 51 33.38 -23.50 -16.44
CA LEU D 51 33.69 -24.06 -17.75
C LEU D 51 35.01 -24.82 -17.74
N THR D 52 36.04 -24.28 -17.08
CA THR D 52 37.30 -25.01 -16.98
C THR D 52 37.25 -26.10 -15.93
N LEU D 53 36.31 -26.02 -14.98
CA LEU D 53 36.07 -27.16 -14.11
C LEU D 53 35.52 -28.34 -14.90
N VAL D 54 34.60 -28.09 -15.83
CA VAL D 54 34.11 -29.15 -16.69
C VAL D 54 35.18 -29.58 -17.68
N PHE D 55 35.86 -28.62 -18.30
CA PHE D 55 36.87 -28.91 -19.31
C PHE D 55 38.24 -28.47 -18.77
N PRO D 56 39.06 -29.40 -18.26
CA PRO D 56 40.37 -28.99 -17.72
C PRO D 56 41.36 -28.58 -18.79
N SER D 57 41.04 -28.75 -20.08
CA SER D 57 41.94 -28.33 -21.14
C SER D 57 42.09 -26.81 -21.17
N LEU D 58 41.01 -26.08 -20.93
CA LEU D 58 41.03 -24.62 -21.02
C LEU D 58 41.63 -24.01 -19.75
N PHE D 59 42.94 -24.14 -19.63
CA PHE D 59 43.68 -23.49 -18.56
C PHE D 59 44.99 -22.85 -19.00
N SER D 60 45.64 -23.35 -20.04
CA SER D 60 46.85 -22.75 -20.60
C SER D 60 46.55 -21.62 -21.58
N PRO D 61 45.60 -21.76 -22.53
CA PRO D 61 45.34 -20.64 -23.45
C PRO D 61 44.85 -19.38 -22.75
N LEU D 62 44.11 -19.50 -21.64
CA LEU D 62 43.61 -18.35 -20.91
C LEU D 62 44.42 -18.05 -19.66
N LEU D 63 45.65 -18.57 -19.58
CA LEU D 63 46.51 -18.30 -18.43
C LEU D 63 46.87 -16.83 -18.27
N PRO D 64 47.30 -16.08 -19.31
CA PRO D 64 47.62 -14.66 -19.07
C PRO D 64 46.44 -13.84 -18.60
N LEU D 65 45.24 -14.11 -19.11
CA LEU D 65 44.06 -13.40 -18.64
C LEU D 65 43.77 -13.73 -17.18
N ASP D 66 43.97 -14.99 -16.79
CA ASP D 66 43.76 -15.39 -15.41
C ASP D 66 44.75 -14.69 -14.48
N ILE D 67 46.02 -14.62 -14.89
CA ILE D 67 47.03 -13.93 -14.08
C ILE D 67 46.70 -12.45 -13.96
N LEU D 68 46.32 -11.81 -15.06
CA LEU D 68 46.01 -10.40 -15.04
C LEU D 68 44.79 -10.11 -14.16
N ALA D 69 43.77 -10.95 -14.24
CA ALA D 69 42.60 -10.77 -13.38
C ALA D 69 42.94 -11.04 -11.93
N SER D 70 43.87 -11.97 -11.66
CA SER D 70 44.28 -12.23 -10.28
C SER D 70 45.00 -11.03 -9.71
N LEU D 71 45.85 -10.39 -10.51
CA LEU D 71 46.50 -9.16 -10.05
C LEU D 71 45.47 -8.06 -9.83
N ALA D 72 44.51 -7.92 -10.75
CA ALA D 72 43.49 -6.89 -10.62
C ALA D 72 42.71 -7.06 -9.33
N LEU D 73 42.34 -8.31 -9.01
CA LEU D 73 41.60 -8.60 -7.77
C LEU D 73 42.46 -8.35 -6.54
N ILE D 74 43.75 -8.68 -6.63
CA ILE D 74 44.65 -8.43 -5.50
C ILE D 74 44.77 -6.94 -5.22
N ALA D 75 44.89 -6.14 -6.28
CA ALA D 75 45.06 -4.69 -6.13
C ALA D 75 43.75 -3.94 -5.92
N ASP D 76 42.60 -4.60 -6.12
CA ASP D 76 41.33 -3.89 -6.00
C ASP D 76 41.07 -3.39 -4.59
N ILE D 77 41.32 -4.21 -3.58
CA ILE D 77 40.96 -3.85 -2.20
C ILE D 77 41.89 -2.76 -1.66
N PRO D 78 43.19 -2.68 -2.05
CA PRO D 78 43.91 -1.42 -1.79
C PRO D 78 43.21 -0.20 -2.35
N LEU D 79 42.64 -0.31 -3.56
CA LEU D 79 41.92 0.79 -4.18
C LEU D 79 40.48 0.89 -3.67
N ASP D 80 39.98 -0.13 -2.98
CA ASP D 80 38.71 -0.03 -2.31
C ASP D 80 38.85 0.76 -1.00
N LEU D 81 39.94 0.55 -0.27
CA LEU D 81 40.17 1.33 0.94
C LEU D 81 40.41 2.80 0.64
N ALA D 82 41.18 3.10 -0.40
CA ALA D 82 41.40 4.48 -0.78
C ALA D 82 40.20 5.02 -1.57
N PHE D 83 39.80 6.24 -1.25
CA PHE D 83 38.63 6.90 -1.84
C PHE D 83 37.38 6.03 -1.70
N GLU D 84 36.98 5.83 -0.44
CA GLU D 84 35.81 5.02 -0.13
C GLU D 84 34.53 5.63 -0.67
N SER D 99 30.95 -7.99 6.22
CA SER D 99 30.72 -7.05 5.12
C SER D 99 31.99 -6.82 4.32
N ARG D 100 33.09 -7.43 4.76
CA ARG D 100 34.37 -7.31 4.07
C ARG D 100 35.04 -8.64 3.77
N LEU D 101 34.62 -9.71 4.46
CA LEU D 101 35.19 -11.05 4.19
C LEU D 101 35.12 -11.35 2.67
N PRO D 102 33.98 -11.21 1.93
CA PRO D 102 34.00 -11.54 0.50
C PRO D 102 35.17 -10.98 -0.28
N ASP D 103 35.61 -9.75 0.01
CA ASP D 103 36.75 -9.17 -0.68
C ASP D 103 38.03 -9.96 -0.40
N LEU D 104 38.25 -10.33 0.86
CA LEU D 104 39.45 -11.08 1.20
C LEU D 104 39.39 -12.50 0.63
N LEU D 105 38.21 -13.13 0.65
CA LEU D 105 38.09 -14.49 0.14
C LEU D 105 38.23 -14.56 -1.37
N ALA D 106 37.76 -13.53 -2.09
CA ALA D 106 37.95 -13.48 -3.53
C ALA D 106 39.31 -12.92 -3.93
N ALA D 107 40.02 -12.26 -3.02
CA ALA D 107 41.31 -11.67 -3.38
C ALA D 107 42.38 -12.73 -3.56
N LEU D 108 42.48 -13.67 -2.62
CA LEU D 108 43.54 -14.67 -2.70
C LEU D 108 43.25 -15.68 -3.80
N PRO D 109 44.28 -16.13 -4.53
CA PRO D 109 44.06 -17.08 -5.63
C PRO D 109 43.97 -18.52 -5.19
N LEU D 110 42.76 -18.93 -4.76
CA LEU D 110 42.52 -20.34 -4.48
C LEU D 110 42.48 -21.17 -5.76
N ASP D 111 42.26 -20.55 -6.91
CA ASP D 111 42.49 -21.17 -8.20
C ASP D 111 43.98 -21.03 -8.52
N LEU D 112 44.36 -21.37 -9.76
CA LEU D 112 45.74 -21.42 -10.25
C LEU D 112 46.56 -22.52 -9.56
N LEU D 113 45.98 -23.24 -8.62
CA LEU D 113 46.61 -24.39 -7.98
C LEU D 113 45.79 -25.66 -8.13
N VAL D 114 44.47 -25.56 -8.10
CA VAL D 114 43.62 -26.72 -8.34
C VAL D 114 43.66 -27.11 -9.82
N PHE D 115 43.96 -26.17 -10.72
CA PHE D 115 44.12 -26.46 -12.13
C PHE D 115 45.57 -26.72 -12.51
N ALA D 116 46.52 -26.44 -11.62
CA ALA D 116 47.94 -26.71 -11.85
C ALA D 116 48.38 -28.04 -11.27
N LEU D 117 47.97 -28.35 -10.05
CA LEU D 117 48.28 -29.63 -9.42
C LEU D 117 47.29 -30.73 -9.78
N HIS D 118 46.22 -30.39 -10.50
CA HIS D 118 45.22 -31.35 -10.97
C HIS D 118 44.60 -32.10 -9.77
N LEU D 119 43.91 -31.34 -8.93
CA LEU D 119 43.32 -31.90 -7.74
C LEU D 119 42.07 -32.72 -8.10
N PRO D 120 41.63 -33.61 -7.21
CA PRO D 120 40.44 -34.41 -7.49
C PRO D 120 39.17 -33.58 -7.32
N SER D 121 38.05 -34.21 -7.68
CA SER D 121 36.77 -33.48 -7.71
C SER D 121 36.38 -32.87 -6.36
N PRO D 122 36.52 -33.56 -5.19
CA PRO D 122 36.09 -32.91 -3.94
C PRO D 122 36.85 -31.63 -3.66
N LEU D 123 38.15 -31.62 -3.94
CA LEU D 123 39.02 -30.49 -3.61
C LEU D 123 39.30 -29.62 -4.83
N SER D 124 38.53 -29.78 -5.90
CA SER D 124 38.65 -28.92 -7.06
C SER D 124 37.61 -27.82 -7.07
N LEU D 125 36.62 -27.90 -6.19
CA LEU D 125 35.52 -26.94 -6.14
C LEU D 125 35.84 -25.77 -5.23
N LEU D 126 37.12 -25.56 -4.91
CA LEU D 126 37.55 -24.45 -4.08
C LEU D 126 37.97 -23.26 -4.92
N SER D 127 37.80 -23.34 -6.24
CA SER D 127 38.08 -22.24 -7.13
C SER D 127 36.91 -21.29 -7.22
N LEU D 128 35.74 -21.73 -6.76
CA LEU D 128 34.50 -20.98 -6.86
C LEU D 128 34.33 -20.00 -5.71
N VAL D 129 35.23 -20.01 -4.73
CA VAL D 129 35.19 -19.01 -3.68
C VAL D 129 35.44 -17.63 -4.26
N ARG D 130 36.10 -17.56 -5.41
CA ARG D 130 36.35 -16.29 -6.07
C ARG D 130 35.10 -15.71 -6.70
N LEU D 131 33.97 -16.44 -6.65
CA LEU D 131 32.70 -15.94 -7.14
C LEU D 131 31.92 -15.25 -6.04
N LEU D 132 32.60 -14.90 -4.94
CA LEU D 132 32.01 -14.12 -3.87
C LEU D 132 32.19 -12.64 -4.13
N LYS D 133 32.96 -12.31 -5.18
CA LYS D 133 33.15 -10.93 -5.60
C LYS D 133 31.85 -10.33 -6.09
N LEU D 134 30.92 -11.17 -6.55
CA LEU D 134 29.65 -10.69 -7.05
C LEU D 134 28.86 -9.97 -5.96
N ILE D 135 28.96 -10.44 -4.72
CA ILE D 135 28.29 -9.76 -3.59
C ILE D 135 28.78 -8.33 -3.47
N SER D 136 30.05 -8.08 -3.76
CA SER D 136 30.63 -6.76 -3.62
C SER D 136 30.38 -5.92 -4.87
N VAL D 137 30.38 -6.57 -6.03
CA VAL D 137 30.09 -5.86 -7.26
C VAL D 137 28.65 -5.37 -7.23
N GLN D 138 27.73 -6.23 -6.76
CA GLN D 138 26.33 -5.84 -6.61
C GLN D 138 26.17 -4.76 -5.55
N ARG D 139 26.92 -4.86 -4.44
CA ARG D 139 26.84 -3.82 -3.42
C ARG D 139 27.33 -2.48 -3.93
N SER D 140 28.38 -2.49 -4.77
CA SER D 140 28.85 -1.25 -5.38
C SER D 140 27.83 -0.72 -6.40
N ALA D 141 27.26 -1.61 -7.21
CA ALA D 141 26.31 -1.19 -8.24
C ALA D 141 25.03 -0.62 -7.64
N THR D 142 24.59 -1.17 -6.50
CA THR D 142 23.37 -0.69 -5.86
C THR D 142 23.57 0.61 -5.11
N ARG D 143 24.79 1.16 -5.09
CA ARG D 143 25.05 2.44 -4.45
C ARG D 143 25.66 3.46 -5.40
N ILE D 144 26.16 3.05 -6.56
CA ILE D 144 26.60 3.99 -7.59
C ILE D 144 25.50 4.22 -8.62
N LEU D 145 24.30 3.68 -8.38
CA LEU D 145 23.17 3.85 -9.26
C LEU D 145 21.85 3.81 -8.49
N SER D 146 21.87 4.05 -7.18
CA SER D 146 20.66 4.08 -6.38
C SER D 146 19.78 5.30 -6.65
N TYR D 147 20.30 6.34 -7.32
CA TYR D 147 19.52 7.54 -7.54
C TYR D 147 19.03 7.70 -8.98
N ARG D 148 19.82 7.26 -9.96
CA ARG D 148 19.42 7.43 -11.35
C ARG D 148 18.35 6.41 -11.76
N ILE D 149 18.41 5.22 -11.19
CA ILE D 149 17.56 4.10 -11.60
C ILE D 149 16.59 3.78 -10.46
N ASN D 150 15.38 3.39 -10.83
CA ASN D 150 14.40 2.91 -9.86
C ASN D 150 14.99 1.70 -9.14
N PRO D 151 15.03 1.69 -7.80
CA PRO D 151 15.66 0.55 -7.10
C PRO D 151 15.00 -0.79 -7.38
N ALA D 152 13.68 -0.83 -7.61
CA ALA D 152 13.03 -2.09 -7.96
C ALA D 152 13.54 -2.61 -9.31
N LEU D 153 13.70 -1.72 -10.29
CA LEU D 153 14.24 -2.13 -11.58
C LEU D 153 15.68 -2.60 -11.46
N LEU D 154 16.47 -1.93 -10.63
CA LEU D 154 17.86 -2.36 -10.42
C LEU D 154 17.90 -3.74 -9.78
N ARG D 155 17.02 -3.97 -8.81
CA ARG D 155 16.95 -5.28 -8.16
C ARG D 155 16.57 -6.36 -9.15
N LEU D 156 15.57 -6.07 -9.99
CA LEU D 156 15.13 -7.03 -10.99
C LEU D 156 16.25 -7.35 -11.99
N LEU D 157 16.98 -6.33 -12.44
CA LEU D 157 18.08 -6.54 -13.37
C LEU D 157 19.20 -7.35 -12.74
N SER D 158 19.54 -7.03 -11.49
CA SER D 158 20.57 -7.80 -10.80
C SER D 158 20.14 -9.25 -10.61
N LEU D 159 18.86 -9.48 -10.29
CA LEU D 159 18.37 -10.84 -10.16
C LEU D 159 18.41 -11.58 -11.48
N VAL D 160 18.09 -10.91 -12.58
CA VAL D 160 18.15 -11.55 -13.90
C VAL D 160 19.59 -11.93 -14.25
N GLY D 161 20.54 -11.02 -14.00
CA GLY D 161 21.94 -11.35 -14.25
C GLY D 161 22.44 -12.50 -13.40
N PHE D 162 22.09 -12.49 -12.12
CA PHE D 162 22.46 -13.59 -11.23
C PHE D 162 21.83 -14.90 -11.68
N ILE D 163 20.60 -14.84 -12.18
CA ILE D 163 19.91 -16.05 -12.65
C ILE D 163 20.60 -16.60 -13.89
N LEU D 164 21.01 -15.73 -14.81
CA LEU D 164 21.73 -16.19 -15.99
C LEU D 164 23.08 -16.82 -15.62
N LEU D 165 23.82 -16.19 -14.70
CA LEU D 165 25.08 -16.75 -14.25
C LEU D 165 24.87 -18.09 -13.55
N ALA D 166 23.85 -18.18 -12.71
CA ALA D 166 23.53 -19.43 -12.03
C ALA D 166 23.11 -20.50 -13.01
N ALA D 167 22.40 -20.12 -14.08
CA ALA D 167 22.03 -21.08 -15.11
C ALA D 167 23.26 -21.63 -15.82
N HIS D 168 24.23 -20.76 -16.11
CA HIS D 168 25.49 -21.24 -16.69
C HIS D 168 26.20 -22.22 -15.74
N GLY D 169 26.26 -21.87 -14.46
CA GLY D 169 26.90 -22.76 -13.50
C GLY D 169 26.16 -24.09 -13.33
N ILE D 170 24.83 -24.05 -13.34
CA ILE D 170 24.04 -25.27 -13.20
C ILE D 170 24.17 -26.13 -14.44
N ALA D 171 24.25 -25.52 -15.63
CA ALA D 171 24.51 -26.29 -16.85
C ALA D 171 25.87 -26.96 -16.80
N CYS D 172 26.89 -26.26 -16.29
CA CYS D 172 28.20 -26.88 -16.12
C CYS D 172 28.15 -28.04 -15.14
N GLY D 173 27.43 -27.87 -14.02
CA GLY D 173 27.29 -28.95 -13.06
C GLY D 173 26.56 -30.15 -13.63
N TRP D 174 25.55 -29.90 -14.46
CA TRP D 174 24.83 -30.99 -15.12
C TRP D 174 25.72 -31.71 -16.12
N MET D 175 26.55 -30.95 -16.85
CA MET D 175 27.49 -31.57 -17.78
C MET D 175 28.50 -32.44 -17.06
N SER D 176 28.97 -31.99 -15.88
CA SER D 176 30.00 -32.74 -15.16
C SER D 176 29.50 -34.13 -14.76
N LEU D 177 28.29 -34.22 -14.23
CA LEU D 177 27.73 -35.48 -13.76
C LEU D 177 26.88 -36.18 -14.84
N GLN D 178 27.45 -36.30 -16.03
CA GLN D 178 26.91 -37.01 -17.18
C GLN D 178 27.82 -38.17 -17.56
N PRO D 179 27.28 -39.23 -18.17
CA PRO D 179 28.12 -40.34 -18.63
C PRO D 179 29.11 -39.88 -19.67
N PRO D 180 30.34 -40.40 -19.65
CA PRO D 180 31.36 -39.99 -20.64
C PRO D 180 31.00 -40.50 -22.03
N SER D 181 30.84 -39.56 -22.97
CA SER D 181 30.55 -39.89 -24.35
C SER D 181 31.37 -38.97 -25.26
N GLU D 182 31.60 -39.44 -26.49
CA GLU D 182 32.37 -38.67 -27.46
C GLU D 182 31.39 -37.81 -28.26
N ASN D 183 31.17 -36.59 -27.76
CA ASN D 183 30.31 -35.61 -28.40
C ASN D 183 31.02 -34.25 -28.40
N PRO D 184 30.72 -33.41 -29.39
CA PRO D 184 31.32 -32.06 -29.39
C PRO D 184 30.92 -31.27 -28.16
N ALA D 185 31.88 -30.48 -27.66
CA ALA D 185 31.67 -29.75 -26.40
C ALA D 185 30.54 -28.75 -26.52
N GLY D 186 30.43 -28.08 -27.67
CA GLY D 186 29.35 -27.13 -27.87
C GLY D 186 27.97 -27.77 -27.81
N THR D 187 27.82 -28.96 -28.42
CA THR D 187 26.53 -29.64 -28.35
C THR D 187 26.18 -30.02 -26.92
N ARG D 188 27.18 -30.46 -26.15
CA ARG D 188 26.91 -30.88 -24.77
C ARG D 188 26.60 -29.69 -23.88
N TYR D 189 27.18 -28.53 -24.18
CA TYR D 189 26.81 -27.33 -23.45
C TYR D 189 25.41 -26.88 -23.85
N LEU D 190 25.08 -26.92 -25.15
CA LEU D 190 23.77 -26.45 -25.56
C LEU D 190 22.68 -27.37 -25.03
N SER D 191 23.02 -28.64 -24.77
CA SER D 191 22.05 -29.56 -24.18
C SER D 191 21.90 -29.31 -22.68
N ALA D 192 23.01 -29.10 -21.97
CA ALA D 192 22.91 -28.83 -20.54
C ALA D 192 22.21 -27.51 -20.30
N PHE D 193 22.50 -26.49 -21.11
CA PHE D 193 21.85 -25.20 -20.97
C PHE D 193 20.37 -25.28 -21.32
N TYR D 194 20.02 -26.09 -22.33
CA TYR D 194 18.61 -26.31 -22.65
C TYR D 194 17.88 -26.97 -21.48
N TRP D 195 18.50 -27.99 -20.87
CA TRP D 195 17.88 -28.66 -19.73
C TRP D 195 17.71 -27.71 -18.56
N THR D 196 18.73 -26.90 -18.24
CA THR D 196 18.61 -26.03 -17.08
C THR D 196 17.63 -24.89 -17.33
N ILE D 197 17.53 -24.38 -18.56
CA ILE D 197 16.54 -23.34 -18.84
C ILE D 197 15.13 -23.93 -18.78
N THR D 198 14.96 -25.16 -19.26
CA THR D 198 13.66 -25.82 -19.18
C THR D 198 13.26 -26.07 -17.73
N THR D 199 14.23 -26.41 -16.87
CA THR D 199 13.93 -26.66 -15.47
C THR D 199 13.66 -25.36 -14.70
N LEU D 200 14.47 -24.32 -14.93
CA LEU D 200 14.35 -23.09 -14.14
C LEU D 200 13.07 -22.34 -14.43
N THR D 201 12.56 -22.42 -15.66
CA THR D 201 11.34 -21.73 -16.05
C THR D 201 10.08 -22.49 -15.68
N THR D 202 10.21 -23.67 -15.06
CA THR D 202 9.09 -24.54 -14.69
C THR D 202 8.26 -24.95 -15.90
N ILE D 203 8.90 -25.06 -17.06
CA ILE D 203 8.23 -25.54 -18.26
C ILE D 203 8.24 -27.07 -18.33
N GLY D 204 9.41 -27.68 -18.17
CA GLY D 204 9.52 -29.11 -18.04
C GLY D 204 9.03 -29.94 -19.21
N TYR D 205 9.73 -29.83 -20.35
CA TYR D 205 9.37 -30.62 -21.52
C TYR D 205 9.47 -32.12 -21.24
N GLY D 206 10.53 -32.55 -20.57
CA GLY D 206 10.69 -33.94 -20.24
C GLY D 206 11.51 -34.77 -21.20
N ASP D 207 12.05 -34.17 -22.26
CA ASP D 207 12.86 -34.93 -23.20
C ASP D 207 14.24 -35.23 -22.62
N ILE D 208 14.77 -34.37 -21.76
CA ILE D 208 16.01 -34.60 -21.04
C ILE D 208 15.67 -34.78 -19.56
N THR D 209 15.94 -35.97 -19.04
CA THR D 209 15.55 -36.32 -17.67
C THR D 209 16.69 -37.06 -16.99
N PRO D 210 16.68 -37.09 -15.65
CA PRO D 210 17.66 -37.88 -14.90
C PRO D 210 17.67 -39.36 -15.25
N SER D 211 18.85 -39.96 -15.14
CA SER D 211 19.04 -41.37 -15.42
C SER D 211 19.72 -42.12 -14.28
N THR D 212 20.47 -41.44 -13.41
CA THR D 212 21.19 -42.02 -12.29
C THR D 212 20.70 -41.38 -11.00
N PRO D 213 20.90 -42.04 -9.85
CA PRO D 213 20.47 -41.43 -8.57
C PRO D 213 21.13 -40.09 -8.27
N THR D 214 22.41 -39.92 -8.63
CA THR D 214 23.06 -38.63 -8.45
C THR D 214 22.42 -37.57 -9.34
N GLN D 215 22.09 -37.93 -10.58
CA GLN D 215 21.36 -37.02 -11.46
C GLN D 215 20.01 -36.65 -10.85
N THR D 216 19.34 -37.61 -10.23
CA THR D 216 18.04 -37.36 -9.63
C THR D 216 18.14 -36.39 -8.46
N VAL D 217 19.14 -36.57 -7.59
CA VAL D 217 19.32 -35.67 -6.45
C VAL D 217 19.66 -34.27 -6.94
N TYR D 218 20.57 -34.17 -7.92
CA TYR D 218 20.93 -32.87 -8.48
C TYR D 218 19.71 -32.19 -9.09
N THR D 219 18.88 -32.96 -9.81
CA THR D 219 17.68 -32.40 -10.43
C THR D 219 16.68 -31.93 -9.38
N ILE D 220 16.52 -32.68 -8.29
CA ILE D 220 15.62 -32.24 -7.23
C ILE D 220 16.08 -30.90 -6.65
N VAL D 221 17.38 -30.79 -6.39
CA VAL D 221 17.93 -29.53 -5.88
C VAL D 221 17.68 -28.40 -6.87
N ILE D 222 17.96 -28.65 -8.15
CA ILE D 222 17.80 -27.62 -9.17
C ILE D 222 16.33 -27.23 -9.34
N GLU D 223 15.42 -28.19 -9.22
CA GLU D 223 14.00 -27.88 -9.27
C GLU D 223 13.59 -26.96 -8.13
N LEU D 224 14.10 -27.23 -6.93
CA LEU D 224 13.79 -26.38 -5.79
C LEU D 224 14.32 -24.95 -6.01
N LEU D 225 15.58 -24.83 -6.44
CA LEU D 225 16.12 -23.49 -6.68
C LEU D 225 15.44 -22.79 -7.84
N GLY D 226 15.00 -23.54 -8.85
CA GLY D 226 14.29 -22.93 -9.96
C GLY D 226 12.93 -22.40 -9.56
N ALA D 227 12.20 -23.16 -8.73
CA ALA D 227 10.95 -22.66 -8.20
C ALA D 227 11.16 -21.41 -7.37
N ALA D 228 12.19 -21.41 -6.52
CA ALA D 228 12.49 -20.23 -5.71
C ALA D 228 12.84 -19.01 -6.58
N MET D 229 13.66 -19.22 -7.61
CA MET D 229 14.08 -18.10 -8.45
C MET D 229 12.93 -17.57 -9.29
N TYR D 230 12.08 -18.45 -9.81
CA TYR D 230 10.93 -17.99 -10.56
C TYR D 230 9.94 -17.24 -9.66
N GLY D 231 9.74 -17.72 -8.44
CA GLY D 231 8.92 -16.97 -7.49
C GLY D 231 9.49 -15.61 -7.17
N LEU D 232 10.82 -15.53 -7.04
CA LEU D 232 11.48 -14.24 -6.81
C LEU D 232 11.28 -13.29 -7.97
N VAL D 233 11.41 -13.80 -9.21
CA VAL D 233 11.20 -12.98 -10.39
C VAL D 233 9.77 -12.46 -10.45
N ILE D 234 8.80 -13.34 -10.19
CA ILE D 234 7.40 -12.93 -10.22
C ILE D 234 7.10 -11.89 -9.14
N GLY D 235 7.67 -12.07 -7.95
CA GLY D 235 7.49 -11.09 -6.90
C GLY D 235 8.10 -9.74 -7.23
N ASN D 236 9.30 -9.76 -7.83
CA ASN D 236 9.92 -8.51 -8.27
C ASN D 236 9.08 -7.79 -9.32
N ILE D 237 8.54 -8.56 -10.29
CA ILE D 237 7.74 -7.94 -11.34
C ILE D 237 6.45 -7.37 -10.76
N ALA D 238 5.80 -8.10 -9.85
CA ALA D 238 4.58 -7.61 -9.23
C ALA D 238 4.84 -6.34 -8.41
N SER D 239 5.96 -6.31 -7.67
CA SER D 239 6.31 -5.11 -6.93
C SER D 239 6.59 -3.93 -7.86
N LEU D 240 7.28 -4.19 -8.98
CA LEU D 240 7.59 -3.12 -9.91
C LEU D 240 6.32 -2.56 -10.54
N VAL D 241 5.34 -3.43 -10.82
CA VAL D 241 4.14 -2.99 -11.51
C VAL D 241 3.15 -2.32 -10.57
N SER D 242 3.12 -2.72 -9.29
CA SER D 242 2.19 -2.12 -8.34
C SER D 242 2.44 -0.62 -8.14
N LYS D 243 3.70 -0.19 -8.15
CA LYS D 243 4.06 1.19 -7.87
C LYS D 243 4.17 2.06 -9.12
N LEU D 244 3.67 1.61 -10.27
CA LEU D 244 3.86 2.36 -11.50
C LEU D 244 3.02 3.63 -11.55
N ASP D 245 1.69 3.49 -11.55
CA ASP D 245 0.79 4.64 -11.73
C ASP D 245 0.17 5.05 -10.40
N ALA D 246 1.02 5.51 -9.48
CA ALA D 246 0.57 5.84 -8.14
C ALA D 246 -0.29 7.10 -8.12
N ALA D 247 0.18 8.16 -8.79
CA ALA D 247 -0.55 9.44 -8.78
C ALA D 247 -1.89 9.34 -9.51
N LYS D 248 -1.91 8.64 -10.65
CA LYS D 248 -3.17 8.46 -11.38
C LYS D 248 -4.18 7.70 -10.55
N LEU D 249 -3.74 6.65 -9.86
CA LEU D 249 -4.65 5.89 -9.01
C LEU D 249 -5.15 6.71 -7.83
N LEU D 250 -4.26 7.52 -7.22
CA LEU D 250 -4.68 8.39 -6.13
C LEU D 250 -5.73 9.39 -6.60
N HIS D 251 -5.50 10.01 -7.76
CA HIS D 251 -6.47 10.97 -8.29
C HIS D 251 -7.79 10.28 -8.62
N ARG D 252 -7.72 9.06 -9.20
CA ARG D 252 -8.93 8.32 -9.53
C ARG D 252 -9.73 7.99 -8.29
N GLU D 253 -9.05 7.62 -7.19
CA GLU D 253 -9.75 7.28 -5.96
C GLU D 253 -10.37 8.52 -5.32
N ARG D 254 -9.66 9.65 -5.41
CA ARG D 254 -10.23 10.90 -4.89
C ARG D 254 -11.48 11.29 -5.66
N VAL D 255 -11.43 11.19 -7.00
CA VAL D 255 -12.61 11.52 -7.81
C VAL D 255 -13.76 10.57 -7.51
N GLU D 256 -13.47 9.28 -7.34
CA GLU D 256 -14.53 8.32 -7.05
C GLU D 256 -15.17 8.60 -5.69
N ARG D 257 -14.35 8.86 -4.67
CA ARG D 257 -14.88 9.15 -3.34
C ARG D 257 -15.72 10.41 -3.34
N VAL D 258 -15.24 11.47 -3.99
CA VAL D 258 -16.00 12.73 -4.05
C VAL D 258 -17.31 12.52 -4.79
N THR D 259 -17.28 11.80 -5.91
CA THR D 259 -18.49 11.56 -6.69
C THR D 259 -19.50 10.74 -5.90
N ALA D 260 -19.03 9.70 -5.19
CA ALA D 260 -19.94 8.89 -4.38
C ALA D 260 -20.55 9.70 -3.25
N PHE D 261 -19.75 10.54 -2.60
CA PHE D 261 -20.29 11.36 -1.51
C PHE D 261 -21.32 12.35 -2.04
N LEU D 262 -21.07 12.94 -3.21
CA LEU D 262 -22.05 13.85 -3.78
C LEU D 262 -23.29 13.10 -4.23
N SER D 263 -23.13 11.84 -4.62
CA SER D 263 -24.28 11.01 -4.97
C SER D 263 -25.17 10.80 -3.76
N TYR D 264 -24.56 10.58 -2.59
CA TYR D 264 -25.34 10.38 -1.38
C TYR D 264 -26.14 11.63 -1.03
N LYS D 265 -25.51 12.80 -1.16
CA LYS D 265 -26.12 14.07 -0.79
C LYS D 265 -27.01 14.64 -1.90
N ARG D 266 -27.25 13.88 -2.97
CA ARG D 266 -28.16 14.24 -4.05
C ARG D 266 -27.86 15.65 -4.59
N ILE D 267 -26.64 15.78 -5.10
CA ILE D 267 -26.17 17.01 -5.74
C ILE D 267 -26.57 16.99 -7.21
N SER D 268 -26.95 18.16 -7.74
CA SER D 268 -27.42 18.26 -9.11
C SER D 268 -26.30 17.90 -10.08
N PRO D 269 -26.65 17.34 -11.25
CA PRO D 269 -25.61 16.94 -12.22
C PRO D 269 -24.74 18.08 -12.71
N GLU D 270 -25.22 19.32 -12.70
CA GLU D 270 -24.40 20.44 -13.17
C GLU D 270 -23.21 20.67 -12.25
N LEU D 271 -23.43 20.63 -10.93
CA LEU D 271 -22.34 20.82 -9.99
C LEU D 271 -21.35 19.66 -10.04
N GLN D 272 -21.85 18.43 -10.20
CA GLN D 272 -20.97 17.28 -10.37
C GLN D 272 -20.14 17.41 -11.64
N ARG D 273 -20.75 17.87 -12.73
CA ARG D 273 -20.02 18.09 -13.97
C ARG D 273 -18.93 19.14 -13.81
N ARG D 274 -19.23 20.23 -13.09
CA ARG D 274 -18.22 21.24 -12.80
C ARG D 274 -17.09 20.67 -11.96
N ILE D 275 -17.42 19.85 -10.97
CA ILE D 275 -16.36 19.25 -10.14
C ILE D 275 -15.49 18.31 -10.97
N ILE D 276 -16.12 17.51 -11.85
CA ILE D 276 -15.34 16.56 -12.63
C ILE D 276 -14.44 17.30 -13.62
N GLU D 277 -14.92 18.41 -14.18
CA GLU D 277 -14.09 19.22 -15.08
C GLU D 277 -12.93 19.85 -14.31
N TYR D 278 -13.18 20.28 -13.07
CA TYR D 278 -12.10 20.80 -12.24
C TYR D 278 -11.04 19.74 -12.00
N PHE D 279 -11.45 18.59 -11.47
CA PHE D 279 -10.50 17.52 -11.18
C PHE D 279 -9.72 17.12 -12.42
N ASP D 280 -10.39 17.07 -13.57
CA ASP D 280 -9.71 16.78 -14.83
C ASP D 280 -8.65 17.83 -15.15
N TYR D 281 -8.99 19.11 -14.96
CA TYR D 281 -8.02 20.17 -15.22
C TYR D 281 -6.84 20.07 -14.27
N LEU D 282 -7.11 19.66 -13.04
CA LEU D 282 -6.04 19.46 -12.05
C LEU D 282 -5.10 18.34 -12.49
N TRP D 283 -5.66 17.26 -13.05
CA TRP D 283 -4.80 16.21 -13.58
C TRP D 283 -3.99 16.69 -14.78
N GLU D 284 -4.64 17.40 -15.72
CA GLU D 284 -3.91 17.82 -16.92
C GLU D 284 -2.94 18.97 -16.64
N THR D 285 -2.93 19.53 -15.44
CA THR D 285 -2.00 20.60 -15.12
C THR D 285 -0.93 20.16 -14.13
N ARG D 286 -1.31 19.70 -12.93
CA ARG D 286 -0.34 19.40 -11.89
C ARG D 286 -0.46 17.97 -11.38
N ARG D 287 -1.02 17.07 -12.19
CA ARG D 287 -1.15 15.65 -11.86
C ARG D 287 -1.92 15.43 -10.56
N GLY D 288 -2.87 16.31 -10.27
CA GLY D 288 -3.72 16.15 -9.11
C GLY D 288 -3.08 16.50 -7.78
N TYR D 289 -2.19 17.49 -7.76
CA TYR D 289 -1.43 17.84 -6.57
C TYR D 289 -1.84 19.23 -6.08
N GLU D 290 -2.12 19.33 -4.78
CA GLU D 290 -2.44 20.62 -4.18
C GLU D 290 -1.14 21.35 -3.87
N GLU D 291 -1.13 22.66 -4.10
CA GLU D 291 0.06 23.46 -3.86
C GLU D 291 0.48 23.46 -2.39
N ARG D 292 -0.49 23.55 -1.47
CA ARG D 292 -0.17 23.69 -0.06
C ARG D 292 0.56 22.47 0.52
N GLU D 293 0.17 21.27 0.12
CA GLU D 293 0.80 20.02 0.60
C GLU D 293 2.18 19.79 -0.04
N VAL D 294 2.42 20.24 -1.28
CA VAL D 294 3.75 20.14 -1.95
C VAL D 294 4.78 21.06 -1.31
N LEU D 295 4.39 22.26 -0.90
CA LEU D 295 5.36 23.24 -0.38
C LEU D 295 5.61 23.06 1.11
N LYS D 296 4.92 22.14 1.77
CA LYS D 296 5.20 21.82 3.20
C LYS D 296 6.27 20.74 3.23
N GLU D 297 6.76 20.34 2.05
CA GLU D 297 7.81 19.32 1.93
C GLU D 297 9.15 20.03 1.80
N LEU D 298 9.19 21.35 1.99
CA LEU D 298 10.43 22.14 1.80
C LEU D 298 10.83 22.93 3.06
N PRO D 299 12.13 23.16 3.42
CA PRO D 299 12.51 24.02 4.55
C PRO D 299 12.15 25.48 4.28
N HIS D 300 12.21 26.28 5.34
CA HIS D 300 11.83 27.68 5.25
C HIS D 300 12.61 28.48 4.21
N PRO D 301 13.95 28.37 4.11
CA PRO D 301 14.64 29.13 3.05
C PRO D 301 14.24 28.73 1.64
N LEU D 302 14.10 27.42 1.38
CA LEU D 302 13.70 26.99 0.04
C LEU D 302 12.25 27.38 -0.27
N ARG D 303 11.37 27.28 0.73
CA ARG D 303 9.99 27.74 0.55
C ARG D 303 9.95 29.22 0.25
N LEU D 304 10.75 30.02 0.97
CA LEU D 304 10.80 31.45 0.72
C LEU D 304 11.34 31.75 -0.67
N ALA D 305 12.36 31.02 -1.11
CA ALA D 305 12.92 31.23 -2.44
C ALA D 305 11.90 30.91 -3.53
N VAL D 306 11.17 29.79 -3.36
CA VAL D 306 10.14 29.43 -4.34
C VAL D 306 9.04 30.47 -4.37
N ALA D 307 8.58 30.91 -3.19
CA ALA D 307 7.51 31.90 -3.14
C ALA D 307 7.95 33.22 -3.77
N MET D 308 9.19 33.64 -3.52
CA MET D 308 9.70 34.86 -4.14
C MET D 308 9.76 34.71 -5.66
N GLU D 309 10.31 33.59 -6.14
CA GLU D 309 10.42 33.40 -7.58
C GLU D 309 9.07 33.29 -8.25
N ILE D 310 8.03 32.92 -7.51
CA ILE D 310 6.70 32.85 -8.11
C ILE D 310 6.01 34.23 -8.10
N HIS D 311 6.09 34.95 -6.98
CA HIS D 311 5.21 36.09 -6.75
C HIS D 311 5.92 37.45 -6.72
N GLY D 312 7.23 37.52 -7.00
CA GLY D 312 7.97 38.74 -6.79
C GLY D 312 7.56 39.98 -7.56
N ASP D 313 7.59 39.93 -8.89
CA ASP D 313 7.21 41.10 -9.68
C ASP D 313 5.75 41.46 -9.47
N VAL D 314 4.89 40.43 -9.36
CA VAL D 314 3.46 40.66 -9.18
C VAL D 314 3.19 41.40 -7.88
N ILE D 315 3.87 41.02 -6.81
CA ILE D 315 3.69 41.75 -5.56
C ILE D 315 4.31 43.13 -5.66
N GLU D 316 5.59 43.18 -6.07
CA GLU D 316 6.35 44.42 -6.07
C GLU D 316 5.59 45.54 -6.78
N LYS D 317 4.94 45.23 -7.91
CA LYS D 317 4.23 46.25 -8.68
C LYS D 317 2.80 46.46 -8.15
N VAL D 318 2.71 46.87 -6.89
CA VAL D 318 1.43 47.23 -6.28
C VAL D 318 1.53 48.66 -5.75
N PRO D 319 0.56 49.53 -6.04
CA PRO D 319 0.66 50.94 -5.60
C PRO D 319 0.79 51.07 -4.09
N LEU D 320 0.02 50.25 -3.37
CA LEU D 320 -0.04 50.33 -1.91
C LEU D 320 1.31 50.01 -1.28
N PHE D 321 2.02 49.03 -1.82
CA PHE D 321 3.24 48.52 -1.20
C PHE D 321 4.51 49.03 -1.88
N LYS D 322 4.49 49.79 -2.88
CA LYS D 322 5.76 50.26 -3.50
C LYS D 322 6.49 51.13 -2.47
N GLY D 323 7.73 51.18 -2.49
CA GLY D 323 8.60 51.91 -1.60
C GLY D 323 8.73 51.31 -0.21
N ALA D 324 8.10 50.17 0.05
CA ALA D 324 8.24 49.46 1.31
C ALA D 324 9.44 48.53 1.30
N GLY D 325 9.77 48.02 2.48
CA GLY D 325 10.95 47.21 2.68
C GLY D 325 10.84 45.85 2.03
N GLU D 326 11.92 45.09 2.14
CA GLU D 326 11.93 43.73 1.58
C GLU D 326 11.34 42.71 2.54
N GLU D 327 11.52 42.90 3.86
CA GLU D 327 10.93 41.98 4.83
C GLU D 327 9.41 41.99 4.80
N PHE D 328 8.80 43.18 4.65
CA PHE D 328 7.35 43.25 4.53
C PHE D 328 6.88 42.51 3.27
N ILE D 329 7.63 42.68 2.18
CA ILE D 329 7.30 42.00 0.94
C ILE D 329 7.42 40.50 1.15
N ARG D 330 8.43 40.06 1.92
CA ARG D 330 8.61 38.63 2.17
C ARG D 330 7.44 38.06 2.96
N ASP D 331 6.92 38.82 3.93
CA ASP D 331 5.79 38.33 4.72
C ASP D 331 4.56 38.16 3.83
N ILE D 332 4.31 39.15 2.97
CA ILE D 332 3.19 39.02 2.03
C ILE D 332 3.43 37.84 1.10
N ILE D 333 4.67 37.70 0.61
CA ILE D 333 4.98 36.67 -0.37
C ILE D 333 4.86 35.29 0.29
N LEU D 334 4.94 35.25 1.62
CA LEU D 334 4.78 34.02 2.39
C LEU D 334 3.34 33.76 2.83
N HIS D 335 2.43 34.71 2.67
CA HIS D 335 1.07 34.52 3.18
C HIS D 335 0.01 34.51 2.08
N LEU D 336 0.42 34.42 0.82
CA LEU D 336 -0.52 34.32 -0.31
C LEU D 336 -1.07 32.91 -0.43
N GLU D 337 -2.40 32.78 -0.50
CA GLU D 337 -3.00 31.46 -0.50
C GLU D 337 -3.50 31.10 -1.90
N PRO D 338 -3.06 29.97 -2.46
CA PRO D 338 -3.56 29.54 -3.79
C PRO D 338 -5.05 29.20 -3.79
N VAL D 339 -5.73 29.59 -4.85
CA VAL D 339 -7.13 29.25 -5.05
C VAL D 339 -7.39 29.18 -6.55
N ILE D 340 -8.00 28.07 -7.01
CA ILE D 340 -8.33 27.90 -8.42
C ILE D 340 -9.82 28.15 -8.61
N TYR D 341 -10.14 29.06 -9.52
CA TYR D 341 -11.53 29.37 -9.88
C TYR D 341 -11.84 28.81 -11.26
N GLY D 342 -12.96 28.11 -11.37
CA GLY D 342 -13.38 27.52 -12.63
C GLY D 342 -13.92 28.56 -13.58
N PRO D 343 -14.14 28.14 -14.83
CA PRO D 343 -14.68 29.07 -15.84
C PRO D 343 -16.11 29.47 -15.50
N GLY D 344 -16.38 30.78 -15.58
CA GLY D 344 -17.69 31.31 -15.29
C GLY D 344 -18.00 31.49 -13.82
N GLU D 345 -17.04 31.21 -12.93
CA GLU D 345 -17.26 31.32 -11.50
C GLU D 345 -17.14 32.78 -11.05
N TYR D 346 -17.82 33.10 -9.95
CA TYR D 346 -17.78 34.43 -9.37
C TYR D 346 -16.58 34.53 -8.44
N ILE D 347 -15.74 35.54 -8.67
CA ILE D 347 -14.62 35.79 -7.75
C ILE D 347 -15.08 36.90 -6.81
N ILE D 348 -15.40 38.07 -7.34
CA ILE D 348 -15.92 39.22 -6.51
C ILE D 348 -17.28 39.56 -7.09
N ARG D 349 -18.28 39.74 -6.24
CA ARG D 349 -19.62 40.13 -6.73
C ARG D 349 -19.86 41.62 -6.41
N ALA D 350 -20.49 42.34 -7.33
CA ALA D 350 -20.80 43.73 -7.05
C ALA D 350 -21.72 43.87 -5.85
N GLY D 351 -21.39 44.82 -4.98
CA GLY D 351 -22.22 45.14 -3.85
C GLY D 351 -21.91 44.41 -2.56
N GLU D 352 -21.04 43.39 -2.61
CA GLU D 352 -20.65 42.74 -1.37
C GLU D 352 -19.64 43.60 -0.62
N MET D 353 -19.52 43.34 0.68
CA MET D 353 -18.55 44.05 1.51
C MET D 353 -17.14 43.82 0.98
N GLY D 354 -16.64 42.60 1.09
CA GLY D 354 -15.32 42.27 0.57
C GLY D 354 -14.16 42.48 1.51
N SER D 355 -13.27 41.50 1.58
CA SER D 355 -12.16 41.56 2.52
C SER D 355 -10.85 41.02 1.95
N ASP D 356 -10.80 40.64 0.68
CA ASP D 356 -9.65 39.93 0.12
C ASP D 356 -9.13 40.64 -1.11
N VAL D 357 -7.84 40.40 -1.40
CA VAL D 357 -7.20 40.86 -2.63
C VAL D 357 -6.69 39.64 -3.39
N TYR D 358 -6.72 39.73 -4.72
CA TYR D 358 -6.40 38.59 -5.59
C TYR D 358 -5.31 38.98 -6.58
N PHE D 359 -4.33 38.10 -6.73
CA PHE D 359 -3.25 38.25 -7.70
C PHE D 359 -3.37 37.17 -8.76
N ILE D 360 -3.45 37.57 -10.02
CA ILE D 360 -3.60 36.63 -11.12
C ILE D 360 -2.25 36.00 -11.43
N ASN D 361 -2.22 34.67 -11.49
CA ASN D 361 -0.99 33.93 -11.79
C ASN D 361 -1.00 33.23 -13.13
N ARG D 362 -2.11 32.59 -13.50
CA ARG D 362 -2.15 31.82 -14.75
C ARG D 362 -3.34 32.16 -15.64
N GLY D 363 -4.51 32.43 -15.07
CA GLY D 363 -5.74 32.54 -15.83
C GLY D 363 -6.00 33.94 -16.35
N SER D 364 -7.23 34.13 -16.82
CA SER D 364 -7.71 35.41 -17.34
C SER D 364 -9.04 35.75 -16.69
N VAL D 365 -9.35 37.04 -16.64
CA VAL D 365 -10.48 37.55 -15.85
C VAL D 365 -11.19 38.63 -16.66
N GLU D 366 -12.51 38.75 -16.44
CA GLU D 366 -13.32 39.81 -17.02
C GLU D 366 -13.97 40.65 -15.93
N VAL D 367 -13.64 41.94 -15.89
CA VAL D 367 -14.31 42.85 -14.97
C VAL D 367 -15.60 43.34 -15.63
N LEU D 368 -16.70 43.30 -14.89
CA LEU D 368 -18.03 43.55 -15.45
C LEU D 368 -18.84 44.38 -14.47
N SER D 369 -19.92 44.96 -14.99
CA SER D 369 -20.79 45.85 -14.25
C SER D 369 -21.68 45.07 -13.29
N ALA D 370 -22.44 45.81 -12.48
CA ALA D 370 -23.33 45.17 -11.51
C ALA D 370 -24.37 44.33 -12.25
N ASP D 371 -24.87 44.85 -13.38
CA ASP D 371 -25.85 44.17 -14.21
C ASP D 371 -25.18 43.33 -15.29
N GLU D 372 -23.84 43.33 -15.32
CA GLU D 372 -23.04 42.51 -16.24
C GLU D 372 -23.38 42.80 -17.69
N LYS D 373 -23.50 44.09 -18.03
CA LYS D 373 -23.74 44.51 -19.40
C LYS D 373 -22.52 45.09 -20.09
N THR D 374 -21.60 45.72 -19.35
CA THR D 374 -20.43 46.37 -19.93
C THR D 374 -19.15 45.79 -19.36
N ARG D 375 -18.19 45.50 -20.23
CA ARG D 375 -16.90 44.93 -19.84
C ARG D 375 -15.95 46.08 -19.56
N TYR D 376 -15.63 46.30 -18.28
CA TYR D 376 -14.64 47.32 -17.94
C TYR D 376 -13.25 46.96 -18.47
N ALA D 377 -12.81 45.73 -18.25
CA ALA D 377 -11.45 45.36 -18.61
C ALA D 377 -11.30 43.84 -18.61
N ILE D 378 -10.19 43.40 -19.20
CA ILE D 378 -9.77 42.01 -19.22
C ILE D 378 -8.39 41.95 -18.58
N LEU D 379 -8.25 41.11 -17.56
CA LEU D 379 -7.01 41.00 -16.81
C LEU D 379 -6.32 39.67 -17.10
N SER D 380 -5.01 39.74 -17.28
CA SER D 380 -4.17 38.60 -17.60
C SER D 380 -3.12 38.42 -16.51
N GLU D 381 -2.13 37.57 -16.78
CA GLU D 381 -1.05 37.32 -15.84
C GLU D 381 -0.34 38.61 -15.44
N GLY D 382 0.20 38.62 -14.21
CA GLY D 382 0.97 39.73 -13.71
C GLY D 382 0.19 40.89 -13.15
N GLN D 383 -1.14 40.85 -13.21
CA GLN D 383 -1.99 41.92 -12.72
C GLN D 383 -2.75 41.43 -11.49
N PHE D 384 -3.59 42.32 -10.95
CA PHE D 384 -4.31 42.07 -9.72
C PHE D 384 -5.61 42.87 -9.72
N PHE D 385 -6.50 42.51 -8.81
CA PHE D 385 -7.74 43.24 -8.62
C PHE D 385 -8.17 43.12 -7.16
N GLY D 386 -9.04 44.04 -6.75
CA GLY D 386 -9.45 44.08 -5.37
C GLY D 386 -8.46 44.75 -4.44
N GLU D 387 -7.61 45.62 -4.97
CA GLU D 387 -6.60 46.28 -4.14
C GLU D 387 -7.21 47.30 -3.20
N MET D 388 -8.39 47.81 -3.51
CA MET D 388 -9.06 48.80 -2.64
C MET D 388 -9.94 48.10 -1.61
N ALA D 389 -9.36 47.12 -0.93
CA ALA D 389 -10.01 46.45 0.18
C ALA D 389 -9.10 46.23 1.37
N LEU D 390 -7.79 46.37 1.23
CA LEU D 390 -6.87 46.27 2.34
C LEU D 390 -6.72 47.60 3.08
N ILE D 391 -7.32 48.67 2.57
CA ILE D 391 -7.27 49.96 3.22
C ILE D 391 -8.64 50.51 3.57
N LEU D 392 -9.72 49.97 2.99
CA LEU D 392 -11.07 50.33 3.38
C LEU D 392 -11.96 49.09 3.28
N ARG D 393 -13.02 49.08 4.09
CA ARG D 393 -13.91 47.92 4.10
C ARG D 393 -15.21 48.34 3.45
N ALA D 394 -15.09 49.01 2.30
CA ALA D 394 -16.21 49.60 1.59
C ALA D 394 -16.89 48.55 0.69
N PRO D 395 -18.12 48.80 0.23
CA PRO D 395 -18.70 47.91 -0.79
C PRO D 395 -17.88 47.89 -2.07
N ARG D 396 -17.88 46.73 -2.74
CA ARG D 396 -17.03 46.54 -3.90
C ARG D 396 -17.54 47.38 -5.07
N THR D 397 -16.67 47.60 -6.06
CA THR D 397 -16.99 48.51 -7.16
C THR D 397 -17.23 47.83 -8.50
N ALA D 398 -17.13 46.51 -8.60
CA ALA D 398 -17.43 45.80 -9.84
C ALA D 398 -17.51 44.31 -9.58
N THR D 399 -17.86 43.57 -10.63
CA THR D 399 -18.03 42.12 -10.60
C THR D 399 -16.88 41.49 -11.36
N VAL D 400 -16.30 40.43 -10.80
CA VAL D 400 -15.14 39.78 -11.40
C VAL D 400 -15.52 38.37 -11.78
N ARG D 401 -15.31 38.01 -13.04
CA ARG D 401 -15.67 36.68 -13.53
C ARG D 401 -14.47 36.05 -14.21
N ALA D 402 -14.45 34.72 -14.24
CA ALA D 402 -13.33 33.97 -14.80
C ALA D 402 -13.66 33.46 -16.20
N ARG D 403 -12.76 33.71 -17.14
CA ARG D 403 -12.92 33.15 -18.49
C ARG D 403 -12.69 31.65 -18.50
N ALA D 404 -11.49 31.23 -18.11
CA ALA D 404 -11.11 29.83 -17.96
C ALA D 404 -10.66 29.62 -16.52
N PHE D 405 -10.06 28.44 -16.27
CA PHE D 405 -9.50 28.17 -14.95
C PHE D 405 -8.42 29.20 -14.63
N CYS D 406 -8.49 29.78 -13.43
CA CYS D 406 -7.69 30.95 -13.11
C CYS D 406 -6.37 30.60 -12.43
N ASP D 407 -6.43 29.85 -11.32
CA ASP D 407 -5.26 29.51 -10.51
C ASP D 407 -4.56 30.78 -10.03
N LEU D 408 -5.28 31.53 -9.19
CA LEU D 408 -4.83 32.81 -8.69
C LEU D 408 -4.59 32.74 -7.19
N TYR D 409 -3.83 33.71 -6.68
CA TYR D 409 -3.51 33.75 -5.26
C TYR D 409 -4.37 34.80 -4.57
N ARG D 410 -4.52 34.64 -3.26
CA ARG D 410 -5.42 35.51 -2.49
C ARG D 410 -4.83 35.84 -1.13
N LEU D 411 -4.88 37.12 -0.76
CA LEU D 411 -4.50 37.58 0.57
C LEU D 411 -5.70 38.19 1.28
N ASP D 412 -6.03 37.67 2.45
CA ASP D 412 -7.13 38.19 3.26
C ASP D 412 -6.68 39.42 4.05
N LYS D 413 -7.65 40.22 4.47
CA LYS D 413 -7.37 41.42 5.26
C LYS D 413 -7.02 41.11 6.71
N GLU D 414 -7.33 39.89 7.17
CA GLU D 414 -6.97 39.53 8.54
C GLU D 414 -5.47 39.26 8.67
N THR D 415 -4.90 38.50 7.74
CA THR D 415 -3.45 38.26 7.78
C THR D 415 -2.68 39.55 7.52
N PHE D 416 -3.20 40.38 6.61
CA PHE D 416 -2.57 41.66 6.33
C PHE D 416 -2.56 42.57 7.56
N ASP D 417 -3.67 42.63 8.29
CA ASP D 417 -3.70 43.42 9.50
C ASP D 417 -2.83 42.82 10.60
N ARG D 418 -2.75 41.50 10.62
CA ARG D 418 -1.95 40.81 11.64
C ARG D 418 -0.52 41.21 11.43
N ILE D 419 -0.04 41.05 10.22
CA ILE D 419 1.36 41.32 9.91
C ILE D 419 1.67 42.82 9.86
N LEU D 420 0.67 43.68 9.72
CA LEU D 420 0.91 45.12 9.69
C LEU D 420 1.21 45.69 11.08
N SER D 421 0.95 44.92 12.15
CA SER D 421 1.23 45.39 13.51
C SER D 421 2.72 45.56 13.75
N ARG D 422 3.55 44.67 13.18
CA ARG D 422 4.99 44.69 13.37
C ARG D 422 5.74 45.59 12.38
N TYR D 423 5.02 46.30 11.50
CA TYR D 423 5.63 47.25 10.57
C TYR D 423 4.79 48.52 10.62
N PRO D 424 4.93 49.32 11.69
CA PRO D 424 4.03 50.47 11.85
C PRO D 424 4.17 51.54 10.79
N GLU D 425 5.35 51.71 10.18
CA GLU D 425 5.52 52.77 9.19
C GLU D 425 4.54 52.58 8.04
N ILE D 426 4.45 51.34 7.54
CA ILE D 426 3.53 51.07 6.45
C ILE D 426 2.12 51.22 6.96
N ALA D 427 1.88 50.85 8.22
CA ALA D 427 0.53 50.91 8.76
C ALA D 427 0.06 52.36 8.74
N ALA D 428 0.97 53.29 9.08
CA ALA D 428 0.65 54.71 9.05
C ALA D 428 0.32 55.16 7.63
N GLN D 429 1.12 54.70 6.66
CA GLN D 429 0.86 55.04 5.26
C GLN D 429 -0.50 54.53 4.81
N ILE D 430 -0.85 53.32 5.25
CA ILE D 430 -2.16 52.76 4.93
C ILE D 430 -3.27 53.55 5.60
N GLN D 431 -3.08 53.94 6.86
CA GLN D 431 -4.13 54.65 7.58
C GLN D 431 -4.36 56.03 6.95
N GLU D 432 -3.29 56.72 6.56
CA GLU D 432 -3.45 57.99 5.88
C GLU D 432 -4.11 57.80 4.52
N LEU D 433 -3.78 56.69 3.83
CA LEU D 433 -4.41 56.40 2.55
C LEU D 433 -5.91 56.20 2.71
N ALA D 434 -6.33 55.58 3.82
CA ALA D 434 -7.74 55.38 4.12
C ALA D 434 -8.43 56.71 4.43
P CMP E . -34.05 24.82 23.04
O1P CMP E . -33.74 26.07 23.83
O2P CMP E . -32.92 24.02 22.42
O5' CMP E . -34.82 23.80 24.00
C5' CMP E . -35.35 22.57 23.49
C4' CMP E . -35.79 22.82 22.08
O4' CMP E . -36.95 22.05 21.70
C3' CMP E . -36.24 24.23 21.84
O3' CMP E . -35.15 25.15 21.90
C2' CMP E . -36.98 24.11 20.52
O2' CMP E . -36.06 24.03 19.43
C1' CMP E . -37.65 22.73 20.68
N9 CMP E . -39.07 22.85 21.06
C8 CMP E . -39.54 23.26 22.25
N7 CMP E . -40.90 23.25 22.28
C5 CMP E . -41.32 22.82 21.08
C6 CMP E . -42.62 22.57 20.43
N6 CMP E . -43.79 22.78 21.10
N1 CMP E . -42.62 22.12 19.16
C2 CMP E . -41.48 21.90 18.49
N3 CMP E . -40.26 22.10 19.01
C4 CMP E . -40.11 22.55 20.28
C01 D21 F . -3.28 -25.01 -48.26
C02 D21 F . -3.85 -25.18 -46.84
C03 D21 F . -4.28 -23.87 -46.22
C04 D21 F . -5.26 -24.06 -45.05
C05 D21 F . -5.99 -22.77 -44.68
C06 D21 F . -6.92 -22.95 -43.47
C07 D21 F . -7.87 -21.76 -43.26
C08 D21 F . -7.42 -20.82 -42.13
C09 D21 F . -8.32 -20.93 -40.89
C10 D21 F . -8.79 -19.57 -40.39
C11 D21 F . -7.97 -19.07 -39.18
C12 D21 F . -8.86 -18.51 -38.04
C13 D21 F . -8.07 -17.58 -37.07
C14 D21 F . -8.69 -17.54 -35.65
C15 D21 F . -8.19 -16.33 -34.82
C16 D21 F . -8.88 -16.23 -33.44
C31 D21 G . -3.95 -14.19 -33.72
C33 D21 G . -3.30 -15.28 -34.61
C34 D21 G . -4.20 -15.72 -35.79
C35 D21 G . -3.42 -15.79 -37.12
C36 D21 G . -4.06 -16.76 -38.17
C37 D21 G . -3.01 -17.26 -39.18
C38 D21 G . -3.55 -18.33 -40.15
C39 D21 G . -2.44 -19.27 -40.61
C40 D21 G . -2.69 -19.75 -42.04
C41 D21 G . -2.31 -20.10 -43.26
C42 D21 G . -1.26 -20.33 -44.36
C43 D21 G . -1.87 -20.05 -45.75
C44 D21 G . -0.91 -20.44 -46.91
C45 D21 G . -1.62 -21.32 -47.99
C46 D21 G . -1.28 -20.86 -49.46
C31 D21 H . -7.57 -7.20 -39.02
C33 D21 H . -6.46 -8.28 -39.08
C34 D21 H . -6.64 -9.27 -40.27
C35 D21 H . -5.28 -9.76 -40.84
C36 D21 H . -5.45 -10.41 -42.25
C37 D21 H . -4.23 -11.27 -42.64
C38 D21 H . -4.62 -12.39 -43.64
C39 D21 H . -3.62 -13.55 -43.63
C40 D21 H . -4.37 -14.86 -43.84
C41 D21 H . -4.58 -16.05 -44.38
C42 D21 H . -4.26 -17.22 -45.32
C43 D21 H . -5.52 -17.61 -46.13
C44 D21 H . -5.34 -18.94 -46.92
C05 D21 I . 9.54 -12.84 -32.32
C06 D21 I . 9.73 -13.31 -33.79
C07 D21 I . 9.38 -12.21 -34.82
C08 D21 I . 8.66 -12.76 -36.05
C09 D21 I . 9.61 -13.58 -36.94
C10 D21 I . 9.20 -13.52 -38.42
C11 D21 I . 9.27 -14.90 -39.11
C12 D21 I . 10.61 -15.10 -39.85
C13 D21 I . 10.46 -16.02 -41.08
C14 D21 I . 11.80 -16.26 -41.79
C15 D21 I . 11.63 -17.09 -43.06
C16 D21 I . 12.88 -17.07 -43.95
O17 D21 I . 12.82 -16.65 -45.07
O18 D21 I . 14.10 -17.54 -43.44
C19 D21 I . 14.27 -18.93 -43.52
C20 D21 I . 15.07 -19.41 -42.31
C21 D21 I . 14.98 -20.94 -42.16
O22 D21 I . 14.18 -21.45 -43.22
O30 D21 I . 14.58 -18.79 -41.15
C31 D21 I . 15.50 -17.89 -40.55
O32 D21 I . 16.67 -18.08 -40.63
C33 D21 I . 14.96 -16.65 -39.73
C34 D21 I . 15.06 -16.85 -38.16
C35 D21 I . 13.64 -17.04 -37.49
C36 D21 I . 13.61 -16.56 -35.99
C37 D21 I . 14.59 -15.38 -35.72
C38 D21 I . 13.93 -13.99 -35.97
C39 D21 I . 14.03 -13.05 -34.74
C40 D21 I . 13.43 -11.68 -35.09
C41 D21 I . 13.35 -10.36 -35.01
C34 D21 J . 17.71 -25.16 -41.14
C35 D21 J . 18.05 -23.63 -41.28
C36 D21 J . 18.62 -23.04 -39.95
C37 D21 J . 19.06 -21.55 -40.10
C38 D21 J . 18.27 -20.61 -39.14
C39 D21 J . 19.20 -19.75 -38.24
C40 D21 J . 18.50 -19.51 -36.89
C41 D21 J . 18.29 -18.87 -35.75
C42 D21 J . 17.59 -18.64 -34.41
C43 D21 J . 18.64 -18.38 -33.32
C44 D21 J . 18.10 -17.57 -32.13
C45 D21 J . 17.04 -16.53 -32.54
C46 D21 J . 16.52 -15.71 -31.32
C47 D21 J . 15.38 -14.73 -31.72
C48 D21 J . 15.33 -13.49 -30.78
C15 D21 K . 2.70 -3.81 -23.81
C16 D21 K . 3.74 -3.89 -22.69
O17 D21 K . 4.68 -4.62 -22.82
O18 D21 K . 3.58 -3.12 -21.53
C19 D21 K . 4.16 -1.82 -21.61
C20 D21 K . 4.01 -1.13 -20.26
C21 D21 K . 3.38 0.26 -20.45
O22 D21 K . 3.38 0.95 -19.19
P23 D21 K . 4.10 2.45 -19.10
O24 D21 K . 3.48 3.23 -17.97
O25 D21 K . 3.90 3.18 -20.40
O26 D21 K . 5.59 2.28 -18.83
O30 D21 K . 5.27 -0.98 -19.67
C31 D21 K . 5.47 -1.79 -18.51
O32 D21 K . 4.75 -2.71 -18.31
C33 D21 K . 6.65 -1.46 -17.51
C34 D21 K . 7.09 -2.73 -16.66
C35 D21 K . 8.08 -3.67 -17.46
C36 D21 K . 8.89 -4.66 -16.56
C37 D21 K . 9.94 -5.45 -17.41
C38 D21 K . 10.52 -6.68 -16.66
C39 D21 K . 10.96 -7.80 -17.64
C40 D21 K . 11.52 -8.99 -16.87
C41 D21 K . 12.21 -10.12 -16.74
C42 D21 K . 13.06 -11.26 -17.24
C43 D21 K . 12.68 -12.54 -16.50
C44 D21 K . 13.54 -13.75 -16.89
C45 D21 K . 12.85 -15.05 -16.43
C46 D21 K . 13.82 -16.18 -16.03
C47 D21 K . 13.10 -17.20 -15.11
C48 D21 K . 14.06 -18.26 -14.53
C49 D21 K . 13.89 -18.42 -13.01
C14 D21 L . 25.76 -19.94 -36.99
C15 D21 L . 25.75 -21.22 -36.16
C16 D21 L . 24.33 -21.61 -35.73
O17 D21 L . 23.44 -21.62 -36.52
O18 D21 L . 24.07 -21.97 -34.39
C19 D21 L . 23.94 -23.36 -34.19
C20 D21 L . 25.24 -23.90 -33.58
C21 D21 L . 26.01 -24.72 -34.64
O22 D21 L . 25.07 -25.46 -35.41
O30 D21 L . 24.95 -24.70 -32.48
C31 D21 L . 26.08 -25.11 -31.72
O32 D21 L . 26.29 -26.28 -31.53
C33 D21 L . 27.07 -24.05 -31.13
C34 D21 L . 27.35 -24.28 -29.59
C35 D21 L . 27.12 -22.96 -28.72
C36 D21 L . 26.03 -23.16 -27.62
C37 D21 L . 25.90 -21.90 -26.70
C38 D21 L . 24.48 -21.29 -26.76
C39 D21 L . 23.94 -20.91 -25.35
C40 D21 L . 22.68 -20.03 -25.50
C41 D21 L . 21.97 -18.93 -25.29
C42 D21 L . 20.73 -18.05 -25.42
C43 D21 L . 20.71 -17.04 -24.26
C44 D21 L . 19.68 -15.92 -24.47
C15 D21 M . -15.49 -15.81 -9.69
C16 D21 M . -14.56 -14.82 -10.40
O17 D21 M . -14.16 -15.05 -11.49
O18 D21 M . -14.18 -13.64 -9.74
C19 D21 M . -15.07 -12.55 -9.94
C20 D21 M . -14.48 -11.29 -9.27
C21 D21 M . -15.55 -10.66 -8.35
O22 D21 M . -15.03 -9.43 -7.84
P23 D21 M . -15.90 -8.03 -8.08
O24 D21 M . -15.59 -7.03 -6.99
O25 D21 M . -17.39 -8.36 -8.03
O26 D21 M . -15.57 -7.43 -9.42
O30 D21 M . -14.10 -10.37 -10.24
C31 D21 M . -12.69 -10.18 -10.35
O32 D21 M . -11.95 -10.99 -9.87
C33 D21 M . -12.11 -8.93 -11.09
C34 D21 M . -10.64 -9.16 -11.63
C35 D21 M . -10.62 -9.93 -13.01
C36 D21 M . -9.27 -9.80 -13.79
C37 D21 M . -9.37 -10.46 -15.19
C38 D21 M . -7.99 -10.69 -15.87
C39 D21 M . -8.02 -11.91 -16.84
C40 D21 M . -6.64 -12.08 -17.48
C41 D21 M . -5.80 -12.56 -18.38
C42 D21 M . -5.41 -13.35 -19.63
C43 D21 M . -4.03 -13.96 -19.42
C44 D21 M . -3.52 -14.73 -20.65
C45 D21 M . -2.36 -15.65 -20.24
C46 D21 M . -1.30 -15.85 -21.34
C47 D21 M . 0.05 -16.30 -20.71
C48 D21 M . 1.21 -16.37 -21.74
C49 D21 M . 2.46 -15.64 -21.22
C14 D21 N . -14.57 -26.50 -38.87
C15 D21 N . -13.10 -26.92 -38.99
C16 D21 N . -12.54 -27.47 -37.66
O17 D21 N . -13.17 -28.28 -37.04
O18 D21 N . -11.31 -27.03 -37.18
C19 D21 N . -10.26 -27.95 -37.38
C20 D21 N . -9.41 -27.48 -38.58
C21 D21 N . -9.67 -28.41 -39.78
O22 D21 N . -9.80 -29.75 -39.31
O30 D21 N . -8.05 -27.51 -38.23
C31 D21 N . -7.19 -26.94 -39.21
O32 D21 N . -6.28 -27.57 -39.66
C33 D21 N . -7.40 -25.45 -39.68
C34 D21 N . -6.08 -24.60 -39.59
C35 D21 N . -6.28 -23.24 -38.81
C36 D21 N . -5.33 -23.13 -37.56
C37 D21 N . -5.44 -21.74 -36.86
C38 D21 N . -5.92 -21.87 -35.39
C39 D21 N . -5.10 -20.97 -34.42
C40 D21 N . -5.82 -20.90 -33.07
C41 D21 N . -6.38 -20.26 -32.04
C42 D21 N . -7.09 -20.17 -30.70
C43 D21 N . -6.85 -18.78 -30.10
C44 D21 N . -7.75 -18.48 -28.89
P CMP O . 0.65 18.52 44.41
O1P CMP O . 0.45 19.99 44.67
O2P CMP O . 0.72 18.01 42.98
O5' CMP O . 2.03 18.07 45.10
C5' CMP O . 2.41 16.70 45.12
C4' CMP O . 1.16 15.88 45.23
O4' CMP O . 1.35 14.66 46.00
C3' CMP O . 0.05 16.57 45.96
O3' CMP O . -0.47 17.67 45.22
C2' CMP O . -0.90 15.43 46.26
O2' CMP O . -1.64 15.07 45.10
C1' CMP O . 0.10 14.29 46.56
N9 CMP O . 0.28 14.06 48.01
C8 CMP O . 0.91 14.88 48.87
N7 CMP O . 0.90 14.38 50.12
C5 CMP O . 0.25 13.20 50.09
C6 CMP O . -0.12 12.15 51.06
N6 CMP O . 0.22 12.27 52.37
N1 CMP O . -0.80 11.08 50.61
C2 CMP O . -1.13 10.96 49.31
N3 CMP O . -0.84 11.87 48.37
C4 CMP O . -0.16 13.00 48.69
C01 D21 P . -20.77 -47.68 -16.20
C02 D21 P . -19.59 -47.18 -15.35
C03 D21 P . -19.99 -46.02 -14.43
C04 D21 P . -19.00 -45.85 -13.27
C05 D21 P . -19.57 -44.96 -12.15
C06 D21 P . -18.54 -44.73 -11.02
C07 D21 P . -19.20 -44.11 -9.76
C08 D21 P . -18.91 -42.61 -9.63
C09 D21 P . -17.92 -42.30 -8.50
C10 D21 P . -18.42 -41.20 -7.56
C11 D21 P . -17.81 -39.81 -7.88
C12 D21 P . -17.33 -39.07 -6.60
C13 D21 P . -17.16 -37.55 -6.83
C14 D21 P . -16.12 -36.92 -5.87
C15 D21 P . -16.26 -35.37 -5.79
C16 D21 P . -15.29 -34.74 -4.76
C31 D21 Q . -16.69 -31.60 -8.85
C33 D21 Q . -16.64 -32.67 -9.99
C34 D21 Q . -17.28 -34.02 -9.58
C35 D21 Q . -18.24 -34.56 -10.67
C36 D21 Q . -18.43 -36.10 -10.61
C37 D21 Q . -18.85 -36.67 -11.98
C38 D21 Q . -18.91 -38.21 -12.02
C39 D21 Q . -18.63 -38.74 -13.44
C40 D21 Q . -19.41 -40.02 -13.70
C41 D21 Q . -20.11 -40.84 -14.46
C42 D21 Q . -20.76 -41.26 -15.79
C43 D21 Q . -22.04 -42.12 -15.50
C44 D21 Q . -22.64 -42.73 -16.81
C45 D21 Q . -22.91 -44.26 -16.67
C46 D21 Q . -24.31 -44.66 -17.24
C31 D21 R . -25.34 -31.10 -4.99
C33 D21 R . -24.65 -31.49 -6.33
C34 D21 R . -24.93 -32.96 -6.74
C35 D21 R . -25.02 -33.15 -8.28
C36 D21 R . -25.68 -34.50 -8.67
C37 D21 R . -25.39 -34.90 -10.14
C38 D21 R . -25.44 -36.42 -10.34
C39 D21 R . -24.66 -36.88 -11.57
C40 D21 R . -23.99 -38.22 -11.29
C41 D21 R . -23.64 -39.47 -11.56
C42 D21 R . -23.60 -40.74 -12.42
C43 D21 R . -23.99 -41.97 -11.56
C44 D21 R . -23.73 -43.32 -12.30
C05 D21 S . -16.13 -24.76 -20.62
C06 D21 S . -16.93 -25.89 -21.31
C07 D21 S . -18.44 -25.83 -20.95
C08 D21 S . -19.05 -27.23 -20.76
C09 D21 S . -19.18 -27.99 -22.09
C10 D21 S . -20.36 -28.98 -22.09
C11 D21 S . -19.99 -30.34 -22.71
C12 D21 S . -20.39 -30.42 -24.19
C13 D21 S . -20.73 -31.85 -24.62
C14 D21 S . -21.09 -31.95 -26.11
C15 D21 S . -21.52 -33.35 -26.52
C16 D21 S . -22.18 -33.39 -27.91
O17 D21 S . -23.30 -33.78 -28.03
O18 D21 S . -21.46 -32.96 -29.02
C19 D21 S . -20.61 -33.96 -29.58
C20 D21 S . -19.36 -33.27 -30.14
C21 D21 S . -18.26 -34.31 -30.42
O22 D21 S . -18.75 -35.61 -30.09
O30 D21 S . -18.89 -32.34 -29.21
C31 D21 S . -18.98 -30.99 -29.66
O32 D21 S . -18.90 -30.74 -30.82
C33 D21 S . -19.18 -29.82 -28.62
C34 D21 S . -17.85 -29.00 -28.35
C35 D21 S . -17.25 -29.27 -26.91
C36 D21 S . -16.43 -28.06 -26.37
C37 D21 S . -16.94 -26.68 -26.87
C38 D21 S . -18.06 -26.09 -25.97
C39 D21 S . -17.71 -24.65 -25.47
C40 D21 S . -18.88 -24.10 -24.64
C41 D21 S . -19.68 -23.14 -24.19
C34 D21 T . -14.69 -35.71 -33.83
C35 D21 T . -15.76 -34.56 -33.77
C36 D21 T . -15.12 -33.14 -33.79
C37 D21 T . -16.19 -32.00 -33.84
C38 D21 T . -16.08 -31.06 -32.60
C39 D21 T . -15.93 -29.56 -32.99
C40 D21 T . -15.07 -28.86 -31.92
C41 D21 T . -14.62 -27.80 -31.26
C42 D21 T . -13.76 -27.12 -30.21
C43 D21 T . -13.06 -25.90 -30.82
C44 D21 T . -12.71 -24.81 -29.79
C45 D21 T . -13.71 -24.71 -28.63
C46 D21 T . -13.32 -23.60 -27.62
C47 D21 T . -14.29 -23.56 -26.39
C48 D21 T . -14.37 -22.14 -25.76
C15 D21 U . 2.39 -22.89 7.68
C16 D21 U . 1.24 -22.24 6.90
O17 D21 U . 0.56 -22.91 6.18
O18 D21 U . 0.98 -20.87 7.04
C19 D21 U . 0.11 -20.55 8.10
C20 D21 U . -0.18 -19.04 8.07
C21 D21 U . 0.09 -18.43 9.47
O22 D21 U . -0.31 -17.06 9.45
P23 D21 U . -1.41 -16.53 10.58
O24 D21 U . -1.22 -15.06 10.84
O25 D21 U . -1.20 -17.29 11.88
O26 D21 U . -2.82 -16.77 10.09
O30 D21 U . -1.50 -18.80 7.71
C31 D21 U . -1.66 -18.21 6.42
O32 D21 U . -0.76 -18.22 5.65
C33 D21 U . -3.02 -17.53 6.04
C34 D21 U . -3.24 -17.46 4.47
C35 D21 U . -3.80 -18.81 3.89
C36 D21 U . -4.45 -18.68 2.47
C37 D21 U . -5.09 -20.02 2.01
C38 D21 U . -5.43 -20.07 0.50
C39 D21 U . -5.38 -21.52 -0.06
C40 D21 U . -5.72 -21.51 -1.56
C41 D21 U . -6.08 -22.06 -2.70
C42 D21 U . -6.51 -23.22 -3.59
C43 D21 U . -5.92 -23.02 -4.98
C44 D21 U . -6.35 -24.10 -5.99
C45 D21 U . -5.41 -24.08 -7.20
C46 D21 U . -6.09 -24.48 -8.53
C47 D21 U . -5.29 -23.93 -9.74
C48 D21 U . -6.00 -24.15 -11.09
C49 D21 U . -6.05 -22.85 -11.93
C14 D21 V . -12.95 -47.41 -3.69
C15 D21 V . -12.74 -47.23 -5.19
C16 D21 V . -11.35 -46.65 -5.51
O17 D21 V . -10.38 -47.09 -4.99
O18 D21 V . -11.23 -45.58 -6.41
C19 D21 V . -10.76 -45.96 -7.70
C20 D21 V . -11.96 -46.01 -8.65
C21 D21 V . -12.29 -47.49 -8.99
O22 D21 V . -11.06 -48.21 -9.10
O30 D21 V . -11.64 -45.33 -9.84
C31 D21 V . -12.73 -45.16 -10.73
O32 D21 V . -12.64 -45.55 -11.86
C33 D21 V . -14.05 -44.47 -10.25
C34 D21 V . -14.51 -43.30 -11.23
C35 D21 V . -14.79 -41.94 -10.48
C36 D21 V . -13.89 -40.78 -11.00
C37 D21 V . -14.25 -39.41 -10.35
C38 D21 V . -13.06 -38.81 -9.54
C39 D21 V . -12.87 -37.29 -9.80
C40 D21 V . -11.90 -36.70 -8.76
C41 D21 V . -11.55 -35.86 -7.81
C42 D21 V . -10.60 -35.26 -6.78
C43 D21 V . -11.04 -33.82 -6.46
C44 D21 V . -10.33 -33.23 -5.23
P CMP W . 21.81 39.72 15.95
O1P CMP W . 21.05 40.85 16.60
O2P CMP W . 21.06 38.54 15.37
O5' CMP W . 22.67 40.32 14.74
C5' CMP W . 23.58 39.49 14.02
C4' CMP W . 24.16 38.50 14.98
O4' CMP W . 25.54 38.17 14.67
C3' CMP W . 24.24 39.02 16.38
O3' CMP W . 22.95 39.17 16.96
C2' CMP W . 25.19 38.03 17.04
O2' CMP W . 24.51 36.81 17.33
C1' CMP W . 26.18 37.76 15.88
N9 CMP W . 27.43 38.53 16.03
C8 CMP W . 27.57 39.86 15.89
N7 CMP W . 28.85 40.24 16.09
C5 CMP W . 29.57 39.13 16.36
C6 CMP W . 30.98 38.82 16.67
N6 CMP W . 31.92 39.80 16.74
N1 CMP W . 31.31 37.53 16.89
C2 CMP W . 30.38 36.55 16.84
N3 CMP W . 29.09 36.75 16.56
C4 CMP W . 28.62 38.01 16.32
C01 D21 X . 17.76 -51.41 2.09
C02 D21 X . 18.11 -50.12 1.34
C03 D21 X . 18.06 -48.89 2.26
C04 D21 X . 18.86 -47.71 1.70
C05 D21 X . 19.13 -46.64 2.76
C06 D21 X . 19.87 -45.41 2.17
C07 D21 X . 20.41 -44.47 3.26
C08 D21 X . 19.54 -43.21 3.44
C09 D21 X . 20.24 -41.94 2.90
C10 D21 X . 20.22 -40.80 3.91
C11 D21 X . 19.11 -39.77 3.63
C12 D21 X . 19.62 -38.31 3.72
C13 D21 X . 18.47 -37.29 3.93
C14 D21 X . 18.82 -35.88 3.38
C15 D21 X . 17.87 -34.78 3.94
C16 D21 X . 18.27 -33.36 3.48
C31 D21 Y . 13.09 -34.06 4.56
C33 D21 Y . 12.91 -35.47 3.93
C34 D21 Y . 14.09 -36.44 4.27
C35 D21 Y . 13.57 -37.83 4.73
C36 D21 Y . 14.61 -38.97 4.50
C37 D21 Y . 13.92 -40.34 4.38
C38 D21 Y . 14.88 -41.49 4.01
C39 D21 Y . 14.15 -42.59 3.23
C40 D21 Y . 14.76 -43.96 3.55
C41 D21 Y . 14.69 -45.26 3.77
C42 D21 Y . 13.94 -46.59 3.91
C43 D21 Y . 14.66 -47.51 4.94
C44 D21 Y . 14.05 -48.94 4.99
C45 D21 Y . 15.13 -50.06 4.87
C46 D21 Y . 14.93 -51.20 5.92
C31 D21 Z . 15.49 -34.67 13.72
C33 D21 Z . 14.73 -35.48 12.63
C34 D21 Z . 15.36 -36.88 12.38
C35 D21 Z . 14.31 -37.96 12.01
C36 D21 Z . 14.87 -39.40 12.15
C37 D21 Z . 14.02 -40.43 11.40
C38 D21 Z . 14.85 -41.67 10.98
C39 D21 Z . 14.21 -42.43 9.81
C40 D21 Z . 15.32 -42.97 8.91
C41 D21 Z . 15.92 -43.89 8.17
C42 D21 Z . 16.08 -45.29 7.56
C43 D21 Z . 17.52 -45.81 7.81
C44 D21 Z . 17.85 -47.10 7.02
C05 D21 AA . -0.30 -35.93 2.83
C06 D21 AA . -0.11 -37.44 3.10
C07 D21 AA . 0.09 -37.76 4.60
C08 D21 AA . 1.12 -38.87 4.84
C09 D21 AA . 0.59 -40.25 4.40
C10 D21 AA . 1.20 -41.39 5.23
C11 D21 AA . 1.61 -42.59 4.36
C12 D21 AA . 0.52 -43.68 4.32
C13 D21 AA . 1.11 -45.09 4.13
C14 D21 AA . 0.02 -46.16 4.04
C15 D21 AA . 0.62 -47.57 3.97
C16 D21 AA . -0.43 -48.67 4.21
O17 D21 AA . -0.31 -49.44 5.11
O18 D21 AA . -1.54 -48.76 3.36
C19 D21 AA . -1.30 -49.48 2.16
C20 D21 AA . -2.15 -48.85 1.04
C21 D21 AA . -1.66 -49.35 -0.34
O22 D21 AA . -0.59 -50.26 -0.14
O30 D21 AA . -2.03 -47.46 1.10
C31 D21 AA . -3.24 -46.79 1.43
O32 D21 AA . -4.29 -47.27 1.12
C33 D21 AA . -3.21 -45.42 2.20
C34 D21 AA . -3.50 -44.18 1.26
C35 D21 AA . -2.21 -43.29 1.01
C36 D21 AA . -2.55 -41.78 0.71
C37 D21 AA . -3.84 -41.31 1.43
C38 D21 AA . -3.56 -40.76 2.86
C39 D21 AA . -4.11 -39.32 3.06
C40 D21 AA . -3.86 -38.87 4.52
C41 D21 AA . -4.15 -38.21 5.62
C34 D21 BA . -3.26 -51.02 -4.91
C35 D21 BA . -3.99 -50.57 -3.59
C36 D21 BA . -4.91 -49.32 -3.80
C37 D21 BA . -5.70 -48.93 -2.52
C38 D21 BA . -5.37 -47.49 -2.03
C39 D21 BA . -6.63 -46.60 -1.89
C40 D21 BA . -6.24 -45.14 -2.20
C41 D21 BA . -6.41 -43.83 -2.17
C42 D21 BA . -6.02 -42.38 -2.50
C43 D21 BA . -7.26 -41.63 -2.97
C44 D21 BA . -7.17 -40.10 -2.75
C45 D21 BA . -6.37 -39.73 -1.49
C46 D21 BA . -6.31 -38.19 -1.27
C47 D21 BA . -5.43 -37.80 -0.06
C48 D21 BA . -5.86 -36.44 0.57
C15 D21 CA . 20.57 -10.91 -6.44
C16 D21 CA . 19.52 -11.35 -5.40
O17 D21 CA . 19.39 -12.50 -5.15
O18 D21 CA . 18.74 -10.38 -4.77
C19 D21 CA . 19.32 -9.85 -3.58
C20 D21 CA . 18.32 -8.89 -2.93
C21 D21 CA . 19.00 -7.54 -2.64
O22 D21 CA . 18.10 -6.72 -1.91
P23 D21 CA . 18.59 -6.08 -0.45
O24 D21 CA . 17.83 -4.81 -0.15
O25 D21 CA . 20.08 -5.78 -0.51
O26 D21 CA . 18.32 -7.08 0.67
O30 D21 CA . 17.86 -9.44 -1.73
C31 D21 CA . 16.49 -9.83 -1.75
O32 D21 CA . 15.94 -9.97 -2.79
C33 D21 CA . 15.72 -10.09 -0.40
C34 D21 CA . 14.47 -11.04 -0.59
C35 D21 CA . 14.89 -12.57 -0.59
C36 D21 CA . 13.70 -13.55 -0.32
C37 D21 CA . 14.21 -15.02 -0.22
C38 D21 CA . 13.08 -16.08 -0.32
C39 D21 CA . 13.58 -17.43 -0.88
C40 D21 CA . 12.43 -18.43 -0.96
C41 D21 CA . 11.90 -19.64 -1.08
C42 D21 CA . 11.96 -21.15 -1.23
C43 D21 CA . 10.79 -21.61 -2.08
C44 D21 CA . 10.71 -23.14 -2.24
C45 D21 CA . 9.78 -23.49 -3.41
C46 D21 CA . 9.01 -24.82 -3.24
C47 D21 CA . 7.76 -24.83 -4.15
C48 D21 CA . 6.85 -26.06 -3.90
C49 D21 CA . 5.37 -25.64 -3.73
C14 D21 DA . 27.34 -40.90 -1.83
C15 D21 DA . 26.08 -41.57 -2.38
C16 D21 DA . 25.49 -40.83 -3.58
O17 D21 DA . 26.21 -40.47 -4.46
O18 D21 DA . 24.11 -40.55 -3.64
C19 D21 DA . 23.40 -41.41 -4.51
C20 D21 DA . 22.67 -42.46 -3.67
C21 D21 DA . 23.36 -43.83 -3.85
O22 D21 DA . 23.78 -43.96 -5.21
O30 D21 DA . 21.34 -42.55 -4.09
C31 D21 DA . 20.51 -43.37 -3.27
O32 D21 DA . 19.91 -44.28 -3.75
C33 D21 DA . 20.39 -43.08 -1.72
C34 D21 DA . 18.89 -43.01 -1.25
C35 D21 DA . 18.58 -41.70 -0.42
C36 D21 DA . 17.44 -40.83 -1.07
C37 D21 DA . 17.06 -39.60 -0.19
C38 D21 DA . 17.32 -38.25 -0.93
C39 D21 DA . 16.14 -37.26 -0.76
C40 D21 DA . 16.57 -35.86 -1.23
C41 D21 DA . 16.77 -34.55 -1.07
C42 D21 DA . 17.20 -33.16 -1.52
C43 D21 DA . 16.49 -32.12 -0.65
C44 D21 DA . 17.07 -30.71 -0.82
P CMP EA . -12.88 46.04 -5.39
O1P CMP EA . -13.13 46.95 -4.21
O2P CMP EA . -12.58 44.57 -5.16
O5' CMP EA . -14.18 46.07 -6.34
C5' CMP EA . -14.18 45.40 -7.59
C4' CMP EA . -12.78 45.48 -8.15
O4' CMP EA . -12.76 45.57 -9.59
C3' CMP EA . -12.04 46.71 -7.72
O3' CMP EA . -11.73 46.68 -6.34
C2' CMP EA . -10.87 46.74 -8.70
O2' CMP EA . -9.88 45.79 -8.33
C1' CMP EA . -11.56 46.24 -9.99
N9 CMP EA . -11.90 47.34 -10.90
C8 CMP EA . -12.88 48.26 -10.71
N7 CMP EA . -12.93 49.14 -11.75
C5 CMP EA . -11.99 48.77 -12.63
C6 CMP EA . -11.52 49.27 -13.95
N6 CMP EA . -12.08 50.35 -14.53
N1 CMP EA . -10.50 48.60 -14.53
C2 CMP EA . -9.93 47.52 -13.97
N3 CMP EA . -10.32 47.02 -12.77
C4 CMP EA . -11.32 47.59 -12.07
C01 D21 FA . 35.29 -28.73 -29.95
C02 D21 FA . 33.90 -28.10 -30.11
C03 D21 FA . 33.81 -26.71 -29.50
C04 D21 FA . 32.63 -25.90 -30.07
C05 D21 FA . 32.75 -24.41 -29.75
C06 D21 FA . 31.53 -23.60 -30.25
C07 D21 FA . 31.77 -22.08 -30.22
C08 D21 FA . 31.07 -21.40 -29.03
C09 D21 FA . 29.86 -20.56 -29.47
C10 D21 FA . 29.89 -19.14 -28.88
C11 D21 FA . 28.98 -18.99 -27.64
C12 D21 FA . 28.13 -17.71 -27.70
C13 D21 FA . 27.58 -17.30 -26.30
C14 D21 FA . 26.27 -16.48 -26.38
C15 D21 FA . 25.97 -15.72 -25.06
C16 D21 FA . 24.71 -14.83 -25.18
C31 D21 GA . 25.85 -16.63 -20.28
C33 D21 GA . 26.28 -18.08 -20.66
C34 D21 GA . 27.19 -18.13 -21.92
C35 D21 GA . 28.43 -19.04 -21.70
C36 D21 GA . 29.02 -19.59 -23.03
C37 D21 GA . 29.79 -20.91 -22.80
C38 D21 GA . 30.28 -21.59 -24.09
C39 D21 GA . 30.38 -23.10 -23.92
C40 D21 GA . 31.51 -23.67 -24.77
C41 D21 GA . 32.52 -24.49 -24.99
C42 D21 GA . 33.47 -25.63 -24.62
C43 D21 GA . 34.86 -25.41 -25.28
C44 D21 GA . 35.81 -26.64 -25.08
C45 D21 GA . 36.46 -27.10 -26.42
C46 D21 GA . 38.00 -27.38 -26.27
C31 D21 HA . 33.29 -10.75 -20.27
C33 D21 HA . 32.97 -12.26 -20.07
C34 D21 HA . 33.70 -13.15 -21.10
C35 D21 HA . 34.08 -14.54 -20.51
C36 D21 HA . 35.14 -15.28 -21.39
C37 D21 HA . 35.20 -16.79 -21.08
C38 D21 HA . 35.70 -17.60 -22.29
C39 D21 HA . 35.29 -19.08 -22.21
C40 D21 HA . 34.97 -19.58 -23.62
C41 D21 HA . 35.03 -20.44 -24.63
C42 D21 HA . 35.47 -21.75 -25.31
C43 D21 HA . 36.04 -21.42 -26.72
C44 D21 HA . 36.27 -22.70 -27.57
C05 D21 IA . 25.39 -24.01 -8.82
C06 D21 IA . 26.58 -24.87 -9.34
C07 D21 IA . 27.93 -24.13 -9.22
C08 D21 IA . 28.85 -24.39 -10.42
C09 D21 IA . 29.40 -25.83 -10.41
C10 D21 IA . 30.79 -25.93 -11.07
C11 D21 IA . 30.91 -27.15 -12.00
C12 D21 IA . 31.55 -28.36 -11.31
C13 D21 IA . 32.34 -29.24 -12.28
C14 D21 IA . 32.94 -30.47 -11.58
C15 D21 IA . 33.81 -31.30 -12.53
C16 D21 IA . 34.66 -32.34 -11.80
O17 D21 IA . 35.85 -32.31 -11.89
O18 D21 IA . 34.04 -33.32 -11.01
C19 D21 IA . 33.60 -34.46 -11.74
C20 D21 IA . 32.32 -34.98 -11.09
C21 D21 IA . 31.60 -35.98 -12.02
O22 D21 IA . 32.38 -36.11 -13.23
O30 D21 IA . 31.47 -33.91 -10.80
C31 D21 IA . 31.26 -33.69 -9.41
O32 D21 IA . 31.31 -34.61 -8.65
C33 D21 IA . 30.96 -32.25 -8.87
C34 D21 IA . 29.43 -32.02 -8.51
C35 D21 IA . 28.71 -31.05 -9.52
C36 D21 IA . 27.50 -30.29 -8.88
C37 D21 IA . 27.71 -30.01 -7.36
C38 D21 IA . 28.45 -28.66 -7.11
C39 D21 IA . 27.66 -27.72 -6.15
C40 D21 IA . 28.48 -26.45 -5.89
C41 D21 IA . 28.90 -25.43 -5.15
C34 D21 JA . 29.15 -40.47 -12.19
C35 D21 JA . 29.85 -39.65 -11.05
C36 D21 JA . 28.85 -39.22 -9.92
C37 D21 JA . 29.57 -38.48 -8.73
C38 D21 JA . 29.01 -37.05 -8.54
C39 D21 JA . 28.52 -36.78 -7.09
C40 D21 JA . 27.34 -35.79 -7.13
C41 D21 JA . 26.52 -34.90 -6.61
C42 D21 JA . 25.35 -33.91 -6.67
C43 D21 JA . 24.46 -34.13 -5.44
C44 D21 JA . 23.65 -32.87 -5.05
C45 D21 JA . 24.39 -31.55 -5.35
C46 D21 JA . 23.55 -30.30 -4.94
C47 D21 JA . 24.26 -28.97 -5.33
C48 D21 JA . 23.85 -27.80 -4.40
#